data_8CS6
# 
_entry.id   8CS6 
# 
_audit_conform.dict_name       mmcif_pdbx.dic 
_audit_conform.dict_version    5.380 
_audit_conform.dict_location   http://mmcif.pdb.org/dictionaries/ascii/mmcif_pdbx.dic 
# 
loop_
_database_2.database_id 
_database_2.database_code 
_database_2.pdbx_database_accession 
_database_2.pdbx_DOI 
PDB   8CS6         pdb_00008cs6 10.2210/pdb8cs6/pdb 
WWPDB D_1000265366 ?            ?                   
# 
_pdbx_database_related.db_name        PDB 
_pdbx_database_related.details        'Different sticky ends' 
_pdbx_database_related.db_id          7R96 
_pdbx_database_related.content_type   unspecified 
# 
_pdbx_database_status.status_code                     REL 
_pdbx_database_status.status_code_sf                  REL 
_pdbx_database_status.status_code_mr                  ? 
_pdbx_database_status.entry_id                        8CS6 
_pdbx_database_status.recvd_initial_deposition_date   2022-05-12 
_pdbx_database_status.SG_entry                        N 
_pdbx_database_status.deposit_site                    RCSB 
_pdbx_database_status.process_site                    RCSB 
_pdbx_database_status.status_code_cs                  ? 
_pdbx_database_status.status_code_nmr_data            ? 
_pdbx_database_status.methods_development_category    ? 
_pdbx_database_status.pdb_format_compatible           Y 
# 
loop_
_audit_author.name 
_audit_author.pdbx_ordinal 
_audit_author.identifier_ORCID 
'Lu, B.'        1 0000-0001-6424-2197 
'Vecchioni, S.' 2 0000-0001-8243-650X 
'Ohayon, Y.P.'  3 0000-0001-7500-4282 
'Seeman, N.C.'  4 0000-0002-9680-4649 
'Mao, C.'       5 0000-0001-7516-8666 
'Sha, R.'       6 0000-0002-0807-734X 
# 
_citation.abstract                  ? 
_citation.abstract_id_CAS           ? 
_citation.book_id_ISBN              ? 
_citation.book_publisher            ? 
_citation.book_publisher_city       ? 
_citation.book_title                ? 
_citation.coordinate_linkage        ? 
_citation.country                   GE 
_citation.database_id_Medline       ? 
_citation.details                   ? 
_citation.id                        primary 
_citation.journal_abbrev            Angew.Chem.Int.Ed.Engl. 
_citation.journal_id_ASTM           ACIEAY 
_citation.journal_id_CSD            0179 
_citation.journal_id_ISSN           1521-3773 
_citation.journal_full              ? 
_citation.journal_issue             ? 
_citation.journal_volume            62 
_citation.language                  ? 
_citation.page_first                e202213451 
_citation.page_last                 e202213451 
_citation.title                     'Programmable 3D Hexagonal Geometry of DNA Tensegrity Triangles.' 
_citation.year                      2023 
_citation.database_id_CSD           ? 
_citation.pdbx_database_id_DOI      10.1002/anie.202213451 
_citation.pdbx_database_id_PubMed   36520622 
_citation.pdbx_database_id_patent   ? 
_citation.unpublished_flag          ? 
# 
loop_
_citation_author.citation_id 
_citation_author.name 
_citation_author.ordinal 
_citation_author.identifier_ORCID 
primary 'Lu, B.'        1 ?                   
primary 'Woloszyn, K.'  2 ?                   
primary 'Ohayon, Y.P.'  3 ?                   
primary 'Yang, B.'      4 ?                   
primary 'Zhang, C.'     5 ?                   
primary 'Mao, C.'       6 ?                   
primary 'Seeman, N.C.'  7 ?                   
primary 'Vecchioni, S.' 8 ?                   
primary 'Sha, R.'       9 0000-0002-0807-734X 
# 
_cell.angle_alpha                  90.000 
_cell.angle_alpha_esd              ? 
_cell.angle_beta                   90.000 
_cell.angle_beta_esd               ? 
_cell.angle_gamma                  120.000 
_cell.angle_gamma_esd              ? 
_cell.entry_id                     8CS6 
_cell.details                      ? 
_cell.formula_units_Z              ? 
_cell.length_a                     121.257 
_cell.length_a_esd                 ? 
_cell.length_b                     121.257 
_cell.length_b_esd                 ? 
_cell.length_c                     59.285 
_cell.length_c_esd                 ? 
_cell.volume                       754899.425 
_cell.volume_esd                   ? 
_cell.Z_PDB                        6 
_cell.reciprocal_angle_alpha       ? 
_cell.reciprocal_angle_beta        ? 
_cell.reciprocal_angle_gamma       ? 
_cell.reciprocal_angle_alpha_esd   ? 
_cell.reciprocal_angle_beta_esd    ? 
_cell.reciprocal_angle_gamma_esd   ? 
_cell.reciprocal_length_a          ? 
_cell.reciprocal_length_b          ? 
_cell.reciprocal_length_c          ? 
_cell.reciprocal_length_a_esd      ? 
_cell.reciprocal_length_b_esd      ? 
_cell.reciprocal_length_c_esd      ? 
_cell.pdbx_unique_axis             ? 
_cell.pdbx_esd_method              ? 
# 
_symmetry.entry_id                         8CS6 
_symmetry.cell_setting                     ? 
_symmetry.Int_Tables_number                173 
_symmetry.space_group_name_Hall            'P 6c' 
_symmetry.space_group_name_H-M             'P 63' 
_symmetry.pdbx_full_space_group_name_H-M   ? 
# 
loop_
_entity.id 
_entity.type 
_entity.src_method 
_entity.pdbx_description 
_entity.formula_weight 
_entity.pdbx_number_of_molecules 
_entity.pdbx_ec 
_entity.pdbx_mutation 
_entity.pdbx_fragment 
_entity.details 
1 polymer syn 
;DNA (5'-D(*AP*GP*GP*CP*AP*GP*CP*CP*TP*GP*TP*AP*CP*GP*GP*AP*CP*AP*TP*CP*A)-3')
;
6457.188 1 ? ? ? ? 
2 polymer syn 
;DNA (5'-D(P*CP*CP*GP*TP*AP*CP*A)-3')
;
2082.400 1 ? ? ? ? 
3 polymer syn 
;DNA (5'-D(P*GP*GP*CP*TP*G)-3')
;
1536.035 1 ? ? ? ? 
4 polymer syn 
;DNA (5'-D(*CP*TP*CP*TP*GP*AP*TP*GP*T)-3')
;
2721.796 1 ? ? ? ? 
# 
loop_
_entity_poly.entity_id 
_entity_poly.type 
_entity_poly.nstd_linkage 
_entity_poly.nstd_monomer 
_entity_poly.pdbx_seq_one_letter_code 
_entity_poly.pdbx_seq_one_letter_code_can 
_entity_poly.pdbx_strand_id 
_entity_poly.pdbx_target_identifier 
1 polydeoxyribonucleotide no no 
;(DA)(DG)(DG)(DC)(DA)(DG)(DC)(DC)(DT)(DG)(DT)(DA)(DC)(DG)(DG)(DA)(DC)(DA)(DT)(DC)
(DA)
;
AGGCAGCCTGTACGGACATCA A ? 
2 polydeoxyribonucleotide no no '(DC)(DC)(DG)(DT)(DA)(DC)(DA)'                                                          CCGTACA B 
? 
3 polydeoxyribonucleotide no no '(DG)(DG)(DC)(DT)(DG)'                                                                  GGCTG C ? 
4 polydeoxyribonucleotide no no '(DC)(DT)(DC)(DT)(DG)(DA)(DT)(DG)(DT)'                                                  CTCTGATGT 
D ? 
# 
loop_
_entity_poly_seq.entity_id 
_entity_poly_seq.num 
_entity_poly_seq.mon_id 
_entity_poly_seq.hetero 
1 1  DA n 
1 2  DG n 
1 3  DG n 
1 4  DC n 
1 5  DA n 
1 6  DG n 
1 7  DC n 
1 8  DC n 
1 9  DT n 
1 10 DG n 
1 11 DT n 
1 12 DA n 
1 13 DC n 
1 14 DG n 
1 15 DG n 
1 16 DA n 
1 17 DC n 
1 18 DA n 
1 19 DT n 
1 20 DC n 
1 21 DA n 
2 1  DC n 
2 2  DC n 
2 3  DG n 
2 4  DT n 
2 5  DA n 
2 6  DC n 
2 7  DA n 
3 1  DG n 
3 2  DG n 
3 3  DC n 
3 4  DT n 
3 5  DG n 
4 1  DC n 
4 2  DT n 
4 3  DC n 
4 4  DT n 
4 5  DG n 
4 6  DA n 
4 7  DT n 
4 8  DG n 
4 9  DT n 
# 
loop_
_pdbx_entity_src_syn.entity_id 
_pdbx_entity_src_syn.pdbx_src_id 
_pdbx_entity_src_syn.pdbx_alt_source_flag 
_pdbx_entity_src_syn.pdbx_beg_seq_num 
_pdbx_entity_src_syn.pdbx_end_seq_num 
_pdbx_entity_src_syn.organism_scientific 
_pdbx_entity_src_syn.organism_common_name 
_pdbx_entity_src_syn.ncbi_taxonomy_id 
_pdbx_entity_src_syn.details 
1 1 sample 1 21 'synthetic construct' ? 32630 ? 
2 1 sample 1 7  'synthetic construct' ? 32630 ? 
3 1 sample 1 5  'synthetic construct' ? 32630 ? 
4 1 sample 1 9  'synthetic construct' ? 32630 ? 
# 
loop_
_struct_ref.id 
_struct_ref.db_name 
_struct_ref.db_code 
_struct_ref.pdbx_db_accession 
_struct_ref.pdbx_db_isoform 
_struct_ref.entity_id 
_struct_ref.pdbx_seq_one_letter_code 
_struct_ref.pdbx_align_begin 
1 PDB 8CS6 8CS6 ? 1 ? 1 
2 PDB 8CS6 8CS6 ? 2 ? 1 
3 PDB 8CS6 8CS6 ? 3 ? 1 
4 PDB 8CS6 8CS6 ? 4 ? 1 
# 
loop_
_struct_ref_seq.align_id 
_struct_ref_seq.ref_id 
_struct_ref_seq.pdbx_PDB_id_code 
_struct_ref_seq.pdbx_strand_id 
_struct_ref_seq.seq_align_beg 
_struct_ref_seq.pdbx_seq_align_beg_ins_code 
_struct_ref_seq.seq_align_end 
_struct_ref_seq.pdbx_seq_align_end_ins_code 
_struct_ref_seq.pdbx_db_accession 
_struct_ref_seq.db_align_beg 
_struct_ref_seq.pdbx_db_align_beg_ins_code 
_struct_ref_seq.db_align_end 
_struct_ref_seq.pdbx_db_align_end_ins_code 
_struct_ref_seq.pdbx_auth_seq_align_beg 
_struct_ref_seq.pdbx_auth_seq_align_end 
1 1 8CS6 A 1 ? 21 ? 8CS6 101 ? 121 ? 101 121 
2 2 8CS6 B 1 ? 7  ? 8CS6 119 ? 125 ? 119 125 
3 3 8CS6 C 1 ? 5  ? 8CS6 209 ? 213 ? 209 213 
4 4 8CS6 D 1 ? 9  ? 8CS6 200 ? 208 ? 200 208 
# 
loop_
_chem_comp.id 
_chem_comp.type 
_chem_comp.mon_nstd_flag 
_chem_comp.name 
_chem_comp.pdbx_synonyms 
_chem_comp.formula 
_chem_comp.formula_weight 
DA 'DNA linking' y "2'-DEOXYADENOSINE-5'-MONOPHOSPHATE" ? 'C10 H14 N5 O6 P' 331.222 
DC 'DNA linking' y "2'-DEOXYCYTIDINE-5'-MONOPHOSPHATE"  ? 'C9 H14 N3 O7 P'  307.197 
DG 'DNA linking' y "2'-DEOXYGUANOSINE-5'-MONOPHOSPHATE" ? 'C10 H14 N5 O7 P' 347.221 
DT 'DNA linking' y "THYMIDINE-5'-MONOPHOSPHATE"         ? 'C10 H15 N2 O8 P' 322.208 
# 
_exptl.absorpt_coefficient_mu     ? 
_exptl.absorpt_correction_T_max   ? 
_exptl.absorpt_correction_T_min   ? 
_exptl.absorpt_correction_type    ? 
_exptl.absorpt_process_details    ? 
_exptl.entry_id                   8CS6 
_exptl.crystals_number            1 
_exptl.details                    ? 
_exptl.method                     'X-RAY DIFFRACTION' 
_exptl.method_details             ? 
# 
_exptl_crystal.colour                       ? 
_exptl_crystal.density_diffrn               ? 
_exptl_crystal.density_Matthews             9.83 
_exptl_crystal.density_method               ? 
_exptl_crystal.density_percent_sol          87.49 
_exptl_crystal.description                  ? 
_exptl_crystal.F_000                        ? 
_exptl_crystal.id                           1 
_exptl_crystal.preparation                  ? 
_exptl_crystal.size_max                     ? 
_exptl_crystal.size_mid                     ? 
_exptl_crystal.size_min                     ? 
_exptl_crystal.size_rad                     ? 
_exptl_crystal.colour_lustre                ? 
_exptl_crystal.colour_modifier              ? 
_exptl_crystal.colour_primary               ? 
_exptl_crystal.density_meas                 ? 
_exptl_crystal.density_meas_esd             ? 
_exptl_crystal.density_meas_gt              ? 
_exptl_crystal.density_meas_lt              ? 
_exptl_crystal.density_meas_temp            ? 
_exptl_crystal.density_meas_temp_esd        ? 
_exptl_crystal.density_meas_temp_gt         ? 
_exptl_crystal.density_meas_temp_lt         ? 
_exptl_crystal.pdbx_crystal_image_url       ? 
_exptl_crystal.pdbx_crystal_image_format    ? 
_exptl_crystal.pdbx_mosaicity               ? 
_exptl_crystal.pdbx_mosaicity_esd           ? 
_exptl_crystal.pdbx_mosaic_method           ? 
_exptl_crystal.pdbx_mosaic_block_size       ? 
_exptl_crystal.pdbx_mosaic_block_size_esd   ? 
# 
_exptl_crystal_grow.apparatus       ? 
_exptl_crystal_grow.atmosphere      ? 
_exptl_crystal_grow.crystal_id      1 
_exptl_crystal_grow.details         ? 
_exptl_crystal_grow.method          'VAPOR DIFFUSION, HANGING DROP' 
_exptl_crystal_grow.method_ref      ? 
_exptl_crystal_grow.pH              9.5 
_exptl_crystal_grow.pressure        ? 
_exptl_crystal_grow.pressure_esd    ? 
_exptl_crystal_grow.seeding         ? 
_exptl_crystal_grow.seeding_ref     ? 
_exptl_crystal_grow.temp            293 
_exptl_crystal_grow.temp_details    '338-293 at 0.4/hr' 
_exptl_crystal_grow.temp_esd        ? 
_exptl_crystal_grow.time            ? 
_exptl_crystal_grow.pdbx_details    '1.75 M ammonium sulfate, 120 mM Tris, 120 mM Acetic Acid, 6 mM EDTA' 
_exptl_crystal_grow.pdbx_pH_range   ? 
# 
_diffrn.ambient_environment              ? 
_diffrn.ambient_temp                     100 
_diffrn.ambient_temp_details             ? 
_diffrn.ambient_temp_esd                 ? 
_diffrn.crystal_id                       1 
_diffrn.crystal_support                  ? 
_diffrn.crystal_treatment                ? 
_diffrn.details                          ? 
_diffrn.id                               1 
_diffrn.ambient_pressure                 ? 
_diffrn.ambient_pressure_esd             ? 
_diffrn.ambient_pressure_gt              ? 
_diffrn.ambient_pressure_lt              ? 
_diffrn.ambient_temp_gt                  ? 
_diffrn.ambient_temp_lt                  ? 
_diffrn.pdbx_serial_crystal_experiment   N 
# 
_diffrn_detector.details                      ? 
_diffrn_detector.detector                     PIXEL 
_diffrn_detector.diffrn_id                    1 
_diffrn_detector.type                         'DECTRIS EIGER2 X 9M' 
_diffrn_detector.area_resol_mean              ? 
_diffrn_detector.dtime                        ? 
_diffrn_detector.pdbx_frames_total            ? 
_diffrn_detector.pdbx_collection_time_total   ? 
_diffrn_detector.pdbx_collection_date         2021-02-21 
_diffrn_detector.pdbx_frequency               ? 
# 
_diffrn_radiation.collimation                      ? 
_diffrn_radiation.diffrn_id                        1 
_diffrn_radiation.filter_edge                      ? 
_diffrn_radiation.inhomogeneity                    ? 
_diffrn_radiation.monochromator                    ? 
_diffrn_radiation.polarisn_norm                    ? 
_diffrn_radiation.polarisn_ratio                   ? 
_diffrn_radiation.probe                            ? 
_diffrn_radiation.type                             ? 
_diffrn_radiation.xray_symbol                      ? 
_diffrn_radiation.wavelength_id                    1 
_diffrn_radiation.pdbx_monochromatic_or_laue_m_l   M 
_diffrn_radiation.pdbx_wavelength_list             ? 
_diffrn_radiation.pdbx_wavelength                  ? 
_diffrn_radiation.pdbx_diffrn_protocol             'SINGLE WAVELENGTH' 
_diffrn_radiation.pdbx_analyzer                    ? 
_diffrn_radiation.pdbx_scattering_type             x-ray 
# 
_diffrn_radiation_wavelength.id           1 
_diffrn_radiation_wavelength.wavelength   1.00743 
_diffrn_radiation_wavelength.wt           1.0 
# 
_diffrn_source.current                     ? 
_diffrn_source.details                     ? 
_diffrn_source.diffrn_id                   1 
_diffrn_source.power                       ? 
_diffrn_source.size                        ? 
_diffrn_source.source                      SYNCHROTRON 
_diffrn_source.target                      ? 
_diffrn_source.type                        'APS BEAMLINE 17-ID' 
_diffrn_source.voltage                     ? 
_diffrn_source.take-off_angle              ? 
_diffrn_source.pdbx_wavelength_list        1.00743 
_diffrn_source.pdbx_wavelength             ? 
_diffrn_source.pdbx_synchrotron_beamline   17-ID 
_diffrn_source.pdbx_synchrotron_site       APS 
# 
_reflns.B_iso_Wilson_estimate                          336.93 
_reflns.entry_id                                       8CS6 
_reflns.data_reduction_details                         ? 
_reflns.data_reduction_method                          ? 
_reflns.d_resolution_high                              6.76 
_reflns.d_resolution_low                               60.63 
_reflns.details                                        ? 
_reflns.limit_h_max                                    ? 
_reflns.limit_h_min                                    ? 
_reflns.limit_k_max                                    ? 
_reflns.limit_k_min                                    ? 
_reflns.limit_l_max                                    ? 
_reflns.limit_l_min                                    ? 
_reflns.number_all                                     ? 
_reflns.number_obs                                     780 
_reflns.observed_criterion                             ? 
_reflns.observed_criterion_F_max                       ? 
_reflns.observed_criterion_F_min                       ? 
_reflns.observed_criterion_I_max                       ? 
_reflns.observed_criterion_I_min                       ? 
_reflns.observed_criterion_sigma_F                     ? 
_reflns.observed_criterion_sigma_I                     ? 
_reflns.percent_possible_obs                           88.8 
_reflns.R_free_details                                 ? 
_reflns.Rmerge_F_all                                   ? 
_reflns.Rmerge_F_obs                                   ? 
_reflns.Friedel_coverage                               ? 
_reflns.number_gt                                      ? 
_reflns.threshold_expression                           ? 
_reflns.pdbx_redundancy                                19.6 
_reflns.pdbx_Rmerge_I_obs                              ? 
_reflns.pdbx_Rmerge_I_all                              ? 
_reflns.pdbx_Rsym_value                                ? 
_reflns.pdbx_netI_over_av_sigmaI                       ? 
_reflns.pdbx_netI_over_sigmaI                          11.2 
_reflns.pdbx_res_netI_over_av_sigmaI_2                 ? 
_reflns.pdbx_res_netI_over_sigmaI_2                    ? 
_reflns.pdbx_chi_squared                               ? 
_reflns.pdbx_scaling_rejects                           ? 
_reflns.pdbx_d_res_high_opt                            ? 
_reflns.pdbx_d_res_low_opt                             ? 
_reflns.pdbx_d_res_opt_method                          ? 
_reflns.phase_calculation_details                      ? 
_reflns.pdbx_Rrim_I_all                                ? 
_reflns.pdbx_Rpim_I_all                                ? 
_reflns.pdbx_d_opt                                     ? 
_reflns.pdbx_number_measured_all                       ? 
_reflns.pdbx_diffrn_id                                 1 
_reflns.pdbx_ordinal                                   1 
_reflns.pdbx_CC_half                                   0.999 
_reflns.pdbx_CC_star                                   ? 
_reflns.pdbx_R_split                                   ? 
_reflns.pdbx_aniso_diffraction_limit_axis_1_ortho[1]   ? 
_reflns.pdbx_aniso_diffraction_limit_axis_1_ortho[2]   ? 
_reflns.pdbx_aniso_diffraction_limit_axis_1_ortho[3]   ? 
_reflns.pdbx_aniso_diffraction_limit_axis_2_ortho[1]   ? 
_reflns.pdbx_aniso_diffraction_limit_axis_2_ortho[2]   ? 
_reflns.pdbx_aniso_diffraction_limit_axis_2_ortho[3]   ? 
_reflns.pdbx_aniso_diffraction_limit_axis_3_ortho[1]   ? 
_reflns.pdbx_aniso_diffraction_limit_axis_3_ortho[2]   ? 
_reflns.pdbx_aniso_diffraction_limit_axis_3_ortho[3]   ? 
_reflns.pdbx_aniso_diffraction_limit_1                 ? 
_reflns.pdbx_aniso_diffraction_limit_2                 ? 
_reflns.pdbx_aniso_diffraction_limit_3                 ? 
_reflns.pdbx_aniso_B_tensor_eigenvector_1_ortho[1]     ? 
_reflns.pdbx_aniso_B_tensor_eigenvector_1_ortho[2]     ? 
_reflns.pdbx_aniso_B_tensor_eigenvector_1_ortho[3]     ? 
_reflns.pdbx_aniso_B_tensor_eigenvector_2_ortho[1]     ? 
_reflns.pdbx_aniso_B_tensor_eigenvector_2_ortho[2]     ? 
_reflns.pdbx_aniso_B_tensor_eigenvector_2_ortho[3]     ? 
_reflns.pdbx_aniso_B_tensor_eigenvector_3_ortho[1]     ? 
_reflns.pdbx_aniso_B_tensor_eigenvector_3_ortho[2]     ? 
_reflns.pdbx_aniso_B_tensor_eigenvector_3_ortho[3]     ? 
_reflns.pdbx_aniso_B_tensor_eigenvalue_1               ? 
_reflns.pdbx_aniso_B_tensor_eigenvalue_2               ? 
_reflns.pdbx_aniso_B_tensor_eigenvalue_3               ? 
_reflns.pdbx_orthogonalization_convention              ? 
_reflns.pdbx_percent_possible_ellipsoidal              ? 
_reflns.pdbx_percent_possible_spherical                ? 
_reflns.pdbx_percent_possible_ellipsoidal_anomalous    ? 
_reflns.pdbx_percent_possible_spherical_anomalous      ? 
_reflns.pdbx_redundancy_anomalous                      ? 
_reflns.pdbx_CC_half_anomalous                         ? 
_reflns.pdbx_absDiff_over_sigma_anomalous              ? 
_reflns.pdbx_percent_possible_anomalous                ? 
_reflns.pdbx_observed_signal_threshold                 ? 
_reflns.pdbx_signal_type                               ? 
_reflns.pdbx_signal_details                            ? 
_reflns.pdbx_signal_software_id                        ? 
_reflns.pdbx_CC_split_method                           ? 
# 
_reflns_shell.d_res_high                                    6.76 
_reflns_shell.d_res_low                                     7.93 
_reflns_shell.meanI_over_sigI_all                           ? 
_reflns_shell.meanI_over_sigI_obs                           ? 
_reflns_shell.number_measured_all                           ? 
_reflns_shell.number_measured_obs                           ? 
_reflns_shell.number_possible                               ? 
_reflns_shell.number_unique_all                             ? 
_reflns_shell.number_unique_obs                             194 
_reflns_shell.percent_possible_all                          ? 
_reflns_shell.percent_possible_obs                          ? 
_reflns_shell.Rmerge_F_all                                  ? 
_reflns_shell.Rmerge_F_obs                                  ? 
_reflns_shell.Rmerge_I_all                                  ? 
_reflns_shell.Rmerge_I_obs                                  ? 
_reflns_shell.meanI_over_sigI_gt                            ? 
_reflns_shell.meanI_over_uI_all                             ? 
_reflns_shell.meanI_over_uI_gt                              ? 
_reflns_shell.number_measured_gt                            ? 
_reflns_shell.number_unique_gt                              ? 
_reflns_shell.percent_possible_gt                           ? 
_reflns_shell.Rmerge_F_gt                                   ? 
_reflns_shell.Rmerge_I_gt                                   ? 
_reflns_shell.pdbx_redundancy                               ? 
_reflns_shell.pdbx_Rsym_value                               ? 
_reflns_shell.pdbx_chi_squared                              ? 
_reflns_shell.pdbx_netI_over_sigmaI_all                     ? 
_reflns_shell.pdbx_netI_over_sigmaI_obs                     ? 
_reflns_shell.pdbx_Rrim_I_all                               ? 
_reflns_shell.pdbx_Rpim_I_all                               ? 
_reflns_shell.pdbx_rejects                                  ? 
_reflns_shell.pdbx_ordinal                                  1 
_reflns_shell.pdbx_diffrn_id                                1 
_reflns_shell.pdbx_CC_half                                  0.474 
_reflns_shell.pdbx_CC_star                                  ? 
_reflns_shell.pdbx_R_split                                  ? 
_reflns_shell.pdbx_percent_possible_ellipsoidal             ? 
_reflns_shell.pdbx_percent_possible_spherical               ? 
_reflns_shell.pdbx_percent_possible_ellipsoidal_anomalous   ? 
_reflns_shell.pdbx_percent_possible_spherical_anomalous     ? 
_reflns_shell.pdbx_redundancy_anomalous                     ? 
_reflns_shell.pdbx_CC_half_anomalous                        ? 
_reflns_shell.pdbx_absDiff_over_sigma_anomalous             ? 
_reflns_shell.pdbx_percent_possible_anomalous               ? 
# 
_refine.aniso_B[1][1]                            ? 
_refine.aniso_B[1][2]                            ? 
_refine.aniso_B[1][3]                            ? 
_refine.aniso_B[2][2]                            ? 
_refine.aniso_B[2][3]                            ? 
_refine.aniso_B[3][3]                            ? 
_refine.B_iso_max                                ? 
_refine.B_iso_mean                               459.50 
_refine.B_iso_min                                ? 
_refine.correlation_coeff_Fo_to_Fc               ? 
_refine.correlation_coeff_Fo_to_Fc_free          ? 
_refine.details                                  ? 
_refine.diff_density_max                         ? 
_refine.diff_density_max_esd                     ? 
_refine.diff_density_min                         ? 
_refine.diff_density_min_esd                     ? 
_refine.diff_density_rms                         ? 
_refine.diff_density_rms_esd                     ? 
_refine.entry_id                                 8CS6 
_refine.pdbx_refine_id                           'X-RAY DIFFRACTION' 
_refine.ls_abs_structure_details                 ? 
_refine.ls_abs_structure_Flack                   ? 
_refine.ls_abs_structure_Flack_esd               ? 
_refine.ls_abs_structure_Rogers                  ? 
_refine.ls_abs_structure_Rogers_esd              ? 
_refine.ls_d_res_high                            6.76 
_refine.ls_d_res_low                             60.63 
_refine.ls_extinction_coef                       ? 
_refine.ls_extinction_coef_esd                   ? 
_refine.ls_extinction_expression                 ? 
_refine.ls_extinction_method                     ? 
_refine.ls_goodness_of_fit_all                   ? 
_refine.ls_goodness_of_fit_all_esd               ? 
_refine.ls_goodness_of_fit_obs                   ? 
_refine.ls_goodness_of_fit_obs_esd               ? 
_refine.ls_hydrogen_treatment                    ? 
_refine.ls_matrix_type                           ? 
_refine.ls_number_constraints                    ? 
_refine.ls_number_parameters                     ? 
_refine.ls_number_reflns_all                     ? 
_refine.ls_number_reflns_obs                     767 
_refine.ls_number_reflns_R_free                  39 
_refine.ls_number_reflns_R_work                  728 
_refine.ls_number_restraints                     ? 
_refine.ls_percent_reflns_obs                    83.10 
_refine.ls_percent_reflns_R_free                 5.08 
_refine.ls_R_factor_all                          ? 
_refine.ls_R_factor_obs                          0.2180 
_refine.ls_R_factor_R_free                       0.2555 
_refine.ls_R_factor_R_free_error                 ? 
_refine.ls_R_factor_R_free_error_details         ? 
_refine.ls_R_factor_R_work                       0.2152 
_refine.ls_R_Fsqd_factor_obs                     ? 
_refine.ls_R_I_factor_obs                        ? 
_refine.ls_redundancy_reflns_all                 ? 
_refine.ls_redundancy_reflns_obs                 ? 
_refine.ls_restrained_S_all                      ? 
_refine.ls_restrained_S_obs                      ? 
_refine.ls_shift_over_esd_max                    ? 
_refine.ls_shift_over_esd_mean                   ? 
_refine.ls_structure_factor_coef                 ? 
_refine.ls_weighting_details                     ? 
_refine.ls_weighting_scheme                      ? 
_refine.ls_wR_factor_all                         ? 
_refine.ls_wR_factor_obs                         ? 
_refine.ls_wR_factor_R_free                      ? 
_refine.ls_wR_factor_R_work                      ? 
_refine.occupancy_max                            ? 
_refine.occupancy_min                            ? 
_refine.solvent_model_details                    'FLAT BULK SOLVENT MODEL' 
_refine.solvent_model_param_bsol                 ? 
_refine.solvent_model_param_ksol                 ? 
_refine.pdbx_R_complete                          ? 
_refine.ls_R_factor_gt                           ? 
_refine.ls_goodness_of_fit_gt                    ? 
_refine.ls_goodness_of_fit_ref                   ? 
_refine.ls_shift_over_su_max                     ? 
_refine.ls_shift_over_su_max_lt                  ? 
_refine.ls_shift_over_su_mean                    ? 
_refine.ls_shift_over_su_mean_lt                 ? 
_refine.pdbx_ls_sigma_I                          ? 
_refine.pdbx_ls_sigma_F                          1.34 
_refine.pdbx_ls_sigma_Fsqd                       ? 
_refine.pdbx_data_cutoff_high_absF               ? 
_refine.pdbx_data_cutoff_high_rms_absF           ? 
_refine.pdbx_data_cutoff_low_absF                ? 
_refine.pdbx_isotropic_thermal_model             ? 
_refine.pdbx_ls_cross_valid_method               'FREE R-VALUE' 
_refine.pdbx_method_to_determine_struct          'MOLECULAR REPLACEMENT' 
_refine.pdbx_starting_model                      7R96 
_refine.pdbx_stereochemistry_target_values       'GeoStd + Monomer Library + CDL v1.2' 
_refine.pdbx_R_Free_selection_details            ? 
_refine.pdbx_stereochem_target_val_spec_case     ? 
_refine.pdbx_overall_ESU_R                       ? 
_refine.pdbx_overall_ESU_R_Free                  ? 
_refine.pdbx_solvent_vdw_probe_radii             1.1100 
_refine.pdbx_solvent_ion_probe_radii             ? 
_refine.pdbx_solvent_shrinkage_radii             0.9000 
_refine.pdbx_real_space_R                        ? 
_refine.pdbx_density_correlation                 ? 
_refine.pdbx_pd_number_of_powder_patterns        ? 
_refine.pdbx_pd_number_of_points                 ? 
_refine.pdbx_pd_meas_number_of_points            ? 
_refine.pdbx_pd_proc_ls_prof_R_factor            ? 
_refine.pdbx_pd_proc_ls_prof_wR_factor           ? 
_refine.pdbx_pd_Marquardt_correlation_coeff      ? 
_refine.pdbx_pd_Fsqrd_R_factor                   ? 
_refine.pdbx_pd_ls_matrix_band_width             ? 
_refine.pdbx_overall_phase_error                 32.6403 
_refine.pdbx_overall_SU_R_free_Cruickshank_DPI   ? 
_refine.pdbx_overall_SU_R_free_Blow_DPI          ? 
_refine.pdbx_overall_SU_R_Blow_DPI               ? 
_refine.pdbx_TLS_residual_ADP_flag               ? 
_refine.pdbx_diffrn_id                           1 
_refine.overall_SU_B                             ? 
_refine.overall_SU_ML                            0.6627 
_refine.overall_SU_R_Cruickshank_DPI             ? 
_refine.overall_SU_R_free                        ? 
_refine.overall_FOM_free_R_set                   ? 
_refine.overall_FOM_work_R_set                   ? 
_refine.pdbx_average_fsc_overall                 ? 
_refine.pdbx_average_fsc_work                    ? 
_refine.pdbx_average_fsc_free                    ? 
# 
_refine_hist.pdbx_refine_id                   'X-RAY DIFFRACTION' 
_refine_hist.cycle_id                         LAST 
_refine_hist.details                          ? 
_refine_hist.d_res_high                       6.76 
_refine_hist.d_res_low                        60.63 
_refine_hist.number_atoms_solvent             0 
_refine_hist.number_atoms_total               855 
_refine_hist.number_reflns_all                ? 
_refine_hist.number_reflns_obs                ? 
_refine_hist.number_reflns_R_free             ? 
_refine_hist.number_reflns_R_work             ? 
_refine_hist.R_factor_all                     ? 
_refine_hist.R_factor_obs                     ? 
_refine_hist.R_factor_R_free                  ? 
_refine_hist.R_factor_R_work                  ? 
_refine_hist.pdbx_number_residues_total       ? 
_refine_hist.pdbx_B_iso_mean_ligand           ? 
_refine_hist.pdbx_B_iso_mean_solvent          ? 
_refine_hist.pdbx_number_atoms_protein        0 
_refine_hist.pdbx_number_atoms_nucleic_acid   855 
_refine_hist.pdbx_number_atoms_ligand         0 
_refine_hist.pdbx_number_atoms_lipid          ? 
_refine_hist.pdbx_number_atoms_carb           ? 
_refine_hist.pdbx_pseudo_atom_details         ? 
# 
loop_
_refine_ls_restr.pdbx_refine_id 
_refine_ls_restr.criterion 
_refine_ls_restr.dev_ideal 
_refine_ls_restr.dev_ideal_target 
_refine_ls_restr.number 
_refine_ls_restr.rejects 
_refine_ls_restr.type 
_refine_ls_restr.weight 
_refine_ls_restr.pdbx_restraint_function 
'X-RAY DIFFRACTION' ? 0.0223  ? 956  ? f_bond_d           ? ? 
'X-RAY DIFFRACTION' ? 1.6028  ? 1467 ? f_angle_d          ? ? 
'X-RAY DIFFRACTION' ? 0.0976  ? 166  ? f_chiral_restr     ? ? 
'X-RAY DIFFRACTION' ? 0.0125  ? 42   ? f_plane_restr      ? ? 
'X-RAY DIFFRACTION' ? 39.6068 ? 406  ? f_dihedral_angle_d ? ? 
# 
_refine_ls_shell.pdbx_refine_id                   'X-RAY DIFFRACTION' 
_refine_ls_shell.d_res_high                       6.76 
_refine_ls_shell.d_res_low                        60.63 
_refine_ls_shell.number_reflns_all                ? 
_refine_ls_shell.number_reflns_obs                ? 
_refine_ls_shell.number_reflns_R_free             39 
_refine_ls_shell.number_reflns_R_work             728 
_refine_ls_shell.percent_reflns_obs               83.10 
_refine_ls_shell.percent_reflns_R_free            ? 
_refine_ls_shell.R_factor_all                     ? 
_refine_ls_shell.R_factor_obs                     ? 
_refine_ls_shell.R_factor_R_free                  0.2555 
_refine_ls_shell.R_factor_R_free_error            ? 
_refine_ls_shell.R_factor_R_work                  0.2152 
_refine_ls_shell.redundancy_reflns_all            ? 
_refine_ls_shell.redundancy_reflns_obs            ? 
_refine_ls_shell.wR_factor_all                    ? 
_refine_ls_shell.wR_factor_obs                    ? 
_refine_ls_shell.wR_factor_R_free                 ? 
_refine_ls_shell.wR_factor_R_work                 ? 
_refine_ls_shell.pdbx_R_complete                  ? 
_refine_ls_shell.pdbx_total_number_of_bins_used   ? 
_refine_ls_shell.pdbx_phase_error                 ? 
_refine_ls_shell.pdbx_fsc_work                    ? 
_refine_ls_shell.pdbx_fsc_free                    ? 
# 
_struct.entry_id                     8CS6 
_struct.title                        '[AGG/CTC] Self-Assembled 3D DNA Hexagonal Tensegrity Triangle' 
_struct.pdbx_model_details           ? 
_struct.pdbx_formula_weight          ? 
_struct.pdbx_formula_weight_method   ? 
_struct.pdbx_model_type_details      ? 
_struct.pdbx_CASP_flag               N 
# 
_struct_keywords.entry_id        8CS6 
_struct_keywords.text            'tensegrity triangle, synthetic construct, self-assembly, DNA' 
_struct_keywords.pdbx_keywords   DNA 
# 
loop_
_struct_asym.id 
_struct_asym.pdbx_blank_PDB_chainid_flag 
_struct_asym.pdbx_modified 
_struct_asym.entity_id 
_struct_asym.details 
A N N 1 ? 
B N N 2 ? 
C N N 3 ? 
D N N 4 ? 
# 
loop_
_struct_conn.id 
_struct_conn.conn_type_id 
_struct_conn.pdbx_leaving_atom_flag 
_struct_conn.pdbx_PDB_id 
_struct_conn.ptnr1_label_asym_id 
_struct_conn.ptnr1_label_comp_id 
_struct_conn.ptnr1_label_seq_id 
_struct_conn.ptnr1_label_atom_id 
_struct_conn.pdbx_ptnr1_label_alt_id 
_struct_conn.pdbx_ptnr1_PDB_ins_code 
_struct_conn.pdbx_ptnr1_standard_comp_id 
_struct_conn.ptnr1_symmetry 
_struct_conn.ptnr2_label_asym_id 
_struct_conn.ptnr2_label_comp_id 
_struct_conn.ptnr2_label_seq_id 
_struct_conn.ptnr2_label_atom_id 
_struct_conn.pdbx_ptnr2_label_alt_id 
_struct_conn.pdbx_ptnr2_PDB_ins_code 
_struct_conn.ptnr1_auth_asym_id 
_struct_conn.ptnr1_auth_comp_id 
_struct_conn.ptnr1_auth_seq_id 
_struct_conn.ptnr2_auth_asym_id 
_struct_conn.ptnr2_auth_comp_id 
_struct_conn.ptnr2_auth_seq_id 
_struct_conn.ptnr2_symmetry 
_struct_conn.pdbx_ptnr3_label_atom_id 
_struct_conn.pdbx_ptnr3_label_seq_id 
_struct_conn.pdbx_ptnr3_label_comp_id 
_struct_conn.pdbx_ptnr3_label_asym_id 
_struct_conn.pdbx_ptnr3_label_alt_id 
_struct_conn.pdbx_ptnr3_PDB_ins_code 
_struct_conn.details 
_struct_conn.pdbx_dist_value 
_struct_conn.pdbx_value_order 
_struct_conn.pdbx_role 
hydrog1  hydrog ? ? A DC 4  N3 ? ? ? 1_555 C DG 5 N1 ? ? A DC 104 C DG 213 1_555 ? ? ? ? ? ? WATSON-CRICK ? ? ? 
hydrog2  hydrog ? ? A DC 4  N4 ? ? ? 1_555 C DG 5 O6 ? ? A DC 104 C DG 213 1_555 ? ? ? ? ? ? WATSON-CRICK ? ? ? 
hydrog3  hydrog ? ? A DC 4  O2 ? ? ? 1_555 C DG 5 N2 ? ? A DC 104 C DG 213 1_555 ? ? ? ? ? ? WATSON-CRICK ? ? ? 
hydrog4  hydrog ? ? A DA 5  N1 ? ? ? 1_555 C DT 4 N3 ? ? A DA 105 C DT 212 1_555 ? ? ? ? ? ? WATSON-CRICK ? ? ? 
hydrog5  hydrog ? ? A DA 5  N6 ? ? ? 1_555 C DT 4 O4 ? ? A DA 105 C DT 212 1_555 ? ? ? ? ? ? WATSON-CRICK ? ? ? 
hydrog6  hydrog ? ? A DG 6  N1 ? ? ? 1_555 C DC 3 N3 ? ? A DG 106 C DC 211 1_555 ? ? ? ? ? ? WATSON-CRICK ? ? ? 
hydrog7  hydrog ? ? A DG 6  N2 ? ? ? 1_555 C DC 3 O2 ? ? A DG 106 C DC 211 1_555 ? ? ? ? ? ? WATSON-CRICK ? ? ? 
hydrog8  hydrog ? ? A DG 6  O6 ? ? ? 1_555 C DC 3 N4 ? ? A DG 106 C DC 211 1_555 ? ? ? ? ? ? WATSON-CRICK ? ? ? 
hydrog9  hydrog ? ? A DC 7  O2 ? ? ? 1_555 C DG 2 N2 ? ? A DC 107 C DG 210 1_555 ? ? ? ? ? ? 'DC-DG PAIR' ? ? ? 
hydrog10 hydrog ? ? A DC 8  N3 ? ? ? 1_555 C DG 1 N1 ? ? A DC 108 C DG 209 1_555 ? ? ? ? ? ? WATSON-CRICK ? ? ? 
hydrog11 hydrog ? ? A DC 8  N4 ? ? ? 1_555 C DG 1 O6 ? ? A DC 108 C DG 209 1_555 ? ? ? ? ? ? WATSON-CRICK ? ? ? 
hydrog12 hydrog ? ? A DC 8  O2 ? ? ? 1_555 C DG 1 N2 ? ? A DC 108 C DG 209 1_555 ? ? ? ? ? ? WATSON-CRICK ? ? ? 
hydrog13 hydrog ? ? A DT 9  N3 ? ? ? 1_555 B DA 7 N1 ? ? A DT 109 B DA 125 1_555 ? ? ? ? ? ? WATSON-CRICK ? ? ? 
hydrog14 hydrog ? ? A DT 9  O4 ? ? ? 1_555 B DA 7 N6 ? ? A DT 109 B DA 125 1_555 ? ? ? ? ? ? WATSON-CRICK ? ? ? 
hydrog15 hydrog ? ? A DG 10 N1 ? ? ? 1_555 B DC 6 N3 ? ? A DG 110 B DC 124 1_555 ? ? ? ? ? ? WATSON-CRICK ? ? ? 
hydrog16 hydrog ? ? A DG 10 N2 ? ? ? 1_555 B DC 6 O2 ? ? A DG 110 B DC 124 1_555 ? ? ? ? ? ? WATSON-CRICK ? ? ? 
hydrog17 hydrog ? ? A DG 10 O6 ? ? ? 1_555 B DC 6 N4 ? ? A DG 110 B DC 124 1_555 ? ? ? ? ? ? WATSON-CRICK ? ? ? 
hydrog18 hydrog ? ? A DT 11 N3 ? ? ? 1_555 B DA 5 N1 ? ? A DT 111 B DA 123 1_555 ? ? ? ? ? ? WATSON-CRICK ? ? ? 
hydrog19 hydrog ? ? A DT 11 O4 ? ? ? 1_555 B DA 5 N6 ? ? A DT 111 B DA 123 1_555 ? ? ? ? ? ? WATSON-CRICK ? ? ? 
hydrog20 hydrog ? ? A DA 12 N1 ? ? ? 1_555 B DT 4 N3 ? ? A DA 112 B DT 122 1_555 ? ? ? ? ? ? WATSON-CRICK ? ? ? 
hydrog21 hydrog ? ? A DA 12 N6 ? ? ? 1_555 B DT 4 O4 ? ? A DA 112 B DT 122 1_555 ? ? ? ? ? ? WATSON-CRICK ? ? ? 
hydrog22 hydrog ? ? A DC 13 N3 ? ? ? 1_555 B DG 3 N1 ? ? A DC 113 B DG 121 1_555 ? ? ? ? ? ? WATSON-CRICK ? ? ? 
hydrog23 hydrog ? ? A DC 13 N4 ? ? ? 1_555 B DG 3 O6 ? ? A DC 113 B DG 121 1_555 ? ? ? ? ? ? WATSON-CRICK ? ? ? 
hydrog24 hydrog ? ? A DC 13 O2 ? ? ? 1_555 B DG 3 N2 ? ? A DC 113 B DG 121 1_555 ? ? ? ? ? ? WATSON-CRICK ? ? ? 
hydrog25 hydrog ? ? A DG 14 N1 ? ? ? 1_555 B DC 2 N3 ? ? A DG 114 B DC 120 1_555 ? ? ? ? ? ? WATSON-CRICK ? ? ? 
hydrog26 hydrog ? ? A DG 14 N2 ? ? ? 1_555 B DC 2 O2 ? ? A DG 114 B DC 120 1_555 ? ? ? ? ? ? WATSON-CRICK ? ? ? 
hydrog27 hydrog ? ? A DG 14 O6 ? ? ? 1_555 B DC 2 N4 ? ? A DG 114 B DC 120 1_555 ? ? ? ? ? ? WATSON-CRICK ? ? ? 
hydrog28 hydrog ? ? A DG 15 N1 ? ? ? 1_555 B DC 1 N3 ? ? A DG 115 B DC 119 1_555 ? ? ? ? ? ? WATSON-CRICK ? ? ? 
hydrog29 hydrog ? ? A DG 15 N2 ? ? ? 1_555 B DC 1 O2 ? ? A DG 115 B DC 119 1_555 ? ? ? ? ? ? WATSON-CRICK ? ? ? 
hydrog30 hydrog ? ? A DG 15 O6 ? ? ? 1_555 B DC 1 N4 ? ? A DG 115 B DC 119 1_555 ? ? ? ? ? ? WATSON-CRICK ? ? ? 
hydrog31 hydrog ? ? A DA 16 N1 ? ? ? 1_555 D DT 9 N3 ? ? A DA 116 D DT 208 1_555 ? ? ? ? ? ? WATSON-CRICK ? ? ? 
hydrog32 hydrog ? ? A DA 16 N6 ? ? ? 1_555 D DT 9 O4 ? ? A DA 116 D DT 208 1_555 ? ? ? ? ? ? WATSON-CRICK ? ? ? 
hydrog33 hydrog ? ? A DC 17 N3 ? ? ? 1_555 D DG 8 N1 ? ? A DC 117 D DG 207 1_555 ? ? ? ? ? ? WATSON-CRICK ? ? ? 
hydrog34 hydrog ? ? A DC 17 N4 ? ? ? 1_555 D DG 8 O6 ? ? A DC 117 D DG 207 1_555 ? ? ? ? ? ? WATSON-CRICK ? ? ? 
hydrog35 hydrog ? ? A DC 17 O2 ? ? ? 1_555 D DG 8 N2 ? ? A DC 117 D DG 207 1_555 ? ? ? ? ? ? WATSON-CRICK ? ? ? 
hydrog36 hydrog ? ? A DA 18 N1 ? ? ? 1_555 D DT 7 N3 ? ? A DA 118 D DT 206 1_555 ? ? ? ? ? ? WATSON-CRICK ? ? ? 
hydrog37 hydrog ? ? A DA 18 N6 ? ? ? 1_555 D DT 7 O4 ? ? A DA 118 D DT 206 1_555 ? ? ? ? ? ? WATSON-CRICK ? ? ? 
hydrog38 hydrog ? ? A DT 19 N3 ? ? ? 1_555 D DA 6 N1 ? ? A DT 119 D DA 205 1_555 ? ? ? ? ? ? WATSON-CRICK ? ? ? 
hydrog39 hydrog ? ? A DT 19 O4 ? ? ? 1_555 D DA 6 N6 ? ? A DT 119 D DA 205 1_555 ? ? ? ? ? ? WATSON-CRICK ? ? ? 
hydrog40 hydrog ? ? A DC 20 N3 ? ? ? 1_555 D DG 5 N1 ? ? A DC 120 D DG 204 1_555 ? ? ? ? ? ? WATSON-CRICK ? ? ? 
hydrog41 hydrog ? ? A DC 20 N4 ? ? ? 1_555 D DG 5 O6 ? ? A DC 120 D DG 204 1_555 ? ? ? ? ? ? WATSON-CRICK ? ? ? 
hydrog42 hydrog ? ? A DC 20 O2 ? ? ? 1_555 D DG 5 N2 ? ? A DC 120 D DG 204 1_555 ? ? ? ? ? ? WATSON-CRICK ? ? ? 
hydrog43 hydrog ? ? A DA 21 N1 ? ? ? 1_555 D DT 4 N3 ? ? A DA 121 D DT 203 1_555 ? ? ? ? ? ? WATSON-CRICK ? ? ? 
hydrog44 hydrog ? ? A DA 21 N6 ? ? ? 1_555 D DT 4 O4 ? ? A DA 121 D DT 203 1_555 ? ? ? ? ? ? WATSON-CRICK ? ? ? 
# 
_struct_conn_type.id          hydrog 
_struct_conn_type.criteria    ? 
_struct_conn_type.reference   ? 
# 
_atom_sites.entry_id                    8CS6 
_atom_sites.Cartn_transf_matrix[1][1]   ? 
_atom_sites.Cartn_transf_matrix[1][2]   ? 
_atom_sites.Cartn_transf_matrix[1][3]   ? 
_atom_sites.Cartn_transf_matrix[2][1]   ? 
_atom_sites.Cartn_transf_matrix[2][2]   ? 
_atom_sites.Cartn_transf_matrix[2][3]   ? 
_atom_sites.Cartn_transf_matrix[3][1]   ? 
_atom_sites.Cartn_transf_matrix[3][2]   ? 
_atom_sites.Cartn_transf_matrix[3][3]   ? 
_atom_sites.Cartn_transf_vector[1]      ? 
_atom_sites.Cartn_transf_vector[2]      ? 
_atom_sites.Cartn_transf_vector[3]      ? 
_atom_sites.fract_transf_matrix[1][1]   0.00643178 
_atom_sites.fract_transf_matrix[1][2]   0.00701938 
_atom_sites.fract_transf_matrix[1][3]   -0.00020155 
_atom_sites.fract_transf_matrix[2][1]   0.00482749 
_atom_sites.fract_transf_matrix[2][2]   0.00226231 
_atom_sites.fract_transf_matrix[2][3]   0.00789081 
_atom_sites.fract_transf_matrix[3][1]   0.01199429 
_atom_sites.fract_transf_matrix[3][2]   -0.01110946 
_atom_sites.fract_transf_matrix[3][3]   -0.00415285 
_atom_sites.fract_transf_vector[1]      0.266723 
_atom_sites.fract_transf_vector[2]      -0.253249 
_atom_sites.fract_transf_vector[3]      0.123096 
_atom_sites.solution_primary            ? 
_atom_sites.solution_secondary          ? 
_atom_sites.solution_hydrogens          ? 
_atom_sites.special_details             ? 
# 
loop_
_atom_type.symbol 
_atom_type.scat_dispersion_real 
_atom_type.scat_dispersion_imag 
_atom_type.scat_Cromer_Mann_a1 
_atom_type.scat_Cromer_Mann_a2 
_atom_type.scat_Cromer_Mann_a3 
_atom_type.scat_Cromer_Mann_a4 
_atom_type.scat_Cromer_Mann_b1 
_atom_type.scat_Cromer_Mann_b2 
_atom_type.scat_Cromer_Mann_b3 
_atom_type.scat_Cromer_Mann_b4 
_atom_type.scat_Cromer_Mann_c 
_atom_type.scat_source 
_atom_type.scat_dispersion_source 
C ? ? 5.96793  ? ? ? 14.89577 ? ? ? 0.0 
;1-Gaussian fit: Grosse-Kunstleve RW, Sauter NK, Adams PD: Newsletter of the IUCr Commission on Crystallographic Computing 2004, 3, 22-31.
;
? 
N ? ? 6.96715  ? ? ? 11.43723 ? ? ? 0.0 
;1-Gaussian fit: Grosse-Kunstleve RW, Sauter NK, Adams PD: Newsletter of the IUCr Commission on Crystallographic Computing 2004, 3, 22-31.
;
? 
O ? ? 7.96527  ? ? ? 9.05267  ? ? ? 0.0 
;1-Gaussian fit: Grosse-Kunstleve RW, Sauter NK, Adams PD: Newsletter of the IUCr Commission on Crystallographic Computing 2004, 3, 22-31.
;
? 
P ? ? 14.90797 ? ? ? 11.91318 ? ? ? 0.0 
;1-Gaussian fit: Grosse-Kunstleve RW, Sauter NK, Adams PD: Newsletter of the IUCr Commission on Crystallographic Computing 2004, 3, 22-31.
;
? 
# 
loop_
_atom_site.group_PDB 
_atom_site.id 
_atom_site.type_symbol 
_atom_site.label_atom_id 
_atom_site.label_alt_id 
_atom_site.label_comp_id 
_atom_site.label_asym_id 
_atom_site.label_entity_id 
_atom_site.label_seq_id 
_atom_site.pdbx_PDB_ins_code 
_atom_site.Cartn_x 
_atom_site.Cartn_y 
_atom_site.Cartn_z 
_atom_site.occupancy 
_atom_site.B_iso_or_equiv 
_atom_site.pdbx_formal_charge 
_atom_site.auth_seq_id 
_atom_site.auth_comp_id 
_atom_site.auth_asym_id 
_atom_site.auth_atom_id 
_atom_site.pdbx_PDB_model_num 
ATOM 1   O "O5'" . DA A 1 1  ? -7.84853  -28.06496 -18.52529 1.000 947.34245 ? 101 DA A "O5'" 1 
ATOM 2   C "C5'" . DA A 1 1  ? -8.05842  -27.75436 -19.91890 1.000 943.47977 ? 101 DA A "C5'" 1 
ATOM 3   C "C4'" . DA A 1 1  ? -9.20446  -28.56421 -20.44242 1.000 950.63970 ? 101 DA A "C4'" 1 
ATOM 4   O "O4'" . DA A 1 1  ? -9.04822  -29.95464 -20.02744 1.000 959.44212 ? 101 DA A "O4'" 1 
ATOM 5   C "C3'" . DA A 1 1  ? -10.53422 -28.07961 -19.91529 1.000 952.48146 ? 101 DA A "C3'" 1 
ATOM 6   O "O3'" . DA A 1 1  ? -11.24370 -27.45595 -20.97997 1.000 948.79972 ? 101 DA A "O3'" 1 
ATOM 7   C "C2'" . DA A 1 1  ? -11.25714 -29.32857 -19.40348 1.000 963.06827 ? 101 DA A "C2'" 1 
ATOM 8   C "C1'" . DA A 1 1  ? -10.22482 -30.44065 -19.39002 1.000 966.97174 ? 101 DA A "C1'" 1 
ATOM 9   N N9    . DA A 1 1  ? -9.90622  -30.92735 -18.02047 1.000 190.94362 ? 101 DA A N9    1 
ATOM 10  C C8    . DA A 1 1  ? -8.62043  -31.08127 -17.48770 1.000 189.16049 ? 101 DA A C8    1 
ATOM 11  N N7    . DA A 1 1  ? -8.54905  -31.49564 -16.14877 1.000 193.89622 ? 101 DA A N7    1 
ATOM 12  C C5    . DA A 1 1  ? -9.92633  -31.61679 -15.72438 1.000 199.32110 ? 101 DA A C5    1 
ATOM 13  C C6    . DA A 1 1  ? -10.62803 -32.01532 -14.39133 1.000 206.11936 ? 101 DA A C6    1 
ATOM 14  N N6    . DA A 1 1  ? -9.97521  -32.42615 -13.16515 1.000 208.93413 ? 101 DA A N6    1 
ATOM 15  N N1    . DA A 1 1  ? -12.05321 -31.95671 -14.45287 1.000 209.71875 ? 101 DA A N1    1 
ATOM 16  C C2    . DA A 1 1  ? -12.69818 -31.49638 -15.66832 1.000 206.60911 ? 101 DA A C2    1 
ATOM 17  N N3    . DA A 1 1  ? -12.20226 -31.18562 -16.93290 1.000 201.05755 ? 101 DA A N3    1 
ATOM 18  C C4    . DA A 1 1  ? -10.80833 -31.23303 -16.91159 1.000 197.38344 ? 101 DA A C4    1 
ATOM 19  P P     . DG A 1 2  ? -12.63538 -26.67853 -20.72652 1.000 746.42081 ? 102 DG A P     1 
ATOM 20  O OP1   . DG A 1 2  ? -13.55419 -27.22537 -21.74193 1.000 758.31995 ? 102 DG A OP1   1 
ATOM 21  O OP2   . DG A 1 2  ? -12.39206 -25.23495 -20.68683 1.000 727.82485 ? 102 DG A OP2   1 
ATOM 22  O "O5'" . DG A 1 2  ? -13.11141 -27.03762 -19.23556 1.000 752.40004 ? 102 DG A "O5'" 1 
ATOM 23  C "C5'" . DG A 1 2  ? -14.51260 -27.29880 -19.00830 1.000 762.53228 ? 102 DG A "C5'" 1 
ATOM 24  C "C4'" . DG A 1 2  ? -15.20525 -26.37352 -17.95992 1.000 754.71310 ? 102 DG A "C4'" 1 
ATOM 25  O "O4'" . DG A 1 2  ? -14.73928 -26.62372 -16.61615 1.000 757.37928 ? 102 DG A "O4'" 1 
ATOM 26  C "C3'" . DG A 1 2  ? -15.18104 -24.85451 -18.15034 1.000 735.39175 ? 102 DG A "C3'" 1 
ATOM 27  O "O3'" . DG A 1 2  ? -16.41968 -24.32421 -17.76132 1.000 733.41291 ? 102 DG A "O3'" 1 
ATOM 28  C "C2'" . DG A 1 2  ? -14.11272 -24.40107 -17.16197 1.000 727.48681 ? 102 DG A "C2'" 1 
ATOM 29  C "C1'" . DG A 1 2  ? -14.23398 -25.40993 -16.04065 1.000 741.83284 ? 102 DG A "C1'" 1 
ATOM 30  N N9    . DG A 1 2  ? -12.98333 -25.79754 -15.52098 1.000 173.56617 ? 102 DG A N9    1 
ATOM 31  C C8    . DG A 1 2  ? -11.74159 -25.62441 -16.13357 1.000 167.94515 ? 102 DG A C8    1 
ATOM 32  N N7    . DG A 1 2  ? -10.72811 -26.16621 -15.45688 1.000 169.51394 ? 102 DG A N7    1 
ATOM 33  C C5    . DG A 1 2  ? -11.35177 -26.77622 -14.29764 1.000 176.95029 ? 102 DG A C5    1 
ATOM 34  C C6    . DG A 1 2  ? -10.81466 -27.57763 -13.07136 1.000 182.38226 ? 102 DG A C6    1 
ATOM 35  O O6    . DG A 1 2  ? -9.55175  -27.94653 -12.72958 1.000 181.65359 ? 102 DG A O6    1 
ATOM 36  N N1    . DG A 1 2  ? -11.94072 -27.94157 -12.19574 1.000 189.24483 ? 102 DG A N1    1 
ATOM 37  C C2    . DG A 1 2  ? -13.34827 -27.61852 -12.41274 1.000 190.88679 ? 102 DG A C2    1 
ATOM 38  N N2    . DG A 1 2  ? -14.23682 -28.03240 -11.46528 1.000 197.49928 ? 102 DG A N2    1 
ATOM 39  N N3    . DG A 1 2  ? -13.82254 -26.92760 -13.49239 1.000 186.21472 ? 102 DG A N3    1 
ATOM 40  C C4    . DG A 1 2  ? -12.78825 -26.54963 -14.37747 1.000 179.49804 ? 102 DG A C4    1 
ATOM 41  P P     . DG A 1 3  ? -16.49673 -22.81454 -17.20414 1.000 623.03454 ? 103 DG A P     1 
ATOM 42  O OP1   . DG A 1 3  ? -17.91706 -22.43905 -17.16960 1.000 625.13723 ? 103 DG A OP1   1 
ATOM 43  O OP2   . DG A 1 3  ? -15.51286 -22.01738 -17.99354 1.000 609.35597 ? 103 DG A OP2   1 
ATOM 44  O "O5'" . DG A 1 3  ? -16.04355 -22.87174 -15.65340 1.000 622.25592 ? 103 DG A "O5'" 1 
ATOM 45  C "C5'" . DG A 1 3  ? -16.86752 -23.49762 -14.65935 1.000 633.71607 ? 103 DG A "C5'" 1 
ATOM 46  C "C4'" . DG A 1 3  ? -16.47887 -23.02655 -13.25835 1.000 629.84984 ? 103 DG A "C4'" 1 
ATOM 47  O "O4'" . DG A 1 3  ? -15.29361 -23.73765 -12.81830 1.000 634.91550 ? 103 DG A "O4'" 1 
ATOM 48  C "C3'" . DG A 1 3  ? -16.13201 -21.52707 -13.13520 1.000 611.48324 ? 103 DG A "C3'" 1 
ATOM 49  O "O3'" . DG A 1 3  ? -16.96059 -20.85952 -12.14865 1.000 609.32565 ? 103 DG A "O3'" 1 
ATOM 50  C "C2'" . DG A 1 3  ? -14.62606 -21.49124 -12.78551 1.000 606.75753 ? 103 DG A "C2'" 1 
ATOM 51  C "C1'" . DG A 1 3  ? -14.43588 -22.82589 -12.10505 1.000 623.29559 ? 103 DG A "C1'" 1 
ATOM 52  N N9    . DG A 1 3  ? -13.04789 -23.37709 -12.07343 1.000 166.74180 ? 103 DG A N9    1 
ATOM 53  C C8    . DG A 1 3  ? -12.10856 -23.28046 -13.12632 1.000 161.59743 ? 103 DG A C8    1 
ATOM 54  N N7    . DG A 1 3  ? -10.97731 -23.92230 -12.87642 1.000 162.52332 ? 103 DG A N7    1 
ATOM 55  C C5    . DG A 1 3  ? -11.13582 -24.47932 -11.57931 1.000 168.54702 ? 103 DG A C5    1 
ATOM 56  C C6    . DG A 1 3  ? -10.23061 -25.29406 -10.80362 1.000 172.08967 ? 103 DG A C6    1 
ATOM 57  O O6    . DG A 1 3  ? -9.03815  -25.66534 -11.15733 1.000 170.23094 ? 103 DG A O6    1 
ATOM 58  N N1    . DG A 1 3  ? -10.78518 -25.67155 -9.50706  1.000 178.17512 ? 103 DG A N1    1 
ATOM 59  C C2    . DG A 1 3  ? -12.06927 -25.30604 -9.03107  1.000 180.54020 ? 103 DG A C2    1 
ATOM 60  N N2    . DG A 1 3  ? -12.40802 -25.76551 -7.75749  1.000 186.41115 ? 103 DG A N2    1 
ATOM 61  N N3    . DG A 1 3  ? -12.95664 -24.54747 -9.76106  1.000 177.37283 ? 103 DG A N3    1 
ATOM 62  C C4    . DG A 1 3  ? -12.41876 -24.16236 -11.04107 1.000 171.33382 ? 103 DG A C4    1 
ATOM 63  P P     . DC A 1 4  ? -16.90354 -21.20535 -10.57227 1.000 596.54453 ? 104 DC A P     1 
ATOM 64  O OP1   . DC A 1 4  ? -17.16177 -22.66871 -10.42799 1.000 647.82993 ? 104 DC A OP1   1 
ATOM 65  O OP2   . DC A 1 4  ? -17.83741 -20.25545 -9.93010  1.000 588.45381 ? 104 DC A OP2   1 
ATOM 66  O "O5'" . DC A 1 4  ? -15.41690 -20.74607 -10.07310 1.000 560.96787 ? 104 DC A "O5'" 1 
ATOM 67  C "C5'" . DC A 1 4  ? -14.68212 -21.58739 -9.11181  1.000 573.57458 ? 104 DC A "C5'" 1 
ATOM 68  C "C4'" . DC A 1 4  ? -13.34729 -20.99080 -8.62957  1.000 535.43278 ? 104 DC A "C4'" 1 
ATOM 69  O "O4'" . DC A 1 4  ? -12.20163 -21.59274 -9.28753  1.000 534.57654 ? 104 DC A "O4'" 1 
ATOM 70  C "C3'" . DC A 1 4  ? -13.18875 -19.49482 -8.76029  1.000 489.73088 ? 104 DC A "C3'" 1 
ATOM 71  O "O3'" . DC A 1 4  ? -13.16893 -18.90272 -7.43465  1.000 474.93298 ? 104 DC A "O3'" 1 
ATOM 72  C "C2'" . DC A 1 4  ? -11.83251 -19.33200 -9.51289  1.000 462.29476 ? 104 DC A "C2'" 1 
ATOM 73  C "C1'" . DC A 1 4  ? -11.14599 -20.67565 -9.25814  1.000 494.49640 ? 104 DC A "C1'" 1 
ATOM 74  N N1    . DC A 1 4  ? -10.06583 -21.10964 -10.30817 1.000 488.68048 ? 104 DC A N1    1 
ATOM 75  C C2    . DC A 1 4  ? -8.94865  -21.92692 -9.94083  1.000 496.58627 ? 104 DC A C2    1 
ATOM 76  O O2    . DC A 1 4  ? -8.78954  -22.28146 -8.77157  1.000 510.13670 ? 104 DC A O2    1 
ATOM 77  N N3    . DC A 1 4  ? -8.04016  -22.29362 -10.89994 1.000 493.69539 ? 104 DC A N3    1 
ATOM 78  C C4    . DC A 1 4  ? -8.20740  -21.90936 -12.15433 1.000 480.35363 ? 104 DC A C4    1 
ATOM 79  N N4    . DC A 1 4  ? -7.29692  -22.30235 -13.06451 1.000 480.05184 ? 104 DC A N4    1 
ATOM 80  C C5    . DC A 1 4  ? -9.32269  -21.10417 -12.54610 1.000 474.00467 ? 104 DC A C5    1 
ATOM 81  C C6    . DC A 1 4  ? -10.21318 -20.73535 -11.60646 1.000 479.33526 ? 104 DC A C6    1 
ATOM 82  P P     . DA A 1 5  ? -13.65286 -19.69902 -6.09785  1.000 499.96179 ? 105 DA A P     1 
ATOM 83  O OP1   . DA A 1 5  ? -14.86072 -20.53619 -6.25908  1.000 542.78593 ? 105 DA A OP1   1 
ATOM 84  O OP2   . DA A 1 5  ? -13.87069 -18.65547 -5.08848  1.000 472.36767 ? 105 DA A OP2   1 
ATOM 85  O "O5'" . DA A 1 5  ? -12.35475 -20.55252 -5.62704  1.000 498.48038 ? 105 DA A "O5'" 1 
ATOM 86  C "C5'" . DA A 1 5  ? -12.36033 -21.27003 -4.34798  1.000 520.85016 ? 105 DA A "C5'" 1 
ATOM 87  C "C4'" . DA A 1 5  ? -10.97001 -21.31974 -3.66221  1.000 498.07591 ? 105 DA A "C4'" 1 
ATOM 88  O "O4'" . DA A 1 5  ? -9.93467  -21.67743 -4.61959  1.000 486.71859 ? 105 DA A "O4'" 1 
ATOM 89  C "C3'" . DA A 1 5  ? -10.49238 -20.02472 -2.96491  1.000 459.53047 ? 105 DA A "C3'" 1 
ATOM 90  O "O3'" . DA A 1 5  ? -10.04486 -20.27253 -1.59558  1.000 460.47578 ? 105 DA A "O3'" 1 
ATOM 91  C "C2'" . DA A 1 5  ? -9.33922  -19.54233 -3.83395  1.000 426.31259 ? 105 DA A "C2'" 1 
ATOM 92  C "C1'" . DA A 1 5  ? -8.81718  -20.81036 -4.49155  1.000 445.28003 ? 105 DA A "C1'" 1 
ATOM 93  N N9    . DA A 1 5  ? -8.34411  -20.52509 -5.81943  1.000 430.05142 ? 105 DA A N9    1 
ATOM 94  C C8    . DA A 1 5  ? -9.11587  -20.02017 -6.81541  1.000 425.70948 ? 105 DA A C8    1 
ATOM 95  N N7    . DA A 1 5  ? -8.48713  -19.80976 -7.92105  1.000 411.39992 ? 105 DA A N7    1 
ATOM 96  C C5    . DA A 1 5  ? -7.19562  -20.19582 -7.64796  1.000 406.59164 ? 105 DA A C5    1 
ATOM 97  C C6    . DA A 1 5  ? -6.07601  -20.20372 -8.43915  1.000 393.25859 ? 105 DA A C6    1 
ATOM 98  N N6    . DA A 1 5  ? -6.09661  -19.81228 -9.69589  1.000 380.42620 ? 105 DA A N6    1 
ATOM 99  N N1    . DA A 1 5  ? -4.93028  -20.64025 -7.89920  1.000 393.18259 ? 105 DA A N1    1 
ATOM 100 C C2    . DA A 1 5  ? -4.90435  -21.00355 -6.60756  1.000 405.18137 ? 105 DA A C2    1 
ATOM 101 N N3    . DA A 1 5  ? -5.93772  -21.08444 -5.75971  1.000 417.84728 ? 105 DA A N3    1 
ATOM 102 C C4    . DA A 1 5  ? -7.07276  -20.63220 -6.35583  1.000 418.05730 ? 105 DA A C4    1 
ATOM 103 P P     . DG A 1 6  ? -9.35685  -19.09837 -0.71592  1.000 737.26288 ? 106 DG A P     1 
ATOM 104 O OP1   . DG A 1 6  ? -9.55187  -19.42640 0.71100   1.000 751.77847 ? 106 DG A OP1   1 
ATOM 105 O OP2   . DG A 1 6  ? -9.82572  -17.78457 -1.20388  1.000 712.91608 ? 106 DG A OP2   1 
ATOM 106 O "O5'" . DG A 1 6  ? -7.79499  -19.24177 -1.03551  1.000 714.25726 ? 106 DG A "O5'" 1 
ATOM 107 C "C5'" . DG A 1 6  ? -7.19611  -20.53658 -1.06125  1.000 732.44683 ? 106 DG A "C5'" 1 
ATOM 108 C "C4'" . DG A 1 6  ? -5.73653  -20.45949 -1.46028  1.000 709.59904 ? 106 DG A "C4'" 1 
ATOM 109 O "O4'" . DG A 1 6  ? -5.61299  -20.21137 -2.89242  1.000 702.45553 ? 106 DG A "O4'" 1 
ATOM 110 C "C3'" . DG A 1 6  ? -4.95188  -19.35823 -0.77281  1.000 671.54681 ? 106 DG A "C3'" 1 
ATOM 111 O "O3'" . DG A 1 6  ? -3.67039  -19.83803 -0.44994  1.000 665.48302 ? 106 DG A "O3'" 1 
ATOM 112 C "C2'" . DG A 1 6  ? -4.89380  -18.27293 -1.84364  1.000 645.25340 ? 106 DG A "C2'" 1 
ATOM 113 C "C1'" . DG A 1 6  ? -4.75312  -19.10994 -3.10568  1.000 663.18238 ? 106 DG A "C1'" 1 
ATOM 114 N N9    . DG A 1 6  ? -5.19677  -18.41325 -4.31953  1.000 653.48793 ? 106 DG A N9    1 
ATOM 115 C C8    . DG A 1 6  ? -6.44779  -17.89158 -4.52271  1.000 661.16512 ? 106 DG A C8    1 
ATOM 116 N N7    . DG A 1 6  ? -6.60018  -17.32441 -5.68081  1.000 650.77764 ? 106 DG A N7    1 
ATOM 117 C C5    . DG A 1 6  ? -5.37341  -17.47820 -6.30770  1.000 635.03007 ? 106 DG A C5    1 
ATOM 118 C C6    . DG A 1 6  ? -4.97156  -17.05636 -7.58732  1.000 618.80453 ? 106 DG A C6    1 
ATOM 119 O O6    . DG A 1 6  ? -5.64128  -16.44323 -8.42160  1.000 614.39719 ? 106 DG A O6    1 
ATOM 120 N N1    . DG A 1 6  ? -3.65241  -17.40197 -7.86222  1.000 607.32425 ? 106 DG A N1    1 
ATOM 121 C C2    . DG A 1 6  ? -2.81133  -18.06711 -7.00411  1.000 611.17415 ? 106 DG A C2    1 
ATOM 122 N N2    . DG A 1 6  ? -1.55934  -18.29950 -7.46132  1.000 599.22146 ? 106 DG A N2    1 
ATOM 123 N N3    . DG A 1 6  ? -3.17657  -18.48078 -5.77847  1.000 626.32461 ? 106 DG A N3    1 
ATOM 124 C C4    . DG A 1 6  ? -4.48068  -18.14612 -5.49705  1.000 636.95423 ? 106 DG A C4    1 
ATOM 125 P P     . DC A 1 7  ? -2.65296  -18.91382 0.37238   1.000 696.87705 ? 107 DC A P     1 
ATOM 126 O OP1   . DC A 1 7  ? -1.52498  -19.79135 0.76478   1.000 703.70622 ? 107 DC A OP1   1 
ATOM 127 O OP2   . DC A 1 7  ? -3.46075  -18.25285 1.42782   1.000 688.85647 ? 107 DC A OP2   1 
ATOM 128 O "O5'" . DC A 1 7  ? -2.14948  -17.80717 -0.70600  1.000 665.91559 ? 107 DC A "O5'" 1 
ATOM 129 C "C5'" . DC A 1 7  ? -1.44333  -18.21883 -1.91974  1.000 669.80310 ? 107 DC A "C5'" 1 
ATOM 130 C "C4'" . DC A 1 7  ? -1.42901  -17.13585 -3.03146  1.000 637.86365 ? 107 DC A "C4'" 1 
ATOM 131 O "O4'" . DC A 1 7  ? -2.77820  -16.79312 -3.48275  1.000 644.06243 ? 107 DC A "O4'" 1 
ATOM 132 C "C3'" . DC A 1 7  ? -0.73448  -15.79286 -2.70817  1.000 600.19914 ? 107 DC A "C3'" 1 
ATOM 133 O "O3'" . DC A 1 7  ? 0.41904   -15.58638 -3.60088  1.000 577.20390 ? 107 DC A "O3'" 1 
ATOM 134 C "C2'" . DC A 1 7  ? -1.85809  -14.74209 -2.96152  1.000 588.52926 ? 107 DC A "C2'" 1 
ATOM 135 C "C1'" . DC A 1 7  ? -2.73215  -15.47647 -3.97813  1.000 610.28022 ? 107 DC A "C1'" 1 
ATOM 136 N N1    . DC A 1 7  ? -4.18907  -14.90484 -4.23430  1.000 617.03862 ? 107 DC A N1    1 
ATOM 137 C C2    . DC A 1 7  ? -4.46834  -14.18745 -5.42206  1.000 605.55750 ? 107 DC A C2    1 
ATOM 138 O O2    . DC A 1 7  ? -3.55621  -13.91979 -6.16501  1.000 587.90219 ? 107 DC A O2    1 
ATOM 139 N N3    . DC A 1 7  ? -5.70535  -13.68410 -5.63280  1.000 612.23510 ? 107 DC A N3    1 
ATOM 140 C C4    . DC A 1 7  ? -6.67263  -13.92540 -4.76388  1.000 631.01285 ? 107 DC A C4    1 
ATOM 141 N N4    . DC A 1 7  ? -7.88402  -13.43225 -5.03631  1.000 638.41883 ? 107 DC A N4    1 
ATOM 142 C C5    . DC A 1 7  ? -6.44186  -14.68520 -3.57142  1.000 643.64636 ? 107 DC A C5    1 
ATOM 143 C C6    . DC A 1 7  ? -5.19782  -15.15300 -3.34972  1.000 635.75816 ? 107 DC A C6    1 
ATOM 144 P P     . DC A 1 8  ? 1.88903   -16.16281 -3.25513  1.000 634.14293 ? 108 DC A P     1 
ATOM 145 O OP1   . DC A 1 8  ? 1.78487   -17.58372 -2.87299  1.000 669.72236 ? 108 DC A OP1   1 
ATOM 146 O OP2   . DC A 1 8  ? 2.58427   -15.19779 -2.37111  1.000 606.71754 ? 108 DC A OP2   1 
ATOM 147 O "O5'" . DC A 1 8  ? 2.64590   -16.14319 -4.65538  1.000 624.15464 ? 108 DC A "O5'" 1 
ATOM 148 C "C5'" . DC A 1 8  ? 3.60480   -15.14773 -4.91618  1.000 590.69766 ? 108 DC A "C5'" 1 
ATOM 149 C "C4'" . DC A 1 8  ? 3.73666   -14.93016 -6.40326  1.000 582.51831 ? 108 DC A "C4'" 1 
ATOM 150 O "O4'" . DC A 1 8  ? 2.56945   -15.49289 -7.07564  1.000 606.63094 ? 108 DC A "O4'" 1 
ATOM 151 C "C3'" . DC A 1 8  ? 3.78628   -13.47111 -6.83947  1.000 547.09993 ? 108 DC A "C3'" 1 
ATOM 152 O "O3'" . DC A 1 8  ? 5.15285   -12.97226 -6.80040  1.000 524.37787 ? 108 DC A "O3'" 1 
ATOM 153 C "C2'" . DC A 1 8  ? 3.25771   -13.59218 -8.26192  1.000 552.36234 ? 108 DC A "C2'" 1 
ATOM 154 C "C1'" . DC A 1 8  ? 2.12242   -14.59579 -8.07547  1.000 588.73691 ? 108 DC A "C1'" 1 
ATOM 155 N N1    . DC A 1 8  ? 0.87077   -13.96361 -7.59784  1.000 588.73780 ? 108 DC A N1    1 
ATOM 156 C C2    . DC A 1 8  ? 0.16811   -13.07754 -8.41812  1.000 575.88846 ? 108 DC A C2    1 
ATOM 157 O O2    . DC A 1 8  ? 0.56954   -12.83361 -9.53874  1.000 563.72945 ? 108 DC A O2    1 
ATOM 158 N N3    . DC A 1 8  ? -0.94796  -12.49803 -7.94355  1.000 578.08068 ? 108 DC A N3    1 
ATOM 159 C C4    . DC A 1 8  ? -1.36855  -12.76135 -6.73927  1.000 590.45985 ? 108 DC A C4    1 
ATOM 160 N N4    . DC A 1 8  ? -2.49532  -12.16591 -6.32381  1.000 593.04146 ? 108 DC A N4    1 
ATOM 161 C C5    . DC A 1 8  ? -0.68317  -13.66984 -5.88987  1.000 603.16233 ? 108 DC A C5    1 
ATOM 162 C C6    . DC A 1 8  ? 0.42329   -14.23704 -6.35050  1.000 602.03199 ? 108 DC A C6    1 
ATOM 163 P P     . DT A 1 9  ? 5.49363   -11.44595 -6.39190  1.000 426.55838 ? 109 DT A P     1 
ATOM 164 O OP1   . DT A 1 9  ? 6.93226   -11.37443 -6.05966  1.000 411.32349 ? 109 DT A OP1   1 
ATOM 165 O OP2   . DT A 1 9  ? 4.46836   -10.92828 -5.45197  1.000 427.78248 ? 109 DT A OP2   1 
ATOM 166 O "O5'" . DT A 1 9  ? 5.40626   -10.65918 -7.76344  1.000 412.03271 ? 109 DT A "O5'" 1 
ATOM 167 C "C5'" . DT A 1 9  ? 5.79810   -11.30557 -8.94515  1.000 413.18362 ? 109 DT A "C5'" 1 
ATOM 168 C "C4'" . DT A 1 9  ? 4.92169   -10.83056 -10.05692 1.000 409.67494 ? 109 DT A "C4'" 1 
ATOM 169 O "O4'" . DT A 1 9  ? 3.56935   -11.01030 -9.64834  1.000 430.09551 ? 109 DT A "O4'" 1 
ATOM 170 C "C3'" . DT A 1 9  ? 5.07312   -9.35778  -10.31028 1.000 377.96433 ? 109 DT A "C3'" 1 
ATOM 171 O "O3'" . DT A 1 9  ? 5.94139   -9.18116  -11.37998 1.000 360.80380 ? 109 DT A "O3'" 1 
ATOM 172 C "C2'" . DT A 1 9  ? 3.65830   -8.83650  -10.59024 1.000 382.70903 ? 109 DT A "C2'" 1 
ATOM 173 C "C1'" . DT A 1 9  ? 2.76441   -9.96435  -10.11049 1.000 418.20622 ? 109 DT A "C1'" 1 
ATOM 174 N N1    . DT A 1 9  ? 1.76877   -9.66312  -9.03530  1.000 427.43175 ? 109 DT A N1    1 
ATOM 175 C C2    . DT A 1 9  ? 0.72918   -8.80951  -9.28165  1.000 422.33085 ? 109 DT A C2    1 
ATOM 176 O O2    . DT A 1 9  ? 0.60717   -8.18196  -10.31549 1.000 408.60208 ? 109 DT A O2    1 
ATOM 177 N N3    . DT A 1 9  ? -0.16356  -8.69408  -8.25637  1.000 433.59251 ? 109 DT A N3    1 
ATOM 178 C C4    . DT A 1 9  ? -0.13963  -9.35143  -7.04857  1.000 447.99212 ? 109 DT A C4    1 
ATOM 179 O O4    . DT A 1 9  ? -0.99230  -9.16996  -6.19349  1.000 456.87787 ? 109 DT A O4    1 
ATOM 180 C C5    . DT A 1 9  ? 0.96434   -10.24733 -6.86127  1.000 451.15537 ? 109 DT A C5    1 
ATOM 181 C C7    . DT A 1 9  ? 1.11446   -11.00059 -5.58089  1.000 464.57004 ? 109 DT A C7    1 
ATOM 182 C C6    . DT A 1 9  ? 1.84266   -10.37303 -7.85759  1.000 441.47000 ? 109 DT A C6    1 
ATOM 183 P P     . DG A 1 10 ? 7.46269   -8.85049  -11.04093 1.000 355.95250 ? 110 DG A P     1 
ATOM 184 O OP1   . DG A 1 10 ? 8.06430   -8.20645  -12.21397 1.000 334.05373 ? 110 DG A OP1   1 
ATOM 185 O OP2   . DG A 1 10 ? 8.10408   -10.08645 -10.53840 1.000 376.47142 ? 110 DG A OP2   1 
ATOM 186 O "O5'" . DG A 1 10 ? 7.30659   -7.75053  -9.89082  1.000 339.45981 ? 110 DG A "O5'" 1 
ATOM 187 C "C5'" . DG A 1 10 ? 7.50904   -6.34335  -10.18825 1.000 309.24152 ? 110 DG A "C5'" 1 
ATOM 188 C "C4'" . DG A 1 10 ? 6.26702   -5.69828  -10.80283 1.000 303.36378 ? 110 DG A "C4'" 1 
ATOM 189 O "O4'" . DG A 1 10 ? 5.10091   -6.36775  -10.29841 1.000 327.13565 ? 110 DG A "O4'" 1 
ATOM 190 C "C3'" . DG A 1 10 ? 6.06612   -4.19345  -10.49059 1.000 282.62821 ? 110 DG A "C3'" 1 
ATOM 191 O "O3'" . DG A 1 10 ? 5.66674   -3.43047  -11.69333 1.000 275.84013 ? 110 DG A "O3'" 1 
ATOM 192 C "C2'" . DG A 1 10 ? 4.95310   -4.21158  -9.45351  1.000 295.15842 ? 110 DG A "C2'" 1 
ATOM 193 C "C1'" . DG A 1 10 ? 4.16111   -5.43297  -9.86725  1.000 320.17294 ? 110 DG A "C1'" 1 
ATOM 194 N N9    . DG A 1 10 ? 3.41311   -6.01538  -8.78091  1.000 343.70869 ? 110 DG A N9    1 
ATOM 195 C C8    . DG A 1 10 ? 3.82176   -7.00289  -7.91673  1.000 361.83756 ? 110 DG A C8    1 
ATOM 196 N N7    . DG A 1 10 ? 2.92192   -7.32137  -7.02869  1.000 381.64830 ? 110 DG A N7    1 
ATOM 197 C C5    . DG A 1 10 ? 1.85864   -6.47405  -7.32114  1.000 376.98552 ? 110 DG A C5    1 
ATOM 198 C C6    . DG A 1 10 ? 0.60399   -6.34801  -6.69009  1.000 392.36610 ? 110 DG A C6    1 
ATOM 199 O O6    . DG A 1 10 ? 0.14714   -6.95598  -5.72353  1.000 413.48101 ? 110 DG A O6    1 
ATOM 200 N N1    . DG A 1 10 ? -0.16499  -5.37995  -7.31316  1.000 380.47161 ? 110 DG A N1    1 
ATOM 201 C C2    . DG A 1 10 ? 0.22623   -4.62529  -8.38424  1.000 356.31742 ? 110 DG A C2    1 
ATOM 202 N N2    . DG A 1 10 ? -0.66067  -3.73497  -8.83506  1.000 349.74707 ? 110 DG A N2    1 
ATOM 203 N N3    . DG A 1 10 ? 1.39855   -4.72813  -8.97602  1.000 341.61492 ? 110 DG A N3    1 
ATOM 204 C C4    . DG A 1 10 ? 2.16108   -5.67577  -8.38832  1.000 353.25335 ? 110 DG A C4    1 
ATOM 205 P P     . DT A 1 11 ? 6.28824   -1.95700  -12.04230 1.000 246.03523 ? 111 DT A P     1 
ATOM 206 O OP1   . DT A 1 11 ? 6.14068   -1.64102  -13.49266 1.000 249.27627 ? 111 DT A OP1   1 
ATOM 207 O OP2   . DT A 1 11 ? 7.62465   -1.86642  -11.43076 1.000 241.28119 ? 111 DT A OP2   1 
ATOM 208 O "O5'" . DT A 1 11 ? 5.37519   -0.90703  -11.23982 1.000 233.85741 ? 111 DT A "O5'" 1 
ATOM 209 C "C5'" . DT A 1 11 ? 3.96751   -1.08662  -11.17198 1.000 240.88716 ? 111 DT A "C5'" 1 
ATOM 210 C "C4'" . DT A 1 11 ? 3.24131   0.16043   -10.66595 1.000 238.33901 ? 111 DT A "C4'" 1 
ATOM 211 O "O4'" . DT A 1 11 ? 2.26583   -0.25910  -9.68534  1.000 254.97859 ? 111 DT A "O4'" 1 
ATOM 212 C "C3'" . DT A 1 11 ? 4.08619   1.20064   -9.92820  1.000 225.41097 ? 111 DT A "C3'" 1 
ATOM 213 O "O3'" . DT A 1 11 ? 3.35456   2.45170   -9.84085  1.000 222.80522 ? 111 DT A "O3'" 1 
ATOM 214 C "C2'" . DT A 1 11 ? 4.18132   0.54342   -8.56072  1.000 233.95566 ? 111 DT A "C2'" 1 
ATOM 215 C "C1'" . DT A 1 11 ? 2.73294   0.08148   -8.39650  1.000 253.04527 ? 111 DT A "C1'" 1 
ATOM 216 N N1    . DT A 1 11 ? 2.51984   -1.08915  -7.46990  1.000 269.13514 ? 111 DT A N1    1 
ATOM 217 C C2    . DT A 1 11 ? 1.27861   -1.24282  -6.91261  1.000 285.79264 ? 111 DT A C2    1 
ATOM 218 O O2    . DT A 1 11 ? 0.35870   -0.47834  -7.14409  1.000 284.79702 ? 111 DT A O2    1 
ATOM 219 N N3    . DT A 1 11 ? 1.14179   -2.31723  -6.06612  1.000 305.30936 ? 111 DT A N3    1 
ATOM 220 C C4    . DT A 1 11 ? 2.11031   -3.24469  -5.73248  1.000 311.54887 ? 111 DT A C4    1 
ATOM 221 O O4    . DT A 1 11 ? 1.88052   -4.17691  -4.95743  1.000 331.50750 ? 111 DT A O4    1 
ATOM 222 C C5    . DT A 1 11 ? 3.40886   -3.03117  -6.35786  1.000 292.96160 ? 111 DT A C5    1 
ATOM 223 C C7    . DT A 1 11 ? 4.54769   -3.96455  -6.07088  1.000 298.01076 ? 111 DT A C7    1 
ATOM 224 C C6    . DT A 1 11 ? 3.54940   -1.97332  -7.18891  1.000 272.19616 ? 111 DT A C6    1 
ATOM 225 P P     . DA A 1 12 ? 3.80941   3.75496   -10.66565 1.000 322.16258 ? 112 DA A P     1 
ATOM 226 O OP1   . DA A 1 12 ? 3.66159   3.51109   -12.11190 1.000 317.09201 ? 112 DA A OP1   1 
ATOM 227 O OP2   . DA A 1 12 ? 5.12861   4.20233   -10.20439 1.000 311.93187 ? 112 DA A OP2   1 
ATOM 228 O "O5'" . DA A 1 12 ? 2.75722   4.85468   -10.20529 1.000 332.63449 ? 112 DA A "O5'" 1 
ATOM 229 C "C5'" . DA A 1 12 ? 1.37944   4.65610   -10.44588 1.000 343.17544 ? 112 DA A "C5'" 1 
ATOM 230 C "C4'" . DA A 1 12 ? 0.57768   5.35468   -9.38733  1.000 347.82779 ? 112 DA A "C4'" 1 
ATOM 231 O "O4'" . DA A 1 12 ? 0.34249   4.42640   -8.31329  1.000 358.17813 ? 112 DA A "O4'" 1 
ATOM 232 C "C3'" . DA A 1 12 ? 1.29135   6.55435   -8.80236  1.000 336.92798 ? 112 DA A "C3'" 1 
ATOM 233 O "O3'" . DA A 1 12 ? 0.48441   7.73119   -8.81440  1.000 336.18227 ? 112 DA A "O3'" 1 
ATOM 234 C "C2'" . DA A 1 12 ? 1.69216   6.14054   -7.40369  1.000 343.32704 ? 112 DA A "C2'" 1 
ATOM 235 C "C1'" . DA A 1 12 ? 0.84511   4.91686   -7.10688  1.000 365.12376 ? 112 DA A "C1'" 1 
ATOM 236 N N9    . DA A 1 12 ? 1.60267   3.89656   -6.43964  1.000 361.61879 ? 112 DA A N9    1 
ATOM 237 C C8    . DA A 1 12 ? 2.84352   3.49008   -6.77818  1.000 347.98704 ? 112 DA A C8    1 
ATOM 238 N N7    . DA A 1 12 ? 3.34015   2.58336   -5.98226  1.000 354.12140 ? 112 DA A N7    1 
ATOM 239 C C5    . DA A 1 12 ? 2.36074   2.38925   -5.03502  1.000 373.14392 ? 112 DA A C5    1 
ATOM 240 C C6    . DA A 1 12 ? 2.28837   1.54437   -3.91313  1.000 393.65685 ? 112 DA A C6    1 
ATOM 241 N N6    . DA A 1 12 ? 3.27138   0.70562   -3.54721  1.000 386.41389 ? 112 DA A N6    1 
ATOM 242 N N1    . DA A 1 12 ? 1.16959   1.59435   -3.17570  1.000 405.65618 ? 112 DA A N1    1 
ATOM 243 C C2    . DA A 1 12 ? 0.18313   2.41966   -3.54385  1.000 410.46209 ? 112 DA A C2    1 
ATOM 244 N N3    . DA A 1 12 ? 0.13974   3.27048   -4.57331  1.000 397.92090 ? 112 DA A N3    1 
ATOM 245 C C4    . DA A 1 12 ? 1.27070   3.19202   -5.29764  1.000 386.02615 ? 112 DA A C4    1 
ATOM 246 P P     . DC A 1 13 ? -1.07517  7.71470   -8.46269  1.000 329.27497 ? 113 DC A P     1 
ATOM 247 O OP1   . DC A 1 13 ? -1.83236  7.17740   -9.60560  1.000 336.85927 ? 113 DC A OP1   1 
ATOM 248 O OP2   . DC A 1 13 ? -1.37875  9.10536   -8.08496  1.000 327.87238 ? 113 DC A OP2   1 
ATOM 249 O "O5'" . DC A 1 13 ? -1.15915  6.81283   -7.16288  1.000 340.45049 ? 113 DC A "O5'" 1 
ATOM 250 C "C5'" . DC A 1 13 ? -2.31219  6.11440   -6.84568  1.000 357.59260 ? 113 DC A "C5'" 1 
ATOM 251 C "C4'" . DC A 1 13 ? -2.96383  6.77141   -5.66426  1.000 373.81106 ? 113 DC A "C4'" 1 
ATOM 252 O "O4'" . DC A 1 13 ? -2.53240  6.13697   -4.43490  1.000 392.35844 ? 113 DC A "O4'" 1 
ATOM 253 C "C3'" . DC A 1 13 ? -2.62606  8.23221   -5.52250  1.000 367.75078 ? 113 DC A "C3'" 1 
ATOM 254 O "O3'" . DC A 1 13 ? -3.71035  8.89499   -5.04261  1.000 385.22362 ? 113 DC A "O3'" 1 
ATOM 255 C "C2'" . DC A 1 13 ? -1.48524  8.24304   -4.51931  1.000 362.78431 ? 113 DC A "C2'" 1 
ATOM 256 C "C1'" . DC A 1 13 ? -1.75744  7.01367   -3.65702  1.000 378.61846 ? 113 DC A "C1'" 1 
ATOM 257 N N1    . DC A 1 13 ? -0.53657  6.32502   -3.36426  1.000 369.51769 ? 113 DC A N1    1 
ATOM 258 C C2    . DC A 1 13 ? -0.41007  5.46333   -2.26504  1.000 382.14369 ? 113 DC A C2    1 
ATOM 259 O O2    . DC A 1 13 ? -1.35761  5.28190   -1.49958  1.000 401.46496 ? 113 DC A O2    1 
ATOM 260 N N3    . DC A 1 13 ? 0.78520   4.86753   -2.06503  1.000 372.59801 ? 113 DC A N3    1 
ATOM 261 C C4    . DC A 1 13 ? 1.78562   5.07444   -2.90571  1.000 352.63393 ? 113 DC A C4    1 
ATOM 262 N N4    . DC A 1 13 ? 2.94755   4.45778   -2.68661  1.000 344.60140 ? 113 DC A N4    1 
ATOM 263 C C5    . DC A 1 13 ? 1.65421   5.93864   -4.01259  1.000 340.09371 ? 113 DC A C5    1 
ATOM 264 C C6    . DC A 1 13 ? 0.48918   6.51874   -4.20529  1.000 348.43562 ? 113 DC A C6    1 
ATOM 265 P P     . DG A 1 14 ? -4.03127  10.38649  -5.52049  1.000 367.64459 ? 114 DG A P     1 
ATOM 266 O OP1   . DG A 1 14 ? -4.60140  10.31842  -6.89594  1.000 366.31471 ? 114 DG A OP1   1 
ATOM 267 O OP2   . DG A 1 14 ? -2.79642  11.19037  -5.32668  1.000 361.83370 ? 114 DG A OP2   1 
ATOM 268 O "O5'" . DG A 1 14 ? -5.10695  10.84053  -4.40268  1.000 400.50014 ? 114 DG A "O5'" 1 
ATOM 269 C "C5'" . DG A 1 14 ? -4.64784  11.18396  -3.04977  1.000 397.85787 ? 114 DG A "C5'" 1 
ATOM 270 C "C4'" . DG A 1 14 ? -5.40249  10.43919  -1.93883  1.000 422.06547 ? 114 DG A "C4'" 1 
ATOM 271 O "O4'" . DG A 1 14 ? -4.67200  9.23190   -1.57137  1.000 431.49419 ? 114 DG A "O4'" 1 
ATOM 272 C "C3'" . DG A 1 14 ? -5.52222  11.21568  -0.62980  1.000 452.82126 ? 114 DG A "C3'" 1 
ATOM 273 O "O3'" . DG A 1 14 ? -6.64131  10.75865  0.14260   1.000 463.25174 ? 114 DG A "O3'" 1 
ATOM 274 C "C2'" . DG A 1 14 ? -4.20441  10.89319  0.04458   1.000 436.60836 ? 114 DG A "C2'" 1 
ATOM 275 C "C1'" . DG A 1 14 ? -3.94652  9.43894   -0.36363  1.000 426.59414 ? 114 DG A "C1'" 1 
ATOM 276 N N9    . DG A 1 14 ? -2.55729  9.23610   -0.66303  1.000 408.04373 ? 114 DG A N9    1 
ATOM 277 C C8    . DG A 1 14 ? -1.87440  9.96534   -1.57544  1.000 390.70973 ? 114 DG A C8    1 
ATOM 278 N N7    . DG A 1 14 ? -0.64736  9.63762   -1.68616  1.000 377.91521 ? 114 DG A N7    1 
ATOM 279 C C5    . DG A 1 14 ? -0.47815  8.62234   -0.78327  1.000 385.52808 ? 114 DG A C5    1 
ATOM 280 C C6    . DG A 1 14 ? 0.67179   7.92031   -0.50897  1.000 376.81883 ? 114 DG A C6    1 
ATOM 281 O O6    . DG A 1 14 ? 1.75682   8.09297   -1.03536  1.000 369.43169 ? 114 DG A O6    1 
ATOM 282 N N1    . DG A 1 14 ? 0.48625   6.97028   0.45096   1.000 387.33430 ? 114 DG A N1    1 
ATOM 283 C C2    . DG A 1 14 ? -0.69305  6.71822   1.08950   1.000 405.26120 ? 114 DG A C2    1 
ATOM 284 N N2    . DG A 1 14 ? -0.63722  5.75481   2.01364   1.000 422.56510 ? 114 DG A N2    1 
ATOM 285 N N3    . DG A 1 14 ? -1.83190  7.39475   0.84718   1.000 415.22433 ? 114 DG A N3    1 
ATOM 286 C C4    . DG A 1 14 ? -1.63606  8.34137   -0.11704  1.000 404.01910 ? 114 DG A C4    1 
ATOM 287 P P     . DG A 1 15 ? -6.55689  10.58532  1.74971   1.000 525.73358 ? 115 DG A P     1 
ATOM 288 O OP1   . DG A 1 15 ? -7.94416  10.32410  2.18905   1.000 555.42733 ? 115 DG A OP1   1 
ATOM 289 O OP2   . DG A 1 15 ? -5.80833  11.69101  2.39381   1.000 527.16057 ? 115 DG A OP2   1 
ATOM 290 O "O5'" . DG A 1 15 ? -5.75508  9.21548   1.94305   1.000 519.61916 ? 115 DG A "O5'" 1 
ATOM 291 C "C5'" . DG A 1 15 ? -5.95552  8.41435   3.08752   1.000 533.00587 ? 115 DG A "C5'" 1 
ATOM 292 C "C4'" . DG A 1 15 ? -4.68802  8.35971   3.90047   1.000 526.98991 ? 115 DG A "C4'" 1 
ATOM 293 O "O4'" . DG A 1 15 ? -3.56826  8.49462   3.00497   1.000 503.82959 ? 115 DG A "O4'" 1 
ATOM 294 C "C3'" . DG A 1 15 ? -4.54294  9.49826   4.90283   1.000 542.55330 ? 115 DG A "C3'" 1 
ATOM 295 O "O3'" . DG A 1 15 ? -4.95037  9.09267   6.25220   1.000 561.90323 ? 115 DG A "O3'" 1 
ATOM 296 C "C2'" . DG A 1 15 ? -3.06358  9.89628   4.82365   1.000 538.02471 ? 115 DG A "C2'" 1 
ATOM 297 C "C1'" . DG A 1 15 ? -2.49090  8.98280   3.73577   1.000 502.57041 ? 115 DG A "C1'" 1 
ATOM 298 N N9    . DG A 1 15 ? -1.59820  9.69033   2.84536   1.000 494.04410 ? 115 DG A N9    1 
ATOM 299 C C8    . DG A 1 15 ? -1.87212  10.79009  2.09450   1.000 479.42348 ? 115 DG A C8    1 
ATOM 300 N N7    . DG A 1 15 ? -0.85045  11.21962  1.42312   1.000 459.74980 ? 115 DG A N7    1 
ATOM 301 C C5    . DG A 1 15 ? 0.16515   10.35444  1.79408   1.000 450.99215 ? 115 DG A C5    1 
ATOM 302 C C6    . DG A 1 15 ? 1.50181   10.32079  1.40553   1.000 431.11645 ? 115 DG A C6    1 
ATOM 303 O O6    . DG A 1 15 ? 2.08389   11.06488  0.63168   1.000 425.05446 ? 115 DG A O6    1 
ATOM 304 N N1    . DG A 1 15 ? 2.18393   9.27529   2.01682   1.000 428.73226 ? 115 DG A N1    1 
ATOM 305 C C2    . DG A 1 15 ? 1.63626   8.37546   2.88310   1.000 442.99895 ? 115 DG A C2    1 
ATOM 306 N N2    . DG A 1 15 ? 2.44286   7.43963   3.38619   1.000 437.82696 ? 115 DG A N2    1 
ATOM 307 N N3    . DG A 1 15 ? 0.38590   8.40716   3.24242   1.000 461.44656 ? 115 DG A N3    1 
ATOM 308 C C4    . DG A 1 15 ? -0.28842  9.41399   2.67066   1.000 464.76423 ? 115 DG A C4    1 
ATOM 309 P P     . DA A 1 16 ? -4.56575  7.65654   6.88376   1.000 713.23274 ? 116 DA A P     1 
ATOM 310 O OP1   . DA A 1 16 ? -5.42845  6.60971   6.30189   1.000 711.70517 ? 116 DA A OP1   1 
ATOM 311 O OP2   . DA A 1 16 ? -4.60121  7.82372   8.35291   1.000 736.11581 ? 116 DA A OP2   1 
ATOM 312 O "O5'" . DA A 1 16 ? -3.04230  7.41433   6.44559   1.000 691.31639 ? 116 DA A "O5'" 1 
ATOM 313 C "C5'" . DA A 1 16 ? -2.59563  6.11753   6.00410   1.000 683.25634 ? 116 DA A "C5'" 1 
ATOM 314 C "C4'" . DA A 1 16 ? -1.47812  5.56838   6.89062   1.000 678.41275 ? 116 DA A "C4'" 1 
ATOM 315 O "O4'" . DA A 1 16 ? -0.18384  6.05171   6.44383   1.000 656.97339 ? 116 DA A "O4'" 1 
ATOM 316 C "C3'" . DA A 1 16 ? -1.55033  5.97025   8.34125   1.000 700.23580 ? 116 DA A "C3'" 1 
ATOM 317 O "O3'" . DA A 1 16 ? -0.84906  5.04295   9.10769   1.000 702.80579 ? 116 DA A "O3'" 1 
ATOM 318 C "C2'" . DA A 1 16 ? -0.82421  7.30730   8.33071   1.000 694.62007 ? 116 DA A "C2'" 1 
ATOM 319 C "C1'" . DA A 1 16 ? 0.30542   7.02289   7.35568   1.000 666.59027 ? 116 DA A "C1'" 1 
ATOM 320 N N9    . DA A 1 16 ? 0.68102   8.18495   6.59082   1.000 656.38983 ? 116 DA A N9    1 
ATOM 321 C C8    . DA A 1 16 ? -0.16289  9.08630   6.02530   1.000 671.81582 ? 116 DA A C8    1 
ATOM 322 N N7    . DA A 1 16 ? 0.44242   10.04408  5.38133   1.000 649.33257 ? 116 DA A N7    1 
ATOM 323 C C5    . DA A 1 16 ? 1.77892   9.73824   5.52786   1.000 637.04178 ? 116 DA A C5    1 
ATOM 324 C C6    . DA A 1 16 ? 2.92946   10.36537  5.06883   1.000 631.38286 ? 116 DA A C6    1 
ATOM 325 N N6    . DA A 1 16 ? 2.89789   11.47957  4.34323   1.000 616.02217 ? 116 DA A N6    1 
ATOM 326 N N1    . DA A 1 16 ? 4.11758   9.82003   5.40632   1.000 613.46552 ? 116 DA A N1    1 
ATOM 327 C C2    . DA A 1 16 ? 4.12920   8.70021   6.12851   1.000 619.64145 ? 116 DA A C2    1 
ATOM 328 N N3    . DA A 1 16 ? 3.10258   8.01689   6.61284   1.000 633.40093 ? 116 DA A N3    1 
ATOM 329 C C4    . DA A 1 16 ? 1.94548   8.59594   6.27098   1.000 641.44692 ? 116 DA A C4    1 
ATOM 330 P P     . DC A 1 17 ? -0.55752  5.36978   10.64389  1.000 709.87717 ? 117 DC A P     1 
ATOM 331 O OP1   . DC A 1 17 ? -0.37283  4.07844   11.33108  1.000 713.48190 ? 117 DC A OP1   1 
ATOM 332 O OP2   . DC A 1 17 ? -1.62026  6.29991   11.09411  1.000 716.27608 ? 117 DC A OP2   1 
ATOM 333 O "O5'" . DC A 1 17 ? 0.82969   6.16833   10.62386  1.000 704.81768 ? 117 DC A "O5'" 1 
ATOM 334 C "C5'" . DC A 1 17 ? 1.97859   5.58426   10.03558  1.000 697.77237 ? 117 DC A "C5'" 1 
ATOM 335 C "C4'" . DC A 1 17 ? 3.17394   6.51620   10.14059  1.000 694.20180 ? 117 DC A "C4'" 1 
ATOM 336 O "O4'" . DC A 1 17 ? 3.05821   7.58721   9.16875   1.000 683.73056 ? 117 DC A "O4'" 1 
ATOM 337 C "C3'" . DC A 1 17 ? 3.35005   7.21862   11.49155  1.000 700.39958 ? 117 DC A "C3'" 1 
ATOM 338 O "O3'" . DC A 1 17 ? 4.75007   7.39124   11.75663  1.000 697.95857 ? 117 DC A "O3'" 1 
ATOM 339 C "C2'" . DC A 1 17 ? 2.69760   8.57867   11.21326  1.000 701.80677 ? 117 DC A "C2'" 1 
ATOM 340 C "C1'" . DC A 1 17 ? 3.28067   8.80483   9.84044   1.000 693.39427 ? 117 DC A "C1'" 1 
ATOM 341 N N1    . DC A 1 17 ? 2.71702   9.93510   9.04182   1.000 704.18366 ? 117 DC A N1    1 
ATOM 342 C C2    . DC A 1 17 ? 3.61021   10.76417  8.37538   1.000 681.89617 ? 117 DC A C2    1 
ATOM 343 O O2    . DC A 1 17 ? 4.81638   10.52043  8.48041   1.000 683.43533 ? 117 DC A O2    1 
ATOM 344 N N3    . DC A 1 17 ? 3.13949   11.78160  7.62869   1.000 688.35176 ? 117 DC A N3    1 
ATOM 345 C C4    . DC A 1 17 ? 1.82614   11.99150  7.54858   1.000 688.37200 ? 117 DC A C4    1 
ATOM 346 N N4    . DC A 1 17 ? 1.40896   13.00775  6.79291   1.000 684.48886 ? 117 DC A N4    1 
ATOM 347 C C5    . DC A 1 17 ? 0.88526   11.15636  8.22879   1.000 697.72852 ? 117 DC A C5    1 
ATOM 348 C C6    . DC A 1 17 ? 1.37184   10.14456  8.95986   1.000 697.71044 ? 117 DC A C6    1 
ATOM 349 P P     . DA A 1 18 ? 5.72317   6.16200   12.14274  1.000 393.25819 ? 118 DA A P     1 
ATOM 350 O OP1   . DA A 1 18 ? 5.69364   5.13022   11.06615  1.000 372.04393 ? 118 DA A OP1   1 
ATOM 351 O OP2   . DA A 1 18 ? 5.39175   5.77112   13.53693  1.000 424.94932 ? 118 DA A OP2   1 
ATOM 352 O "O5'" . DA A 1 18 ? 7.17656   6.88025   12.17868  1.000 390.66961 ? 118 DA A "O5'" 1 
ATOM 353 C "C5'" . DA A 1 18 ? 7.94924   7.00380   10.96200  1.000 363.48445 ? 118 DA A "C5'" 1 
ATOM 354 C "C4'" . DA A 1 18 ? 8.86108   8.25832   10.89543  1.000 353.91288 ? 118 DA A "C4'" 1 
ATOM 355 O "O4'" . DA A 1 18 ? 8.14001   9.45158   10.49436  1.000 350.39045 ? 118 DA A "O4'" 1 
ATOM 356 C "C3'" . DA A 1 18 ? 9.67605   8.65755   12.11774  1.000 378.56365 ? 118 DA A "C3'" 1 
ATOM 357 O "O3'" . DA A 1 18 ? 10.98606  9.03796   11.61789  1.000 362.47123 ? 118 DA A "O3'" 1 
ATOM 358 C "C2'" . DA A 1 18 ? 8.86505   9.85234   12.69110  1.000 405.95852 ? 118 DA A "C2'" 1 
ATOM 359 C "C1'" . DA A 1 18 ? 8.38624   10.52048  11.40632  1.000 368.38487 ? 118 DA A "C1'" 1 
ATOM 360 N N9    . DA A 1 18 ? 7.12199   11.25981  11.44176  1.000 379.88759 ? 118 DA A N9    1 
ATOM 361 C C8    . DA A 1 18 ? 5.92855   10.84578  11.96417  1.000 396.93590 ? 118 DA A C8    1 
ATOM 362 N N7    . DA A 1 18 ? 4.92871   11.66867  11.72091  1.000 405.51930 ? 118 DA A N7    1 
ATOM 363 C C5    . DA A 1 18 ? 5.49654   12.66128  10.94288  1.000 392.74082 ? 118 DA A C5    1 
ATOM 364 C C6    . DA A 1 18 ? 4.97063   13.83550  10.34786  1.000 393.71507 ? 118 DA A C6    1 
ATOM 365 N N6    . DA A 1 18 ? 3.69207   14.21565  10.44697  1.000 408.81388 ? 118 DA A N6    1 
ATOM 366 N N1    . DA A 1 18 ? 5.81560   14.59925  9.62687   1.000 378.78893 ? 118 DA A N1    1 
ATOM 367 C C2    . DA A 1 18 ? 7.08794   14.21942  9.53142   1.000 364.18070 ? 118 DA A C2    1 
ATOM 368 N N3    . DA A 1 18 ? 7.68974   13.14730  10.03554  1.000 361.48865 ? 118 DA A N3    1 
ATOM 369 C C4    . DA A 1 18 ? 6.83713   12.40536  10.74017  1.000 376.54879 ? 118 DA A C4    1 
ATOM 370 P P     . DT A 1 19 ? 12.05355  9.85237   12.49757  1.000 351.66150 ? 119 DT A P     1 
ATOM 371 O OP1   . DT A 1 19 ? 13.35738  9.81621   11.79495  1.000 334.69431 ? 119 DT A OP1   1 
ATOM 372 O OP2   . DT A 1 19 ? 11.99497  9.33419   13.86776  1.000 391.51150 ? 119 DT A OP2   1 
ATOM 373 O "O5'" . DT A 1 19 ? 11.46707  11.33708  12.52480  1.000 341.35290 ? 119 DT A "O5'" 1 
ATOM 374 C "C5'" . DT A 1 19 ? 12.11009  12.35103  11.81957  1.000 330.14536 ? 119 DT A "C5'" 1 
ATOM 375 C "C4'" . DT A 1 19 ? 11.76702  13.71377  12.39012  1.000 362.49201 ? 119 DT A "C4'" 1 
ATOM 376 O "O4'" . DT A 1 19 ? 10.35497  13.92147  12.39814  1.000 361.47415 ? 119 DT A "O4'" 1 
ATOM 377 C "C3'" . DT A 1 19 ? 12.17320  13.96378  13.83178  1.000 390.39600 ? 119 DT A "C3'" 1 
ATOM 378 O "O3'" . DT A 1 19 ? 13.53697  14.45288  13.89329  1.000 391.77929 ? 119 DT A "O3'" 1 
ATOM 379 C "C2'" . DT A 1 19 ? 11.11394  14.98312  14.34103  1.000 416.14206 ? 119 DT A "C2'" 1 
ATOM 380 C "C1'" . DT A 1 19 ? 10.14745  15.07972  13.14546  1.000 393.08236 ? 119 DT A "C1'" 1 
ATOM 381 N N1    . DT A 1 19 ? 8.67640   15.20470  13.44104  1.000 412.34125 ? 119 DT A N1    1 
ATOM 382 C C2    . DT A 1 19 ? 7.96082   16.14431  12.74896  1.000 413.48949 ? 119 DT A C2    1 
ATOM 383 O O2    . DT A 1 19 ? 8.46825   16.90473  11.96353  1.000 400.26699 ? 119 DT A O2    1 
ATOM 384 N N3    . DT A 1 19 ? 6.64037   16.19964  13.03682  1.000 431.44515 ? 119 DT A N3    1 
ATOM 385 C C4    . DT A 1 19 ? 5.95791   15.41161  13.90331  1.000 447.74775 ? 119 DT A C4    1 
ATOM 386 O O4    . DT A 1 19 ? 4.76479   15.54828  14.09015  1.000 463.66047 ? 119 DT A O4    1 
ATOM 387 C C5    . DT A 1 19 ? 6.74402   14.42665  14.59202  1.000 446.04384 ? 119 DT A C5    1 
ATOM 388 C C7    . DT A 1 19 ? 6.08566   13.51156  15.56684  1.000 464.27355 ? 119 DT A C7    1 
ATOM 389 C C6    . DT A 1 19 ? 8.05859   14.35678  14.32427  1.000 440.04070 ? 119 DT A C6    1 
ATOM 390 P P     . DC A 1 20 ? 14.04298  15.77933  13.11432  1.000 372.72512 ? 120 DC A P     1 
ATOM 391 O OP1   . DC A 1 20 ? 13.30091  16.13452  11.90162  1.000 342.64526 ? 120 DC A OP1   1 
ATOM 392 O OP2   . DC A 1 20 ? 15.49702  15.63666  12.92373  1.000 354.63275 ? 120 DC A OP2   1 
ATOM 393 O "O5'" . DC A 1 20 ? 13.78712  16.94074  14.16230  1.000 407.34787 ? 120 DC A "O5'" 1 
ATOM 394 C "C5'" . DC A 1 20 ? 14.10253  18.26682  13.80810  1.000 429.16105 ? 120 DC A "C5'" 1 
ATOM 395 C "C4'" . DC A 1 20 ? 12.98522  18.85242  12.99132  1.000 408.06267 ? 120 DC A "C4'" 1 
ATOM 396 O "O4'" . DC A 1 20 ? 11.75396  18.13435  13.33645  1.000 406.33137 ? 120 DC A "O4'" 1 
ATOM 397 C "C3'" . DC A 1 20 ? 12.71886  20.34741  13.24280  1.000 438.98322 ? 120 DC A "C3'" 1 
ATOM 398 O "O3'" . DC A 1 20 ? 12.77496  21.10597  12.01642  1.000 417.43004 ? 120 DC A "O3'" 1 
ATOM 399 C "C2'" . DC A 1 20 ? 11.30891  20.34985  13.84299  1.000 464.79269 ? 120 DC A "C2'" 1 
ATOM 400 C "C1'" . DC A 1 20 ? 10.71187  19.05507  13.29496  1.000 431.19615 ? 120 DC A "C1'" 1 
ATOM 401 N N1    . DC A 1 20 ? 9.41063   18.57797  14.04386  1.000 445.99332 ? 120 DC A N1    1 
ATOM 402 C C2    . DC A 1 20 ? 8.22475   19.20491  13.68007  1.000 461.89019 ? 120 DC A C2    1 
ATOM 403 O O2    . DC A 1 20 ? 8.28901   20.04865  12.77375  1.000 441.31787 ? 120 DC A O2    1 
ATOM 404 N N3    . DC A 1 20 ? 7.05884   18.87475  14.29453  1.000 465.07292 ? 120 DC A N3    1 
ATOM 405 C C4    . DC A 1 20 ? 7.06235   17.96518  15.26819  1.000 474.79623 ? 120 DC A C4    1 
ATOM 406 N N4    . DC A 1 20 ? 5.89077   17.67456  15.83080  1.000 489.58949 ? 120 DC A N4    1 
ATOM 407 C C5    . DC A 1 20 ? 8.26505   17.29863  15.67587  1.000 469.94669 ? 120 DC A C5    1 
ATOM 408 C C6    . DC A 1 20 ? 9.41668   17.65000  15.05756  1.000 455.34385 ? 120 DC A C6    1 
ATOM 409 P P     . DA A 1 21 ? 13.50357  22.54526  11.93594  1.000 772.20254 ? 121 DA A P     1 
ATOM 410 O OP1   . DA A 1 21 ? 13.84559  22.73669  10.51324  1.000 765.10593 ? 121 DA A OP1   1 
ATOM 411 O OP2   . DA A 1 21 ? 14.57172  22.60936  12.95510  1.000 775.29961 ? 121 DA A OP2   1 
ATOM 412 O "O5'" . DA A 1 21 ? 12.36211  23.63379  12.28778  1.000 780.48262 ? 121 DA A "O5'" 1 
ATOM 413 C "C5'" . DA A 1 21 ? 11.11851  23.62480  11.56936  1.000 780.18857 ? 121 DA A "C5'" 1 
ATOM 414 C "C4'" . DA A 1 21 ? 10.50947  25.02335  11.34423  1.000 785.74106 ? 121 DA A "C4'" 1 
ATOM 415 O "O4'" . DA A 1 21 ? 9.07463   24.89004  11.17916  1.000 789.31359 ? 121 DA A "O4'" 1 
ATOM 416 C "C3'" . DA A 1 21 ? 10.69191  26.07212  12.44169  1.000 794.32031 ? 121 DA A "C3'" 1 
ATOM 417 O "O3'" . DA A 1 21 ? 10.80668  27.36631  11.86185  1.000 796.24618 ? 121 DA A "O3'" 1 
ATOM 418 C "C2'" . DA A 1 21 ? 9.41075   25.98511  13.27195  1.000 802.24693 ? 121 DA A "C2'" 1 
ATOM 419 C "C1'" . DA A 1 21 ? 8.39529   25.28665  12.36279  1.000 810.49445 ? 121 DA A "C1'" 1 
ATOM 420 N N9    . DA A 1 21 ? 7.87214   24.11329  13.03251  1.000 799.28886 ? 121 DA A N9    1 
ATOM 421 C C8    . DA A 1 21 ? 8.62223   23.07205  13.47126  1.000 796.29587 ? 121 DA A C8    1 
ATOM 422 N N7    . DA A 1 21 ? 7.94839   22.15762  14.09685  1.000 798.23454 ? 121 DA A N7    1 
ATOM 423 C C5    . DA A 1 21 ? 6.64526   22.62099  14.08575  1.000 802.67778 ? 121 DA A C5    1 
ATOM 424 C C6    . DA A 1 21 ? 5.46177   22.10579  14.65514  1.000 806.88629 ? 121 DA A C6    1 
ATOM 425 N N6    . DA A 1 21 ? 5.41164   20.92524  15.29435  1.000 820.94238 ? 121 DA A N6    1 
ATOM 426 N N1    . DA A 1 21 ? 4.33625   22.82010  14.49253  1.000 811.21239 ? 121 DA A N1    1 
ATOM 427 C C2    . DA A 1 21 ? 4.40570   24.00271  13.85036  1.000 811.53240 ? 121 DA A C2    1 
ATOM 428 N N3    . DA A 1 21 ? 5.47116   24.60436  13.29961  1.000 808.00303 ? 121 DA A N3    1 
ATOM 429 C C4    . DA A 1 21 ? 6.57584   23.85749  13.47399  1.000 803.57953 ? 121 DA A C4    1 
ATOM 430 P P     . DC B 2 1  ? 10.27029  6.82970   -1.43957  1.000 281.52092 ? 119 DC B P     1 
ATOM 431 O OP1   . DC B 2 1  ? 11.57405  7.44794   -1.73965  1.000 279.32260 ? 119 DC B OP1   1 
ATOM 432 O OP2   . DC B 2 1  ? 10.20369  5.36700   -1.35897  1.000 281.56747 ? 119 DC B OP2   1 
ATOM 433 O "O5'" . DC B 2 1  ? 9.65228   7.37670   -0.06754  1.000 292.49753 ? 119 DC B "O5'" 1 
ATOM 434 C "C5'" . DC B 2 1  ? 10.51464  7.57311   1.04886   1.000 300.26805 ? 119 DC B "C5'" 1 
ATOM 435 C "C4'" . DC B 2 1  ? 9.89431   7.15970   2.39409   1.000 310.89328 ? 119 DC B "C4'" 1 
ATOM 436 O "O4'" . DC B 2 1  ? 8.89835   8.11627   2.82323   1.000 314.10806 ? 119 DC B "O4'" 1 
ATOM 437 C "C3'" . DC B 2 1  ? 9.26056   5.78684   2.49224   1.000 312.36400 ? 119 DC B "C3'" 1 
ATOM 438 O "O3'" . DC B 2 1  ? 9.62421   5.18921   3.73321   1.000 322.24455 ? 119 DC B "O3'" 1 
ATOM 439 C "C2'" . DC B 2 1  ? 7.76252   6.06680   2.43993   1.000 311.92368 ? 119 DC B "C2'" 1 
ATOM 440 C "C1'" . DC B 2 1  ? 7.62836   7.51645   2.89865   1.000 314.39428 ? 119 DC B "C1'" 1 
ATOM 441 N N1    . DC B 2 1  ? 6.76908   8.26699   2.02776   1.000 306.92915 ? 119 DC B N1    1 
ATOM 442 C C2    . DC B 2 1  ? 5.40082   8.09496   2.10226   1.000 307.03484 ? 119 DC B C2    1 
ATOM 443 O O2    . DC B 2 1  ? 4.92629   7.32235   2.92852   1.000 313.54967 ? 119 DC B O2    1 
ATOM 444 N N3    . DC B 2 1  ? 4.62595   8.78729   1.25912   1.000 300.10765 ? 119 DC B N3    1 
ATOM 445 C C4    . DC B 2 1  ? 5.16356   9.62095   0.38158   1.000 293.32532 ? 119 DC B C4    1 
ATOM 446 N N4    . DC B 2 1  ? 4.34571   10.28903  -0.42069  1.000 286.77580 ? 119 DC B N4    1 
ATOM 447 C C5    . DC B 2 1  ? 6.56072   9.80532   0.28179   1.000 293.17360 ? 119 DC B C5    1 
ATOM 448 C C6    . DC B 2 1  ? 7.32154   9.10994   1.11502   1.000 300.02438 ? 119 DC B C6    1 
ATOM 449 P P     . DC B 2 2  ? 9.70286   3.59122   3.86781   1.000 370.43659 ? 120 DC B P     1 
ATOM 450 O OP1   . DC B 2 2  ? 10.22646  3.26729   5.20712   1.000 377.54237 ? 120 DC B OP1   1 
ATOM 451 O OP2   . DC B 2 2  ? 10.42796  3.09836   2.67871   1.000 356.66076 ? 120 DC B OP2   1 
ATOM 452 O "O5'" . DC B 2 2  ? 8.16901   3.12642   3.81357   1.000 386.03676 ? 120 DC B "O5'" 1 
ATOM 453 C "C5'" . DC B 2 2  ? 7.33732   3.27553   4.96767   1.000 403.14745 ? 120 DC B "C5'" 1 
ATOM 454 C "C4'" . DC B 2 2  ? 5.95906   2.67415   4.73590   1.000 416.13839 ? 120 DC B "C4'" 1 
ATOM 455 O "O4'" . DC B 2 2  ? 5.09255   3.67301   4.12353   1.000 415.17410 ? 120 DC B "O4'" 1 
ATOM 456 C "C3'" . DC B 2 2  ? 5.92801   1.44497   3.81109   1.000 415.55172 ? 120 DC B "C3'" 1 
ATOM 457 O "O3'" . DC B 2 2  ? 5.01068   0.45386   4.31301   1.000 435.65919 ? 120 DC B "O3'" 1 
ATOM 458 C "C2'" . DC B 2 2  ? 5.43700   2.03656   2.49881   1.000 407.76065 ? 120 DC B "C2'" 1 
ATOM 459 C "C1'" . DC B 2 2  ? 4.47317   3.11599   2.98545   1.000 418.28713 ? 120 DC B "C1'" 1 
ATOM 460 N N1    . DC B 2 2  ? 4.28877   4.17888   1.97734   1.000 408.88080 ? 120 DC B N1    1 
ATOM 461 C C2    . DC B 2 2  ? 3.11399   4.95857   1.92450   1.000 414.69420 ? 120 DC B C2    1 
ATOM 462 O O2    . DC B 2 2  ? 2.19755   4.78469   2.74028   1.000 427.46174 ? 120 DC B O2    1 
ATOM 463 N N3    . DC B 2 2  ? 3.02202   5.90006   0.96828   1.000 405.89324 ? 120 DC B N3    1 
ATOM 464 C C4    . DC B 2 2  ? 4.01343   6.06019   0.09868   1.000 392.49188 ? 120 DC B C4    1 
ATOM 465 N N4    . DC B 2 2  ? 3.88988   6.98994   -0.81732  1.000 384.46231 ? 120 DC B N4    1 
ATOM 466 C C5    . DC B 2 2  ? 5.18880   5.28537   0.13750   1.000 386.61806 ? 120 DC B C5    1 
ATOM 467 C C6    . DC B 2 2  ? 5.27711   4.36244   1.07233   1.000 394.82277 ? 120 DC B C6    1 
ATOM 468 P P     . DG B 2 3  ? 5.27385   -1.12742  4.10654   1.000 357.15485 ? 121 DG B P     1 
ATOM 469 O OP1   . DG B 2 3  ? 6.15877   -1.52873  5.21456   1.000 364.25741 ? 121 DG B OP1   1 
ATOM 470 O OP2   . DG B 2 3  ? 5.73871   -1.38289  2.71797   1.000 343.77632 ? 121 DG B OP2   1 
ATOM 471 O "O5'" . DG B 2 3  ? 3.79653   -1.78348  4.29294   1.000 369.56405 ? 121 DG B "O5'" 1 
ATOM 472 C "C5'" . DG B 2 3  ? 3.11666   -1.79913  5.60150   1.000 384.49801 ? 121 DG B "C5'" 1 
ATOM 473 C "C4'" . DG B 2 3  ? 1.66067   -1.26399  5.55959   1.000 390.21926 ? 121 DG B "C4'" 1 
ATOM 474 O "O4'" . DG B 2 3  ? 1.57286   -0.11252  4.69731   1.000 384.16174 ? 121 DG B "O4'" 1 
ATOM 475 C "C3'" . DG B 2 3  ? 0.56867   -2.20873  5.04065   1.000 400.34760 ? 121 DG B "C3'" 1 
ATOM 476 O "O3'" . DG B 2 3  ? -0.73076  -1.78367  5.55353   1.000 418.13406 ? 121 DG B "O3'" 1 
ATOM 477 C "C2'" . DG B 2 3  ? 0.66476   -1.97229  3.54088   1.000 390.19624 ? 121 DG B "C2'" 1 
ATOM 478 C "C1'" . DG B 2 3  ? 0.85013   -0.45699  3.51506   1.000 387.66603 ? 121 DG B "C1'" 1 
ATOM 479 N N9    . DG B 2 3  ? 1.62070   0.05546   2.39179   1.000 373.42479 ? 121 DG B N9    1 
ATOM 480 C C8    . DG B 2 3  ? 2.89244   -0.31151  2.02341   1.000 358.74371 ? 121 DG B C8    1 
ATOM 481 N N7    . DG B 2 3  ? 3.35381   0.35991   1.01045   1.000 348.62478 ? 121 DG B N7    1 
ATOM 482 C C5    . DG B 2 3  ? 2.33474   1.25325   0.71062   1.000 357.18678 ? 121 DG B C5    1 
ATOM 483 C C6    . DG B 2 3  ? 2.26528   2.22969   -0.28549  1.000 352.82992 ? 121 DG B C6    1 
ATOM 484 O O6    . DG B 2 3  ? 3.12043   2.50395   -1.11593  1.000 340.36300 ? 121 DG B O6    1 
ATOM 485 N N1    . DG B 2 3  ? 1.05062   2.91478   -0.26152  1.000 364.20163 ? 121 DG B N1    1 
ATOM 486 C C2    . DG B 2 3  ? 0.03015   2.68457   0.62430   1.000 378.70714 ? 121 DG B C2    1 
ATOM 487 N N2    . DG B 2 3  ? -1.07287  3.44360   0.49222   1.000 387.09868 ? 121 DG B N2    1 
ATOM 488 N N3    . DG B 2 3  ? 0.08391   1.75866   1.57056   1.000 383.73995 ? 121 DG B N3    1 
ATOM 489 C C4    . DG B 2 3  ? 1.26465   1.08440   1.55371   1.000 372.25769 ? 121 DG B C4    1 
ATOM 490 P P     . DT B 2 4  ? -2.05764  -2.67528  5.33377   1.000 351.82506 ? 122 DT B P     1 
ATOM 491 O OP1   . DT B 2 4  ? -3.07296  -2.21702  6.31170   1.000 367.19759 ? 122 DT B OP1   1 
ATOM 492 O OP2   . DT B 2 4  ? -1.60966  -4.08671  5.33767   1.000 351.34815 ? 122 DT B OP2   1 
ATOM 493 O "O5'" . DT B 2 4  ? -2.60000  -2.26398  3.86270   1.000 351.67085 ? 122 DT B "O5'" 1 
ATOM 494 C "C5'" . DT B 2 4  ? -3.08464  -0.91358  3.62400   1.000 351.13527 ? 122 DT B "C5'" 1 
ATOM 495 C "C4'" . DT B 2 4  ? -3.64095  -0.67167  2.19528   1.000 352.67644 ? 122 DT B "C4'" 1 
ATOM 496 O "O4'" . DT B 2 4  ? -2.59809  -0.24312  1.27674   1.000 340.38525 ? 122 DT B "O4'" 1 
ATOM 497 C "C3'" . DT B 2 4  ? -4.32071  -1.83310  1.48306   1.000 355.94865 ? 122 DT B "C3'" 1 
ATOM 498 O "O3'" . DT B 2 4  ? -5.31344  -1.30114  0.58450   1.000 358.69022 ? 122 DT B "O3'" 1 
ATOM 499 C "C2'" . DT B 2 4  ? -3.15914  -2.40611  0.68242   1.000 344.49909 ? 122 DT B "C2'" 1 
ATOM 500 C "C1'" . DT B 2 4  ? -2.59626  -1.10868  0.15367   1.000 337.21615 ? 122 DT B "C1'" 1 
ATOM 501 N N1    . DT B 2 4  ? -1.22865  -1.18340  -0.32107  1.000 323.15643 ? 122 DT B N1    1 
ATOM 502 C C2    . DT B 2 4  ? -0.73238  -0.11018  -0.99184  1.000 317.30182 ? 122 DT B C2    1 
ATOM 503 O O2    . DT B 2 4  ? -1.39874  0.87875   -1.24977  1.000 323.61769 ? 122 DT B O2    1 
ATOM 504 N N3    . DT B 2 4  ? 0.56927   -0.22618  -1.37630  1.000 302.73706 ? 122 DT B N3    1 
ATOM 505 C C4    . DT B 2 4  ? 1.42323   -1.29409  -1.14281  1.000 297.86042 ? 122 DT B C4    1 
ATOM 506 O O4    . DT B 2 4  ? 2.59285   -1.29898  -1.53414  1.000 293.62478 ? 122 DT B O4    1 
ATOM 507 C C5    . DT B 2 4  ? 0.83853   -2.39415  -0.41246  1.000 305.81451 ? 122 DT B C5    1 
ATOM 508 C C7    . DT B 2 4  ? 1.65869   -3.61056  -0.09608  1.000 309.19933 ? 122 DT B C7    1 
ATOM 509 C C6    . DT B 2 4  ? -0.44819  -2.28386  -0.03339  1.000 315.60510 ? 122 DT B C6    1 
ATOM 510 P P     . DA B 2 5  ? -6.74741  -0.81151  1.13260   1.000 441.29336 ? 123 DA B P     1 
ATOM 511 O OP1   . DA B 2 5  ? -6.65280  0.62796   1.44535   1.000 438.99521 ? 123 DA B OP1   1 
ATOM 512 O OP2   . DA B 2 5  ? -7.24984  -1.75923  2.15036   1.000 452.73628 ? 123 DA B OP2   1 
ATOM 513 O "O5'" . DA B 2 5  ? -7.68760  -0.88319  -0.13753  1.000 441.88171 ? 123 DA B "O5'" 1 
ATOM 514 C "C5'" . DA B 2 5  ? -8.06485  0.30162   -0.71715  1.000 441.87582 ? 123 DA B "C5'" 1 
ATOM 515 C "C4'" . DA B 2 5  ? -7.31249  0.50674   -1.99469  1.000 434.84975 ? 123 DA B "C4'" 1 
ATOM 516 O "O4'" . DA B 2 5  ? -5.99885  -0.12442  -1.94039  1.000 427.87116 ? 123 DA B "O4'" 1 
ATOM 517 C "C3'" . DA B 2 5  ? -7.99107  -0.11503  -3.18056  1.000 435.58134 ? 123 DA B "C3'" 1 
ATOM 518 O "O3'" . DA B 2 5  ? -7.88314  0.74773   -4.22259  1.000 430.01258 ? 123 DA B "O3'" 1 
ATOM 519 C "C2'" . DA B 2 5  ? -7.18061  -1.37963  -3.42458  1.000 430.86853 ? 123 DA B "C2'" 1 
ATOM 520 C "C1'" . DA B 2 5  ? -5.82395  -0.82385  -3.14810  1.000 422.91238 ? 123 DA B "C1'" 1 
ATOM 521 N N9    . DA B 2 5  ? -4.78878  -1.82989  -3.01318  1.000 416.26994 ? 123 DA B N9    1 
ATOM 522 C C8    . DA B 2 5  ? -4.89387  -3.06173  -2.45835  1.000 418.60279 ? 123 DA B C8    1 
ATOM 523 N N7    . DA B 2 5  ? -3.77960  -3.75522  -2.50420  1.000 409.65358 ? 123 DA B N7    1 
ATOM 524 C C5    . DA B 2 5  ? -2.89854  -2.92057  -3.14706  1.000 400.93991 ? 123 DA B C5    1 
ATOM 525 C C6    . DA B 2 5  ? -1.54482  -3.05813  -3.50897  1.000 388.39263 ? 123 DA B C6    1 
ATOM 526 N N6    . DA B 2 5  ? -0.81723  -4.15168  -3.26708  1.000 381.94296 ? 123 DA B N6    1 
ATOM 527 N N1    . DA B 2 5  ? -0.96670  -2.02468  -4.14240  1.000 381.43730 ? 123 DA B N1    1 
ATOM 528 C C2    . DA B 2 5  ? -1.69516  -0.93280  -4.37742  1.000 387.53375 ? 123 DA B C2    1 
ATOM 529 N N3    . DA B 2 5  ? -2.96561  -0.69391  -4.08867  1.000 399.13056 ? 123 DA B N3    1 
ATOM 530 C C4    . DA B 2 5  ? -3.51041  -1.73263  -3.47005  1.000 405.23987 ? 123 DA B C4    1 
ATOM 531 P P     . DC B 2 6  ? -9.02237  0.66547   -5.31124  1.000 288.74267 ? 124 DC B P     1 
ATOM 532 O OP1   . DC B 2 6  ? -8.86146  1.66535   -6.39348  1.000 280.85448 ? 124 DC B OP1   1 
ATOM 533 O OP2   . DC B 2 6  ? -10.23214 0.69806   -4.45814  1.000 294.97291 ? 124 DC B OP2   1 
ATOM 534 O "O5'" . DC B 2 6  ? -8.82701  -0.82861  -5.82381  1.000 289.15126 ? 124 DC B "O5'" 1 
ATOM 535 C "C5'" . DC B 2 6  ? -8.40343  -1.08730  -7.11641  1.000 282.27855 ? 124 DC B "C5'" 1 
ATOM 536 C "C4'" . DC B 2 6  ? -6.90795  -0.98009  -7.24830  1.000 277.30696 ? 124 DC B "C4'" 1 
ATOM 537 O "O4'" . DC B 2 6  ? -6.24927  -1.87855  -6.33900  1.000 282.26620 ? 124 DC B "O4'" 1 
ATOM 538 C "C3'" . DC B 2 6  ? -6.41010  -1.38639  -8.62335  1.000 270.48679 ? 124 DC B "C3'" 1 
ATOM 539 O "O3'" . DC B 2 6  ? -6.08503  -0.26117  -9.35523  1.000 263.04303 ? 124 DC B "O3'" 1 
ATOM 540 C "C2'" . DC B 2 6  ? -5.18936  -2.25737  -8.36260  1.000 270.54904 ? 124 DC B "C2'" 1 
ATOM 541 C "C1'" . DC B 2 6  ? -4.97920  -2.09868  -6.87127  1.000 277.12356 ? 124 DC B "C1'" 1 
ATOM 542 N N1    . DC B 2 6  ? -4.39010  -3.27622  -6.28496  1.000 281.52412 ? 124 DC B N1    1 
ATOM 543 C C2    . DC B 2 6  ? -3.06430  -3.54643  -6.55805  1.000 278.00907 ? 124 DC B C2    1 
ATOM 544 O O2    . DC B 2 6  ? -2.43642  -2.77728  -7.26809  1.000 271.27015 ? 124 DC B O2    1 
ATOM 545 N N3    . DC B 2 6  ? -2.49336  -4.64168  -6.04739  1.000 281.98207 ? 124 DC B N3    1 
ATOM 546 C C4    . DC B 2 6  ? -3.19481  -5.45623  -5.29630  1.000 289.25310 ? 124 DC B C4    1 
ATOM 547 N N4    . DC B 2 6  ? -2.57125  -6.53118  -4.81426  1.000 293.06017 ? 124 DC B N4    1 
ATOM 548 C C5    . DC B 2 6  ? -4.57006  -5.21142  -5.00903  1.000 293.00280 ? 124 DC B C5    1 
ATOM 549 C C6    . DC B 2 6  ? -5.12497  -4.11131  -5.52484  1.000 288.94199 ? 124 DC B C6    1 
ATOM 550 P P     . DA B 2 7  ? -7.11526  0.24396   -10.46161 1.000 259.73638 ? 125 DA B P     1 
ATOM 551 O OP1   . DA B 2 7  ? -7.20865  1.72048   -10.40265 1.000 255.75930 ? 125 DA B OP1   1 
ATOM 552 O OP2   . DA B 2 7  ? -8.33453  -0.52229  -10.21259 1.000 266.42669 ? 125 DA B OP2   1 
ATOM 553 O "O5'" . DA B 2 7  ? -6.53901  -0.37640  -11.81817 1.000 254.02178 ? 125 DA B "O5'" 1 
ATOM 554 C "C5'" . DA B 2 7  ? -5.27789  -1.04502  -11.81023 1.000 252.08604 ? 125 DA B "C5'" 1 
ATOM 555 C "C4'" . DA B 2 7  ? -5.37027  -2.42452  -12.42998 1.000 253.41633 ? 125 DA B "C4'" 1 
ATOM 556 O "O4'" . DA B 2 7  ? -4.79566  -3.37958  -11.52585 1.000 258.04843 ? 125 DA B "O4'" 1 
ATOM 557 C "C3'" . DA B 2 7  ? -6.78533  -2.90810  -12.71593 1.000 257.68994 ? 125 DA B "C3'" 1 
ATOM 558 O "O3'" . DA B 2 7  ? -7.03204  -2.87382  -14.10907 1.000 253.05159 ? 125 DA B "O3'" 1 
ATOM 559 C "C2'" . DA B 2 7  ? -6.83169  -4.34532  -12.16236 1.000 264.31780 ? 125 DA B "C2'" 1 
ATOM 560 C "C1'" . DA B 2 7  ? -5.38833  -4.62582  -11.74642 1.000 262.15179 ? 125 DA B "C1'" 1 
ATOM 561 N N9    . DA B 2 7  ? -5.25204  -5.40476  -10.50697 1.000 269.03584 ? 125 DA B N9    1 
ATOM 562 C C8    . DA B 2 7  ? -6.09341  -5.41644  -9.42470  1.000 276.29822 ? 125 DA B C8    1 
ATOM 563 N N7    . DA B 2 7  ? -5.69182  -6.20196  -8.44249  1.000 281.66097 ? 125 DA B N7    1 
ATOM 564 C C5    . DA B 2 7  ? -4.50219  -6.73104  -8.90904  1.000 277.50275 ? 125 DA B C5    1 
ATOM 565 C C6    . DA B 2 7  ? -3.57287  -7.63598  -8.34896  1.000 279.93608 ? 125 DA B C6    1 
ATOM 566 N N6    . DA B 2 7  ? -3.70826  -8.18892  -7.14004  1.000 287.68007 ? 125 DA B N6    1 
ATOM 567 N N1    . DA B 2 7  ? -2.49123  -7.94663  -9.08800  1.000 274.20462 ? 125 DA B N1    1 
ATOM 568 C C2    . DA B 2 7  ? -2.35836  -7.39515  -10.30165 1.000 266.68822 ? 125 DA B C2    1 
ATOM 569 N N3    . DA B 2 7  ? -3.15317  -6.53637  -10.93085 1.000 263.89333 ? 125 DA B N3    1 
ATOM 570 C C4    . DA B 2 7  ? -4.21686  -6.24211  -10.17789 1.000 269.62001 ? 125 DA B C4    1 
ATOM 571 P P     . DG C 3 1  ? -8.19852  -10.53737 -14.06256 1.000 447.13744 ? 209 DG C P     1 
ATOM 572 O OP1   . DG C 3 1  ? -7.93794  -10.63804 -12.61490 1.000 443.79290 ? 209 DG C OP1   1 
ATOM 573 O OP2   . DG C 3 1  ? -7.58780  -11.49253 -15.00120 1.000 448.87186 ? 209 DG C OP2   1 
ATOM 574 O "O5'" . DG C 3 1  ? -7.87726  -9.10484  -14.67642 1.000 448.98735 ? 209 DG C "O5'" 1 
ATOM 575 C "C5'" . DG C 3 1  ? -7.05597  -9.02676  -15.82550 1.000 451.02016 ? 209 DG C "C5'" 1 
ATOM 576 C "C4'" . DG C 3 1  ? -5.62955  -8.92414  -15.39254 1.000 450.78304 ? 209 DG C "C4'" 1 
ATOM 577 O "O4'" . DG C 3 1  ? -5.62737  -8.38791  -14.05030 1.000 448.51472 ? 209 DG C "O4'" 1 
ATOM 578 C "C3'" . DG C 3 1  ? -4.90196  -10.24413 -15.23229 1.000 449.64403 ? 209 DG C "C3'" 1 
ATOM 579 O "O3'" . DG C 3 1  ? -4.46729  -10.78446 -16.49313 1.000 452.21795 ? 209 DG C "O3'" 1 
ATOM 580 C "C2'" . DG C 3 1  ? -3.75253  -9.79562  -14.36504 1.000 448.81538 ? 209 DG C "C2'" 1 
ATOM 581 C "C1'" . DG C 3 1  ? -4.48597  -8.86641  -13.38658 1.000 447.56781 ? 209 DG C "C1'" 1 
ATOM 582 N N9    . DG C 3 1  ? -4.84984  -9.47299  -12.09356 1.000 444.13724 ? 209 DG C N9    1 
ATOM 583 C C8    . DG C 3 1  ? -6.02261  -9.37183  -11.37789 1.000 442.15029 ? 209 DG C C8    1 
ATOM 584 N N7    . DG C 3 1  ? -5.99122  -10.00577 -10.23250 1.000 439.33734 ? 209 DG C N7    1 
ATOM 585 C C5    . DG C 3 1  ? -4.70302  -10.49169 -10.17789 1.000 439.31852 ? 209 DG C C5    1 
ATOM 586 C C6    . DG C 3 1  ? -4.04353  -11.23571 -9.18978  1.000 436.95644 ? 209 DG C C6    1 
ATOM 587 O O6    . DG C 3 1  ? -4.47327  -11.65188 -8.11964  1.000 434.39000 ? 209 DG C O6    1 
ATOM 588 N N1    . DG C 3 1  ? -2.73737  -11.52860 -9.56234  1.000 437.95943 ? 209 DG C N1    1 
ATOM 589 C C2    . DG C 3 1  ? -2.13941  -11.12718 -10.71740 1.000 440.91811 ? 209 DG C C2    1 
ATOM 590 N N2    . DG C 3 1  ? -0.86792  -11.48895 -10.92169 1.000 441.62730 ? 209 DG C N2    1 
ATOM 591 N N3    . DG C 3 1  ? -2.74216  -10.45391 -11.63984 1.000 443.17492 ? 209 DG C N3    1 
ATOM 592 C C4    . DG C 3 1  ? -4.00237  -10.16851 -11.31241 1.000 442.23254 ? 209 DG C C4    1 
ATOM 593 P P     . DG C 3 2  ? -4.62126  -12.36424 -16.79716 1.000 452.02436 ? 210 DG C P     1 
ATOM 594 O OP1   . DG C 3 2  ? -4.54110  -12.58363 -18.25965 1.000 455.39057 ? 210 DG C OP1   1 
ATOM 595 O OP2   . DG C 3 2  ? -5.80963  -12.86089 -16.09438 1.000 449.74346 ? 210 DG C OP2   1 
ATOM 596 O "O5'" . DG C 3 2  ? -3.38199  -13.05621 -16.04592 1.000 450.44045 ? 210 DG C "O5'" 1 
ATOM 597 C "C5'" . DG C 3 2  ? -2.03689  -12.66491 -16.33604 1.000 451.99904 ? 210 DG C "C5'" 1 
ATOM 598 C "C4'" . DG C 3 2  ? -1.07956  -13.18473 -15.27442 1.000 449.60485 ? 210 DG C "C4'" 1 
ATOM 599 O "O4'" . DG C 3 2  ? -1.29094  -12.45130 -14.05334 1.000 447.05813 ? 210 DG C "O4'" 1 
ATOM 600 C "C3'" . DG C 3 2  ? -1.26636  -14.65297 -14.90796 1.000 447.91581 ? 210 DG C "C3'" 1 
ATOM 601 O "O3'" . DG C 3 2  ? -0.33643  -15.44851 -15.60003 1.000 449.52708 ? 210 DG C "O3'" 1 
ATOM 602 C "C2'" . DG C 3 2  ? -0.99482  -14.67950 -13.42161 1.000 444.43600 ? 210 DG C "C2'" 1 
ATOM 603 C "C1'" . DG C 3 2  ? -1.51451  -13.35184 -12.99515 1.000 443.86997 ? 210 DG C "C1'" 1 
ATOM 604 N N9    . DG C 3 2  ? -2.91893  -13.26838 -12.59387 1.000 442.16952 ? 210 DG C N9    1 
ATOM 605 C C8    . DG C 3 2  ? -3.94573  -12.74328 -13.31673 1.000 443.39923 ? 210 DG C C8    1 
ATOM 606 N N7    . DG C 3 2  ? -5.07463  -12.70485 -12.68009 1.000 441.23854 ? 210 DG C N7    1 
ATOM 607 C C5    . DG C 3 2  ? -4.77509  -13.22684 -11.44288 1.000 438.39833 ? 210 DG C C5    1 
ATOM 608 C C6    . DG C 3 2  ? -5.60542  -13.43359 -10.32310 1.000 435.28564 ? 210 DG C C6    1 
ATOM 609 O O6    . DG C 3 2  ? -6.80184  -13.18438 -10.20394 1.000 434.40214 ? 210 DG C O6    1 
ATOM 610 N N1    . DG C 3 2  ? -4.90171  -13.96930 -9.25938  1.000 433.11366 ? 210 DG C N1    1 
ATOM 611 C C2    . DG C 3 2  ? -3.56817  -14.27001 -9.28716  1.000 433.89178 ? 210 DG C C2    1 
ATOM 612 N N2    . DG C 3 2  ? -3.06804  -14.78875 -8.18682  1.000 431.48320 ? 210 DG C N2    1 
ATOM 613 N N3    . DG C 3 2  ? -2.77766  -14.07160 -10.32381 1.000 436.77637 ? 210 DG C N3    1 
ATOM 614 C C4    . DG C 3 2  ? -3.45204  -13.57377 -11.37122 1.000 438.93509 ? 210 DG C C4    1 
ATOM 615 P P     . DC C 3 3  ? -0.84516  -16.37816 -16.80017 1.000 459.37942 ? 211 DC C P     1 
ATOM 616 O OP1   . DC C 3 3  ? -0.91584  -15.55016 -18.02184 1.000 462.34943 ? 211 DC C OP1   1 
ATOM 617 O OP2   . DC C 3 3  ? -2.03567  -17.09226 -16.29592 1.000 458.06355 ? 211 DC C OP2   1 
ATOM 618 O "O5'" . DC C 3 3  ? 0.30884   -17.45762 -16.99055 1.000 460.17370 ? 211 DC C "O5'" 1 
ATOM 619 C "C5'" . DC C 3 3  ? 0.20613   -18.68428 -16.33748 1.000 459.91165 ? 211 DC C "C5'" 1 
ATOM 620 C "C4'" . DC C 3 3  ? 0.64515   -18.54748 -14.90343 1.000 454.31845 ? 211 DC C "C4'" 1 
ATOM 621 O "O4'" . DC C 3 3  ? -0.22566  -17.67912 -14.19395 1.000 452.01187 ? 211 DC C "O4'" 1 
ATOM 622 C "C3'" . DC C 3 3  ? 0.64650   -19.83466 -14.14122 1.000 475.99380 ? 211 DC C "C3'" 1 
ATOM 623 O "O3'" . DC C 3 3  ? 1.94314   -20.35025 -14.29845 1.000 471.56617 ? 211 DC C "O3'" 1 
ATOM 624 C "C2'" . DC C 3 3  ? 0.31086   -19.40681 -12.68665 1.000 485.64347 ? 211 DC C "C2'" 1 
ATOM 625 C "C1'" . DC C 3 3  ? -0.14031  -17.94950 -12.82746 1.000 466.54546 ? 211 DC C "C1'" 1 
ATOM 626 N N1    . DC C 3 3  ? -1.46838  -17.56422 -12.28986 1.000 472.60597 ? 211 DC C N1    1 
ATOM 627 C C2    . DC C 3 3  ? -1.66802  -17.27626 -10.93340 1.000 487.23752 ? 211 DC C C2    1 
ATOM 628 O O2    . DC C 3 3  ? -0.77124  -17.47921 -10.11267 1.000 497.90630 ? 211 DC C O2    1 
ATOM 629 N N3    . DC C 3 3  ? -2.88990  -16.85058 -10.54156 1.000 487.47296 ? 211 DC C N3    1 
ATOM 630 C C4    . DC C 3 3  ? -3.85287  -16.65674 -11.44000 1.000 475.40128 ? 211 DC C C4    1 
ATOM 631 N N4    . DC C 3 3  ? -5.03550  -16.22562 -11.01720 1.000 474.60123 ? 211 DC C N4    1 
ATOM 632 C C5    . DC C 3 3  ? -3.64705  -16.88404 -12.81544 1.000 462.20566 ? 211 DC C C5    1 
ATOM 633 C C6    . DC C 3 3  ? -2.46456  -17.34070 -13.18945 1.000 460.65669 ? 211 DC C C6    1 
ATOM 634 P P     . DT C 3 4  ? 2.46459   -21.65117 -13.53858 1.000 443.22182 ? 212 DT C P     1 
ATOM 635 O OP1   . DT C 3 4  ? 3.22085   -21.13673 -12.37015 1.000 443.80713 ? 212 DT C OP1   1 
ATOM 636 O OP2   . DT C 3 4  ? 3.14849   -22.48960 -14.55600 1.000 446.37176 ? 212 DT C OP2   1 
ATOM 637 O "O5'" . DT C 3 4  ? 1.13913   -22.39849 -13.06492 1.000 458.09827 ? 212 DT C "O5'" 1 
ATOM 638 C "C5'" . DT C 3 4  ? 1.23482   -23.62997 -12.36427 1.000 491.32662 ? 212 DT C "C5'" 1 
ATOM 639 C "C4'" . DT C 3 4  ? 1.71993   -23.42723 -10.92453 1.000 506.08224 ? 212 DT C "C4'" 1 
ATOM 640 O "O4'" . DT C 3 4  ? 1.29969   -22.13355 -10.41441 1.000 490.08397 ? 212 DT C "O4'" 1 
ATOM 641 C "C3'" . DT C 3 4  ? 1.23544   -24.48256 -9.93031  1.000 527.51365 ? 212 DT C "C3'" 1 
ATOM 642 O "O3'" . DT C 3 4  ? 2.35397   -25.09477 -9.26980  1.000 539.13581 ? 212 DT C "O3'" 1 
ATOM 643 C "C2'" . DT C 3 4  ? 0.33303   -23.72943 -8.93209  1.000 520.54560 ? 212 DT C "C2'" 1 
ATOM 644 C "C1'" . DT C 3 4  ? 0.35830   -22.27689 -9.36957  1.000 500.66548 ? 212 DT C "C1'" 1 
ATOM 645 N N1    . DT C 3 4  ? -0.93207  -21.75231 -9.85128  1.000 484.48400 ? 212 DT C N1    1 
ATOM 646 C C2    . DT C 3 4  ? -1.81565  -21.21589 -8.96257  1.000 478.01071 ? 212 DT C C2    1 
ATOM 647 O O2    . DT C 3 4  ? -1.63225  -21.19095 -7.76355  1.000 482.95229 ? 212 DT C O2    1 
ATOM 648 N N3    . DT C 3 4  ? -2.94006  -20.72301 -9.53037  1.000 462.57603 ? 212 DT C N3    1 
ATOM 649 C C4    . DT C 3 4  ? -3.25260  -20.69963 -10.87619 1.000 452.44286 ? 212 DT C C4    1 
ATOM 650 O O4    . DT C 3 4  ? -4.28316  -20.23578 -11.29972 1.000 439.96035 ? 212 DT C O4    1 
ATOM 651 C C5    . DT C 3 4  ? -2.27976  -21.26657 -11.74522 1.000 457.59830 ? 212 DT C C5    1 
ATOM 652 C C7    . DT C 3 4  ? -2.51230  -21.30053 -13.22463 1.000 446.72471 ? 212 DT C C7    1 
ATOM 653 C C6    . DT C 3 4  ? -1.18594  -21.76082 -11.19647 1.000 473.19037 ? 212 DT C C6    1 
ATOM 654 P P     . DG C 3 5  ? 2.54271   -26.69879 -9.21618  1.000 466.64021 ? 213 DG C P     1 
ATOM 655 O OP1   . DG C 3 5  ? 3.09577   -27.02110 -7.87802  1.000 470.22573 ? 213 DG C OP1   1 
ATOM 656 O OP2   . DG C 3 5  ? 3.38178   -27.02496 -10.39323 1.000 468.11577 ? 213 DG C OP2   1 
ATOM 657 O "O5'" . DG C 3 5  ? 1.05326   -27.31648 -9.36051  1.000 466.31217 ? 213 DG C "O5'" 1 
ATOM 658 C "C5'" . DG C 3 5  ? 0.51658   -28.21827 -8.33826  1.000 470.01380 ? 213 DG C "C5'" 1 
ATOM 659 C "C4'" . DG C 3 5  ? -0.02406  -27.46790 -7.13203  1.000 467.92994 ? 213 DG C "C4'" 1 
ATOM 660 O "O4'" . DG C 3 5  ? -0.47669  -26.16341 -7.55685  1.000 462.08713 ? 213 DG C "O4'" 1 
ATOM 661 C "C3'" . DG C 3 5  ? -1.20152  -28.12657 -6.45635  1.000 469.56673 ? 213 DG C "C3'" 1 
ATOM 662 O "O3'" . DG C 3 5  ? -1.25346  -27.74329 -5.10010  1.000 469.73265 ? 213 DG C "O3'" 1 
ATOM 663 C "C2'" . DG C 3 5  ? -2.35065  -27.54544 -7.26128  1.000 465.12992 ? 213 DG C "C2'" 1 
ATOM 664 C "C1'" . DG C 3 5  ? -1.86420  -26.12176 -7.60529  1.000 460.17732 ? 213 DG C "C1'" 1 
ATOM 665 N N9    . DG C 3 5  ? -2.30248  -25.60777 -8.93349  1.000 456.23580 ? 213 DG C N9    1 
ATOM 666 C C8    . DG C 3 5  ? -1.74630  -25.85578 -10.16256 1.000 456.30989 ? 213 DG C C8    1 
ATOM 667 N N7    . DG C 3 5  ? -2.36411  -25.26588 -11.15136 1.000 452.29137 ? 213 DG C N7    1 
ATOM 668 C C5    . DG C 3 5  ? -3.38754  -24.55834 -10.52805 1.000 449.42781 ? 213 DG C C5    1 
ATOM 669 C C6    . DG C 3 5  ? -4.39691  -23.73379 -11.05726 1.000 444.89970 ? 213 DG C C6    1 
ATOM 670 O O6    . DG C 3 5  ? -4.60763  -23.44132 -12.22193 1.000 442.25603 ? 213 DG C O6    1 
ATOM 671 N N1    . DG C 3 5  ? -5.23376  -23.20796 -10.06114 1.000 443.60277 ? 213 DG C N1    1 
ATOM 672 C C2    . DG C 3 5  ? -5.09320  -23.47798 -8.73445  1.000 446.31115 ? 213 DG C C2    1 
ATOM 673 N N2    . DG C 3 5  ? -5.98929  -22.93749 -7.92712  1.000 444.79138 ? 213 DG C N2    1 
ATOM 674 N N3    . DG C 3 5  ? -4.16682  -24.24312 -8.23012  1.000 450.41331 ? 213 DG C N3    1 
ATOM 675 C C4    . DG C 3 5  ? -3.35873  -24.76363 -9.17805  1.000 451.82474 ? 213 DG C C4    1 
ATOM 676 O "O5'" . DC D 4 1  ? 7.02813   14.38274  30.24473  1.000 469.37165 ? 200 DC D "O5'" 1 
ATOM 677 C "C5'" . DC D 4 1  ? 5.86293   15.02729  30.76706  1.000 469.37165 ? 200 DC D "C5'" 1 
ATOM 678 C "C4'" . DC D 4 1  ? 5.10279   15.82449  29.69428  1.000 469.37165 ? 200 DC D "C4'" 1 
ATOM 679 O "O4'" . DC D 4 1  ? 5.68302   17.12695  29.47915  1.000 469.37165 ? 200 DC D "O4'" 1 
ATOM 680 C "C3'" . DC D 4 1  ? 5.01952   15.21363  28.29132  1.000 469.37165 ? 200 DC D "C3'" 1 
ATOM 681 O "O3'" . DC D 4 1  ? 3.83357   14.36515  28.17034  1.000 469.37165 ? 200 DC D "O3'" 1 
ATOM 682 C "C2'" . DC D 4 1  ? 4.95802   16.46545  27.35417  1.000 469.37165 ? 200 DC D "C2'" 1 
ATOM 683 C "C1'" . DC D 4 1  ? 5.03780   17.65438  28.33633  1.000 469.37165 ? 200 DC D "C1'" 1 
ATOM 684 N N1    . DC D 4 1  ? 5.83692   18.82521  27.86815  1.000 85.74165  ? 200 DC D N1    1 
ATOM 685 C C2    . DC D 4 1  ? 5.25829   20.14714  27.73826  1.000 85.74165  ? 200 DC D C2    1 
ATOM 686 O O2    . DC D 4 1  ? 4.00808   20.32911  27.99479  1.000 85.74165  ? 200 DC D O2    1 
ATOM 687 N N3    . DC D 4 1  ? 6.09804   21.19747  27.31631  1.000 85.74165  ? 200 DC D N3    1 
ATOM 688 C C4    . DC D 4 1  ? 7.43643   20.96259  27.07010  1.000 85.74165  ? 200 DC D C4    1 
ATOM 689 N N4    . DC D 4 1  ? 8.24857   22.00834  26.65603  1.000 85.74165  ? 200 DC D N4    1 
ATOM 690 C C5    . DC D 4 1  ? 7.99130   19.63546  27.22228  1.000 85.74165  ? 200 DC D C5    1 
ATOM 691 C C6    . DC D 4 1  ? 7.17395   18.62938  27.62321  1.000 85.74165  ? 200 DC D C6    1 
ATOM 692 P P     . DT D 4 2  ? 3.51711   13.58006  26.80012  1.000 775.49438 ? 201 DT D P     1 
ATOM 693 O OP1   . DT D 4 2  ? 2.52782   12.52587  27.11724  1.000 776.32960 ? 201 DT D OP1   1 
ATOM 694 O OP2   . DT D 4 2  ? 4.83138   13.21023  26.22533  1.000 771.75879 ? 201 DT D OP2   1 
ATOM 695 O "O5'" . DT D 4 2  ? 2.86381   14.69386  25.82776  1.000 768.05610 ? 201 DT D "O5'" 1 
ATOM 696 C "C5'" . DT D 4 2  ? 1.61994   15.34356  26.15104  1.000 770.12283 ? 201 DT D "C5'" 1 
ATOM 697 C "C4'" . DT D 4 2  ? 1.47689   16.67226  25.39911  1.000 765.91744 ? 201 DT D "C4'" 1 
ATOM 698 O "O4'" . DT D 4 2  ? 2.79324   17.23649  25.11568  1.000 767.47884 ? 201 DT D "O4'" 1 
ATOM 699 C "C3'" . DT D 4 2  ? 0.74273   16.60530  24.05917  1.000 754.76816 ? 201 DT D "C3'" 1 
ATOM 700 O "O3'" . DT D 4 2  ? -0.20837  17.70808  23.98397  1.000 753.76733 ? 201 DT D "O3'" 1 
ATOM 701 C "C2'" . DT D 4 2  ? 1.90891   16.73313  23.02391  1.000 750.07945 ? 201 DT D "C2'" 1 
ATOM 702 C "C1'" . DT D 4 2  ? 2.85156   17.67275  23.77690  1.000 758.36985 ? 201 DT D "C1'" 1 
ATOM 703 N N1    . DT D 4 2  ? 4.39236   17.79222  23.36216  1.000 373.32921 ? 201 DT D N1    1 
ATOM 704 C C2    . DT D 4 2  ? 4.93194   19.05562  23.24053  1.000 379.87025 ? 201 DT D C2    1 
ATOM 705 O O2    . DT D 4 2  ? 4.25386   20.06705  23.31555  1.000 385.17833 ? 201 DT D O2    1 
ATOM 706 N N3    . DT D 4 2  ? 6.28222   19.10178  22.95202  1.000 380.21578 ? 201 DT D N3    1 
ATOM 707 C C4    . DT D 4 2  ? 7.16083   18.04571  22.82348  1.000 375.03893 ? 201 DT D C4    1 
ATOM 708 O O4    . DT D 4 2  ? 8.36072   18.20461  22.57292  1.000 376.51795 ? 201 DT D O4    1 
ATOM 709 C C5    . DT D 4 2  ? 6.56774   16.74430  23.00925  1.000 368.38054 ? 201 DT D C5    1 
ATOM 710 C C7    . DT D 4 2  ? 7.43030   15.51812  22.89836  1.000 365.20266 ? 201 DT D C7    1 
ATOM 711 C C6    . DT D 4 2  ? 5.22694   16.67382  23.28710  1.000 368.70630 ? 201 DT D C6    1 
ATOM 712 P P     . DC D 4 3  ? -1.81322  17.49076  24.02469  1.000 863.85989 ? 202 DC D P     1 
ATOM 713 O OP1   . DC D 4 3  ? -2.29279  17.25205  25.40620  1.000 868.67756 ? 202 DC D OP1   1 
ATOM 714 O OP2   . DC D 4 3  ? -2.22098  16.51648  22.99388  1.000 861.33346 ? 202 DC D OP2   1 
ATOM 715 O "O5'" . DC D 4 3  ? -2.34247  18.91595  23.53139  1.000 861.98345 ? 202 DC D "O5'" 1 
ATOM 716 C "C5'" . DC D 4 3  ? -1.43335  20.03778  23.52036  1.000 860.92079 ? 202 DC D "C5'" 1 
ATOM 717 C "C4'" . DC D 4 3  ? -1.38246  20.71240  22.15099  1.000 856.20957 ? 202 DC D "C4'" 1 
ATOM 718 O "O4'" . DC D 4 3  ? -0.01128  21.12259  21.84349  1.000 854.18873 ? 202 DC D "O4'" 1 
ATOM 719 C "C3'" . DC D 4 3  ? -1.84519  19.84139  20.99040  1.000 853.19880 ? 202 DC D "C3'" 1 
ATOM 720 O "O3'" . DC D 4 3  ? -2.93115  20.50334  20.25215  1.000 851.30244 ? 202 DC D "O3'" 1 
ATOM 721 C "C2'" . DC D 4 3  ? -0.56093  19.58902  20.15512  1.000 849.87253 ? 202 DC D "C2'" 1 
ATOM 722 C "C1'" . DC D 4 3  ? 0.32619   20.77455  20.50341  1.000 849.83950 ? 202 DC D "C1'" 1 
ATOM 723 N N1    . DC D 4 3  ? 1.83868   20.51692  20.44400  1.000 327.84149 ? 202 DC D N1    1 
ATOM 724 C C2    . DC D 4 3  ? 2.69022   21.59106  20.28936  1.000 332.54534 ? 202 DC D C2    1 
ATOM 725 O O2    . DC D 4 3  ? 2.19462   22.70756  20.16799  1.000 334.40474 ? 202 DC D O2    1 
ATOM 726 N N3    . DC D 4 3  ? 4.03323   21.38136  20.27178  1.000 335.06776 ? 202 DC D N3    1 
ATOM 727 C C4    . DC D 4 3  ? 4.51330   20.14815  20.40420  1.000 333.19307 ? 202 DC D C4    1 
ATOM 728 N N4    . DC D 4 3  ? 5.83128   19.96584  20.39856  1.000 336.14566 ? 202 DC D N4    1 
ATOM 729 C C5    . DC D 4 3  ? 3.65553   19.03942  20.55643  1.000 328.40490 ? 202 DC D C5    1 
ATOM 730 C C6    . DC D 4 3  ? 2.34134   19.26430  20.59175  1.000 325.94439 ? 202 DC D C6    1 
ATOM 731 P P     . DT D 4 4  ? -2.61950  21.49269  19.01965  1.000 536.40559 ? 203 DT D P     1 
ATOM 732 O OP1   . DT D 4 4  ? -2.10292  20.65067  17.93205  1.000 498.19477 ? 203 DT D OP1   1 
ATOM 733 O OP2   . DT D 4 4  ? -1.87768  22.66595  19.53216  1.000 557.02633 ? 203 DT D OP2   1 
ATOM 734 O "O5'" . DT D 4 4  ? -4.04656  21.99737  18.46296  1.000 538.55132 ? 203 DT D "O5'" 1 
ATOM 735 C "C5'" . DT D 4 4  ? -4.31097  22.04340  17.00069  1.000 510.01334 ? 203 DT D "C5'" 1 
ATOM 736 C "C4'" . DT D 4 4  ? -3.49966  23.13723  16.28997  1.000 505.64910 ? 203 DT D "C4'" 1 
ATOM 737 O "O4'" . DT D 4 4  ? -2.12322  23.10661  16.77607  1.000 517.24469 ? 203 DT D "O4'" 1 
ATOM 738 C "C3'" . DT D 4 4  ? -3.42171  23.03024  14.74221  1.000 474.68579 ? 203 DT D "C3'" 1 
ATOM 739 O "O3'" . DT D 4 4  ? -3.65595  24.34608  14.10577  1.000 478.47482 ? 203 DT D "O3'" 1 
ATOM 740 C "C2'" . DT D 4 4  ? -1.99591  22.50648  14.50997  1.000 462.56676 ? 203 DT D "C2'" 1 
ATOM 741 C "C1'" . DT D 4 4  ? -1.23123  23.11093  15.69657  1.000 494.45528 ? 203 DT D "C1'" 1 
ATOM 742 N N1    . DT D 4 4  ? 0.09732   22.38564  16.07804  1.000 492.56377 ? 203 DT D N1    1 
ATOM 743 C C2    . DT D 4 4  ? 1.25949   23.11783  16.11529  1.000 506.44034 ? 203 DT D C2    1 
ATOM 744 O O2    . DT D 4 4  ? 1.30672   24.30140  15.85058  1.000 521.02192 ? 203 DT D O2    1 
ATOM 745 N N3    . DT D 4 4  ? 2.38300   22.41224  16.43898  1.000 502.70032 ? 203 DT D N3    1 
ATOM 746 C C4    . DT D 4 4  ? 2.46250   21.07529  16.76591  1.000 485.38270 ? 203 DT D C4    1 
ATOM 747 O O4    . DT D 4 4  ? 3.51396   20.53075  17.05630  1.000 484.32442 ? 203 DT D O4    1 
ATOM 748 C C5    . DT D 4 4  ? 1.23028   20.35914  16.71393  1.000 471.26111 ? 203 DT D C5    1 
ATOM 749 C C7    . DT D 4 4  ? 1.22187   18.90100  17.03530  1.000 451.41001 ? 203 DT D C7    1 
ATOM 750 C C6    . DT D 4 4  ? 0.11179   21.03304  16.37282  1.000 476.07732 ? 203 DT D C6    1 
ATOM 751 P P     . DG D 4 5  ? -3.78002  24.53723  12.49786  1.000 522.29924 ? 204 DG D P     1 
ATOM 752 O OP1   . DG D 4 5  ? -4.28787  25.91199  12.26224  1.000 532.61282 ? 204 DG D OP1   1 
ATOM 753 O OP2   . DG D 4 5  ? -4.52600  23.40258  11.91041  1.000 497.02252 ? 204 DG D OP2   1 
ATOM 754 O "O5'" . DG D 4 5  ? -2.25427  24.50424  11.96541  1.000 510.88260 ? 204 DG D "O5'" 1 
ATOM 755 C "C5'" . DG D 4 5  ? -1.32281  25.53602  12.37799  1.000 533.65692 ? 204 DG D "C5'" 1 
ATOM 756 C "C4'" . DG D 4 5  ? 0.00051   25.50055  11.59924  1.000 516.61576 ? 204 DG D "C4'" 1 
ATOM 757 O "O4'" . DG D 4 5  ? 0.97833   24.65330  12.26729  1.000 517.34374 ? 204 DG D "O4'" 1 
ATOM 758 C "C3'" . DG D 4 5  ? -0.06938  24.99686  10.16773  1.000 476.26637 ? 204 DG D "C3'" 1 
ATOM 759 O "O3'" . DG D 4 5  ? 0.84766   25.73695  9.38508   1.000 468.25064 ? 204 DG D "O3'" 1 
ATOM 760 C "C2'" . DG D 4 5  ? 0.36500   23.53362  10.30737  1.000 455.49329 ? 204 DG D "C2'" 1 
ATOM 761 C "C1'" . DG D 4 5  ? 1.43427   23.64407  11.37664  1.000 480.83663 ? 204 DG D "C1'" 1 
ATOM 762 N N9    . DG D 4 5  ? 1.64132   22.42879  12.16469  1.000 478.31835 ? 204 DG D N9    1 
ATOM 763 C C8    . DG D 4 5  ? 0.74058   21.83625  13.00444  1.000 481.86680 ? 204 DG D C8    1 
ATOM 764 N N7    . DG D 4 5  ? 1.20159   20.78483  13.62036  1.000 480.76181 ? 204 DG D N7    1 
ATOM 765 C C5    . DG D 4 5  ? 2.50184   20.67252  13.17830  1.000 478.49291 ? 204 DG D C5    1 
ATOM 766 C C6    . DG D 4 5  ? 3.49741   19.71669  13.50581  1.000 479.14494 ? 204 DG D C6    1 
ATOM 767 O O6    . DG D 4 5  ? 3.43101   18.74358  14.28021  1.000 481.09775 ? 204 DG D O6    1 
ATOM 768 N N1    . DG D 4 5  ? 4.67305   19.96641  12.82473  1.000 478.17754 ? 204 DG D N1    1 
ATOM 769 C C2    . DG D 4 5  ? 4.87163   21.01730  11.95121  1.000 477.11030 ? 204 DG D C2    1 
ATOM 770 N N2    . DG D 4 5  ? 6.07816   21.08739  11.40070  1.000 477.41553 ? 204 DG D N2    1 
ATOM 771 N N3    . DG D 4 5  ? 3.95138   21.91452  11.62737  1.000 476.49382 ? 204 DG D N3    1 
ATOM 772 C C4    . DG D 4 5  ? 2.79311   21.68221  12.27470  1.000 477.11333 ? 204 DG D C4    1 
ATOM 773 P P     . DA D 4 6  ? 0.85461   25.61012  7.78442   1.000 509.35460 ? 205 DA D P     1 
ATOM 774 O OP1   . DA D 4 6  ? 0.51413   26.94532  7.24941   1.000 517.14380 ? 205 DA D OP1   1 
ATOM 775 O OP2   . DA D 4 6  ? 0.04953   24.43995  7.37860   1.000 482.78446 ? 205 DA D OP2   1 
ATOM 776 O "O5'" . DA D 4 6  ? 2.38313   25.29108  7.43820   1.000 500.83906 ? 205 DA D "O5'" 1 
ATOM 777 C "C5'" . DA D 4 6  ? 3.21869   24.68020  8.40968   1.000 512.83516 ? 205 DA D "C5'" 1 
ATOM 778 C "C4'" . DA D 4 6  ? 4.10227   23.62625  7.77154   1.000 484.98411 ? 205 DA D "C4'" 1 
ATOM 779 O "O4'" . DA D 4 6  ? 4.24234   22.49990  8.68264   1.000 488.79148 ? 205 DA D "O4'" 1 
ATOM 780 C "C3'" . DA D 4 6  ? 3.54581   23.00455  6.48960   1.000 453.23061 ? 205 DA D "C3'" 1 
ATOM 781 O "O3'" . DA D 4 6  ? 4.61050   22.42379  5.76658   1.000 436.65210 ? 205 DA D "O3'" 1 
ATOM 782 C "C2'" . DA D 4 6  ? 2.69936   21.89811  7.07578   1.000 445.92416 ? 205 DA D "C2'" 1 
ATOM 783 C "C1'" . DA D 4 6  ? 3.74230   21.35369  8.02385   1.000 460.51417 ? 205 DA D "C1'" 1 
ATOM 784 N N9    . DA D 4 6  ? 3.25747   20.39321  8.99986   1.000 464.19259 ? 205 DA D N9    1 
ATOM 785 C C8    . DA D 4 6  ? 1.97437   20.20087  9.42055   1.000 469.36459 ? 205 DA D C8    1 
ATOM 786 N N7    . DA D 4 6  ? 1.85031   19.24252  10.31424  1.000 474.05521 ? 205 DA D N7    1 
ATOM 787 C C5    . DA D 4 6  ? 3.14500   18.77209  10.47590  1.000 470.71510 ? 205 DA D C5    1 
ATOM 788 C C6    . DA D 4 6  ? 3.70606   17.74519  11.27961  1.000 474.83689 ? 205 DA D C6    1 
ATOM 789 N N6    . DA D 4 6  ? 2.99522   16.99488  12.12468  1.000 480.87941 ? 205 DA D N6    1 
ATOM 790 N N1    . DA D 4 6  ? 5.04229   17.55706  11.21143  1.000 474.75669 ? 205 DA D N1    1 
ATOM 791 C C2    . DA D 4 6  ? 5.75393   18.31003  10.36775  1.000 470.32225 ? 205 DA D C2    1 
ATOM 792 N N3    . DA D 4 6  ? 5.34345   19.29325  9.56593   1.000 465.98517 ? 205 DA D N3    1 
ATOM 793 C C4    . DA D 4 6  ? 4.01680   19.46270  9.65926   1.000 466.37697 ? 205 DA D C4    1 
ATOM 794 P P     . DT D 4 7  ? 5.21558   23.10229  4.44247   1.000 571.89753 ? 206 DT D P     1 
ATOM 795 O OP1   . DT D 4 7  ? 5.06815   24.57546  4.49312   1.000 591.14826 ? 206 DT D OP1   1 
ATOM 796 O OP2   . DT D 4 7  ? 4.63556   22.37441  3.29600   1.000 545.41574 ? 206 DT D OP2   1 
ATOM 797 O "O5'" . DT D 4 7  ? 6.75948   22.70336  4.54741   1.000 578.96555 ? 206 DT D "O5'" 1 
ATOM 798 C "C5'" . DT D 4 7  ? 7.30467   22.36923  5.83037   1.000 594.85259 ? 206 DT D "C5'" 1 
ATOM 799 C "C4'" . DT D 4 7  ? 8.06814   21.05605  5.78599   1.000 581.62227 ? 206 DT D "C4'" 1 
ATOM 800 O "O4'" . DT D 4 7  ? 7.36605   20.05032  6.56596   1.000 576.89674 ? 206 DT D "O4'" 1 
ATOM 801 C "C3'" . DT D 4 7  ? 8.22424   20.44273  4.40110   1.000 559.41533 ? 206 DT D "C3'" 1 
ATOM 802 O "O3'" . DT D 4 7  ? 9.49189   19.79452  4.29811   1.000 562.22661 ? 206 DT D "O3'" 1 
ATOM 803 C "C2'" . DT D 4 7  ? 7.08822   19.42517  4.37482   1.000 541.59715 ? 206 DT D "C2'" 1 
ATOM 804 C "C1'" . DT D 4 7  ? 7.22960   18.89412  5.77440   1.000 555.13933 ? 206 DT D "C1'" 1 
ATOM 805 N N1    . DT D 4 7  ? 6.08272   18.10439  6.27526   1.000 545.85774 ? 206 DT D N1    1 
ATOM 806 C C2    . DT D 4 7  ? 6.34139   17.06028  7.11578   1.000 549.45155 ? 206 DT D C2    1 
ATOM 807 O O2    . DT D 4 7  ? 7.46001   16.74883  7.44948   1.000 559.93521 ? 206 DT D O2    1 
ATOM 808 N N3    . DT D 4 7  ? 5.24731   16.38576  7.55926   1.000 542.49263 ? 206 DT D N3    1 
ATOM 809 C C4    . DT D 4 7  ? 3.93656   16.63737  7.25184   1.000 534.54646 ? 206 DT D C4    1 
ATOM 810 O O4    . DT D 4 7  ? 3.02279   15.95703  7.71560   1.000 531.44940 ? 206 DT D O4    1 
ATOM 811 C C5    . DT D 4 7  ? 3.72055   17.76020  6.35760   1.000 531.71400 ? 206 DT D C5    1 
ATOM 812 C C7    . DT D 4 7  ? 2.33362   18.14228  5.94493   1.000 525.12709 ? 206 DT D C7    1 
ATOM 813 C C6    . DT D 4 7  ? 4.79854   18.43436  5.91847   1.000 536.72729 ? 206 DT D C6    1 
ATOM 814 P P     . DG D 4 8  ? 9.99456   19.32292  2.85410   1.000 506.08678 ? 207 DG D P     1 
ATOM 815 O OP1   . DG D 4 8  ? 10.08808  20.57278  2.06717   1.000 519.71865 ? 207 DG D OP1   1 
ATOM 816 O OP2   . DG D 4 8  ? 9.12184   18.20347  2.45021   1.000 485.26914 ? 207 DG D OP2   1 
ATOM 817 O "O5'" . DG D 4 8  ? 11.46095  18.71075  3.03874   1.000 503.99638 ? 207 DG D "O5'" 1 
ATOM 818 C "C5'" . DG D 4 8  ? 11.79997  17.96917  4.18765   1.000 519.49909 ? 207 DG D "C5'" 1 
ATOM 819 C "C4'" . DG D 4 8  ? 11.16669  16.57738  4.22646   1.000 506.36813 ? 207 DG D "C4'" 1 
ATOM 820 O "O4'" . DG D 4 8  ? 9.76039   16.65607  4.50648   1.000 497.13425 ? 207 DG D "O4'" 1 
ATOM 821 C "C3'" . DG D 4 8  ? 11.26326  15.70185  2.96863   1.000 486.80442 ? 207 DG D "C3'" 1 
ATOM 822 O "O3'" . DG D 4 8  ? 12.46387  14.86748  3.01729   1.000 490.58576 ? 207 DG D "O3'" 1 
ATOM 823 C "C2'" . DG D 4 8  ? 9.96516   14.85986  3.05168   1.000 467.04863 ? 207 DG D "C2'" 1 
ATOM 824 C "C1'" . DG D 4 8  ? 9.29808   15.36138  4.35033   1.000 477.60465 ? 207 DG D "C1'" 1 
ATOM 825 N N9    . DG D 4 8  ? 7.83720   15.34319  4.33790   1.000 464.33194 ? 207 DG D N9    1 
ATOM 826 C C8    . DG D 4 8  ? 6.99822   16.11595  3.58209   1.000 455.03985 ? 207 DG D C8    1 
ATOM 827 N N7    . DG D 4 8  ? 5.73478   15.85036  3.77235   1.000 445.12524 ? 207 DG D N7    1 
ATOM 828 C C5    . DG D 4 8  ? 5.73923   14.83624  4.71266   1.000 447.45696 ? 207 DG D C5    1 
ATOM 829 C C6    . DG D 4 8  ? 4.66453   14.13757  5.31095   1.000 440.91007 ? 207 DG D C6    1 
ATOM 830 O O6    . DG D 4 8  ? 3.44866   14.27999  5.12369   1.000 434.63698 ? 207 DG D O6    1 
ATOM 831 N N1    . DG D 4 8  ? 5.11569   13.19121  6.21119   1.000 448.25109 ? 207 DG D N1    1 
ATOM 832 C C2    . DG D 4 8  ? 6.43041   12.94492  6.49975   1.000 460.89415 ? 207 DG D C2    1 
ATOM 833 N N2    . DG D 4 8  ? 6.67305   11.99236  7.39711   1.000 468.30792 ? 207 DG D N2    1 
ATOM 834 N N3    . DG D 4 8  ? 7.44338   13.58665  5.94808   1.000 467.14309 ? 207 DG D N3    1 
ATOM 835 C C4    . DG D 4 8  ? 7.02561   14.51572  5.06886   1.000 459.52111 ? 207 DG D C4    1 
ATOM 836 P P     . DT D 4 9  ? 13.06888  14.16515  1.69154   1.000 394.96415 ? 208 DT D P     1 
ATOM 837 O OP1   . DT D 4 9  ? 14.39889  14.70187  1.34037   1.000 416.14681 ? 208 DT D OP1   1 
ATOM 838 O OP2   . DT D 4 9  ? 11.99527  14.11636  0.69889   1.000 375.98966 ? 208 DT D OP2   1 
ATOM 839 O "O5'" . DT D 4 9  ? 13.23676  12.64661  2.10053   1.000 387.71228 ? 208 DT D "O5'" 1 
ATOM 840 C "C5'" . DT D 4 9  ? 12.10969  11.82788  2.09872   1.000 365.85648 ? 208 DT D "C5'" 1 
ATOM 841 C "C4'" . DT D 4 9  ? 11.83477  11.30491  3.48284   1.000 369.83542 ? 208 DT D "C4'" 1 
ATOM 842 O "O4'" . DT D 4 9  ? 10.81237  12.10189  4.14054   1.000 365.16227 ? 208 DT D "O4'" 1 
ATOM 843 C "C3'" . DT D 4 9  ? 11.26204  9.92586   3.50008   1.000 355.90740 ? 208 DT D "C3'" 1 
ATOM 844 O "O3'" . DT D 4 9  ? 12.28160  8.95805   3.30872   1.000 367.30918 ? 208 DT D "O3'" 1 
ATOM 845 C "C2'" . DT D 4 9  ? 10.67188  9.87404   4.89384   1.000 353.25998 ? 208 DT D "C2'" 1 
ATOM 846 C "C1'" . DT D 4 9  ? 10.00845  11.24481  4.95782   1.000 359.83155 ? 208 DT D "C1'" 1 
ATOM 847 N N1    . DT D 4 9  ? 8.62987   11.23872  4.41051   1.000 342.18687 ? 208 DT D N1    1 
ATOM 848 C C2    . DT D 4 9  ? 7.65712   10.41346  4.95253   1.000 334.50186 ? 208 DT D C2    1 
ATOM 849 O O2    . DT D 4 9  ? 7.84324   9.66615   5.88970   1.000 341.46705 ? 208 DT D O2    1 
ATOM 850 N N3    . DT D 4 9  ? 6.44852   10.49230  4.32610   1.000 319.81867 ? 208 DT D N3    1 
ATOM 851 C C4    . DT D 4 9  ? 6.09686   11.28924  3.27768   1.000 313.24037 ? 208 DT D C4    1 
ATOM 852 O O4    . DT D 4 9  ? 4.96972   11.28345  2.79890   1.000 301.92624 ? 208 DT D O4    1 
ATOM 853 C C5    . DT D 4 9  ? 7.14752   12.11527  2.76371   1.000 322.23246 ? 208 DT D C5    1 
ATOM 854 C C7    . DT D 4 9  ? 6.88280   13.01799  1.60785   1.000 318.17857 ? 208 DT D C7    1 
ATOM 855 C C6    . DT D 4 9  ? 8.34899   12.04392  3.34176   1.000 335.68034 ? 208 DT D C6    1 
# 
loop_
_atom_site_anisotrop.id 
_atom_site_anisotrop.type_symbol 
_atom_site_anisotrop.pdbx_label_atom_id 
_atom_site_anisotrop.pdbx_label_alt_id 
_atom_site_anisotrop.pdbx_label_comp_id 
_atom_site_anisotrop.pdbx_label_asym_id 
_atom_site_anisotrop.pdbx_label_seq_id 
_atom_site_anisotrop.pdbx_PDB_ins_code 
_atom_site_anisotrop.U[1][1] 
_atom_site_anisotrop.U[2][2] 
_atom_site_anisotrop.U[3][3] 
_atom_site_anisotrop.U[1][2] 
_atom_site_anisotrop.U[1][3] 
_atom_site_anisotrop.U[2][3] 
_atom_site_anisotrop.pdbx_auth_seq_id 
_atom_site_anisotrop.pdbx_auth_comp_id 
_atom_site_anisotrop.pdbx_auth_asym_id 
_atom_site_anisotrop.pdbx_auth_atom_id 
1   O "O5'" . DA A 1  ? 12.64847 11.18051 12.16570 -0.39051 -0.16158 -0.73107 101 DA A "O5'" 
2   C "C5'" . DA A 1  ? 12.50710 11.15253 12.18831 -0.36256 -0.18834 -0.75622 101 DA A "C5'" 
3   C "C4'" . DA A 1  ? 12.63458 11.20195 12.28345 -0.38835 -0.18801 -0.78013 101 DA A "C4'" 
4   O "O4'" . DA A 1  ? 12.85077 11.26728 12.33637 -0.42418 -0.16934 -0.78492 101 DA A "O4'" 
5   C "C3'" . DA A 1  ? 12.68255 11.21817 12.28924 -0.41970 -0.15133 -0.76973 101 DA A "C3'" 
6   O "O3'" . DA A 1  ? 12.59083 11.18935 12.26987 -0.40750 -0.16832 -0.76270 101 DA A "O3'" 
7   C "C2'" . DA A 1  ? 12.91078 11.30093 12.38049 -0.47423 -0.10569 -0.78859 101 DA A "C2'" 
8   C "C1'" . DA A 1  ? 13.01630 11.32382 12.40042 -0.47056 -0.12873 -0.79231 101 DA A "C1'" 
9   N N9    . DA A 1  ? 3.28664  1.47025  2.49809  -0.49789 -0.09904 -0.77033 101 DA A N9    
10  C C8    . DA A 1  ? 3.30464  1.45212  2.43049  -0.47982 -0.12102 -0.73995 101 DA A C8    
11  N N7    . DA A 1  ? 3.46327  1.48430  2.41960  -0.50720 -0.09222 -0.71772 101 DA A N7    
12  C C5    . DA A 1  ? 3.55467  1.53037  2.48825  -0.55092 -0.03709 -0.73835 101 DA A C5    
13  C C6    . DA A 1  ? 3.73124  1.58320  2.51716  -0.59852 0.02424  -0.73276 101 DA A C6    
14  N N6    . DA A 1  ? 3.86017  1.59783  2.48055  -0.60776 0.03402  -0.70326 101 DA A N6    
15  N N1    . DA A 1  ? 3.76422  1.61979  2.58435  -0.63489 0.07617  -0.75814 101 DA A N1    
16  C C2    . DA A 1  ? 3.63597  1.60285  2.61139  -0.62381 0.06495  -0.78149 101 DA A C2    
17  N N3    . DA A 1  ? 3.48708  1.55774  2.59445  -0.58189 0.00736  -0.78870 101 DA A N3    
18  C C4    . DA A 1  ? 3.44357  1.52174  2.53436  -0.54604 -0.04070 -0.76901 101 DA A C4    
19  P P     . DG A 2  ? 10.01681 8.65071  9.69307  -0.44979 -0.08473 -0.75385 102 DG A P     
20  O OP1   . DG A 2  ? 10.16773 8.78666  9.85832  -0.47046 -0.07190 -0.77474 102 DG A OP1   
21  O OP2   . DG A 2  ? 9.71996  8.47307  9.46100  -0.42811 -0.07044 -0.72088 102 DG A OP2   
22  O "O5'" . DG A 2  ? 10.15060 8.70439  9.73279  -0.49675 -0.01689 -0.76346 102 DG A "O5'" 
23  C "C5'" . DG A 2  ? 10.30025 8.82045  9.85205  -0.54928 0.06033  -0.78264 102 DG A "C5'" 
24  C "C4'" . DG A 2  ? 10.18301 8.75262  9.74003  -0.57680 0.14194  -0.77378 102 DG A "C4'" 
25  O "O4'" . DG A 2  ? 10.27942 8.76597  9.73157  -0.59029 0.15370  -0.76385 102 DG A "O4'" 
26  C "C3'" . DG A 2  ? 9.84501  8.57430  9.52222  -0.55235 0.16266  -0.75436 102 DG A "C3'" 
27  O "O3'" . DG A 2  ? 9.78985  8.57296  9.50353  -0.58816 0.25436  -0.76654 102 DG A "O3'" 
28  C "C2'" . DG A 2  ? 9.75927  8.48237  9.39955  -0.53156 0.13778  -0.72954 102 DG A "C2'" 
29  C "C1'" . DG A 2  ? 10.03557 8.61405  9.53666  -0.56892 0.16048  -0.73898 102 DG A "C1'" 
30  N N9    . DG A 2  ? 2.88164  1.39841  2.31468  -0.54664 0.10784  -0.72444 102 DG A N9    
31  C C8    . DG A 2  ? 2.77760  1.33993  2.26362  -0.49486 0.02959  -0.71176 102 DG A C8    
32  N N7    . DG A 2  ? 2.84880  1.34018  2.25178  -0.48726 0.00466  -0.70255 102 DG A N7    
33  C C5    . DG A 2  ? 3.02752  1.40184  2.29395  -0.53791 0.06611  -0.70495 102 DG A C5    
34  C C6    . DG A 2  ? 3.19861  1.43567  2.29542  -0.55954 0.08001  -0.69059 102 DG A C6    
35  O O6    . DG A 2  ? 3.23097  1.41882  2.25222  -0.53822 0.04053  -0.66899 102 DG A O6    
36  N N1    . DG A 2  ? 3.34540  1.49641  2.34862  -0.61227 0.15291  -0.69963 102 DG A N1    
37  C C2    . DG A 2  ? 3.33280  1.52504  2.39499  -0.64253 0.21014  -0.72039 102 DG A C2    
38  N N2    . DG A 2  ? 3.47978  1.58241  2.44189  -0.69029 0.27848  -0.72706 102 DG A N2    
39  N N3    . DG A 2  ? 3.18527  1.49908  2.39098  -0.62592 0.20299  -0.73146 102 DG A N3    
40  C C4    . DG A 2  ? 3.04373  1.43756  2.33882  -0.57390 0.12878  -0.72167 102 DG A C4    
41  P P     . DG A 3  ? 8.31583  7.23754  8.11909  -0.57821 0.30692  -0.75093 103 DG A P     
42  O OP1   . DG A 3  ? 8.30183  7.28649  8.16405  -0.61148 0.39827  -0.77267 103 DG A OP1   
43  O OP2   . DG A 3  ? 8.07541  7.10539  7.97195  -0.52564 0.25352  -0.72897 103 DG A OP2   
44  O "O5'" . DG A 3  ? 8.37079  7.20748  8.06462  -0.59395 0.31702  -0.73760 103 DG A "O5'" 
45  C "C5'" . DG A 3  ? 8.58372  7.31797  8.17663  -0.64335 0.37594  -0.75181 103 DG A "C5'" 
46  C "C4'" . DG A 3  ? 8.56145  7.27520  8.09477  -0.65123 0.40104  -0.73405 103 DG A "C4'" 
47  O "O4'" . DG A 3  ? 8.69555  7.30372  8.12463  -0.63638 0.33692  -0.71862 103 DG A "O4'" 
48  C "C3'" . DG A 3  ? 8.24266  7.10475  7.88617  -0.62332 0.41487  -0.71644 103 DG A "C3'" 
49  O "O3'" . DG A 3  ? 8.20192  7.09854  7.85114  -0.65370 0.50030  -0.72097 103 DG A "O3'" 
50  C "C2'" . DG A 3  ? 8.20858  7.03884  7.80660  -0.58885 0.34157  -0.68962 103 DG A "C2'" 
51  C "C1'" . DG A 3  ? 8.52629  7.18690  7.96920  -0.61384 0.32654  -0.69349 103 DG A "C1'" 
52  N N9    . DG A 3  ? 2.78650  1.38136  2.16757  -0.58285 0.24689  -0.67714 103 DG A N9    
53  C C8    . DG A 3  ? 2.67982  1.32771  2.13244  -0.53419 0.16778  -0.66985 103 DG A C8    
54  N N7    . DG A 3  ? 2.73956  1.31482  2.12077  -0.51519 0.11359  -0.65952 103 DG A N7    
55  C C5    . DG A 3  ? 2.90020  1.36135  2.14246  -0.55356 0.15805  -0.65547 103 DG A C5    
56  C C6    . DG A 3  ? 3.02931  1.37420  2.13511  -0.55554 0.13743  -0.64030 103 DG A C6    
57  O O6    . DG A 3  ? 3.01580  1.34618  2.10603  -0.52203 0.07568  -0.62819 103 DG A O6    
58  N N1    . DG A 3  ? 3.18516  1.42536  2.15932  -0.60084 0.20011  -0.63681 103 DG A N1    
59  C C2    . DG A 3  ? 3.20691  1.46083  2.19198  -0.63959 0.27554  -0.65020 103 DG A C2    
60  N N2    . DG A 3  ? 3.36351  1.50674  2.21252  -0.67809 0.32792  -0.64492 103 DG A N2    
61  N N3    . DG A 3  ? 3.08450  1.45315  2.20171  -0.63997 0.30109  -0.66632 103 DG A N3    
62  C C4    . DG A 3  ? 2.93469  1.40195  2.17326  -0.59559 0.23861  -0.66663 103 DG A C4    
63  P P     . DC A 4  ? 8.12432  6.90582  7.63585  -0.68614 0.53160  -0.71307 104 DC A P     
64  O OP1   . DC A 4  ? 8.87011  7.49278  8.25170  -0.71539 0.52285  -0.72518 104 DC A OP1   
65  O OP2   . DC A 4  ? 7.97650  6.83927  7.54279  -0.70794 0.61845  -0.72023 104 DC A OP2   
66  O "O5'" . DC A 4  ? 7.67885  6.46645  7.16893  -0.65120 0.47344  -0.68260 104 DC A "O5'" 
67  C "C5'" . DC A 4  ? 7.93523  6.58183  7.27616  -0.66100 0.44704  -0.66937 104 DC A "C5'" 
68  C "C4'" . DC A 4  ? 7.44556  6.11689  6.78157  -0.62791 0.40108  -0.64110 104 DC A "C4'" 
69  O "O4'" . DC A 4  ? 7.45329  6.08728  6.77090  -0.59180 0.31347  -0.63138 104 DC A "O4'" 
70  C "C3'" . DC A 4  ? 6.77170  5.59810  6.23775  -0.60316 0.41423  -0.63101 104 DC A "C3'" 
71  O "O3'" . DC A 4  ? 6.60047  5.42209  6.02273  -0.62178 0.46211  -0.61961 104 DC A "O3'" 
72  C "C2'" . DC A 4  ? 6.39736  5.26067  5.90706  -0.55047 0.32342  -0.61251 104 DC A "C2'" 
73  C "C1'" . DC A 4  ? 6.89930  5.61384  6.27548  -0.55288 0.27379  -0.60901 104 DC A "C1'" 
74  N N1    . DC A 4  ? 6.81507  5.53170  6.22087  -0.50675 0.18146  -0.60347 104 DC A N1    
75  C C2    . DC A 4  ? 6.97980  5.60151  6.28670  -0.49399 0.13244  -0.59081 104 DC A C2    
76  O O2    . DC A 4  ? 7.22230  5.75266  6.40790  -0.51890 0.15990  -0.57950 104 DC A O2    
77  N N3    . DC A 4  ? 6.92458  5.56185  6.27174  -0.45371 0.05982  -0.58987 104 DC A N3    
78  C C4    . DC A 4  ? 6.68270  5.41340  6.15516  -0.42535 0.02828  -0.60006 104 DC A C4    
79  N N4    . DC A 4  ? 6.65817  5.40664  6.17498  -0.38593 -0.03917 -0.60215 104 DC A N4    
80  C C5    . DC A 4  ? 6.54664  5.36137  6.10201  -0.43829 0.07392  -0.60733 104 DC A C5    
81  C C6    . DC A 4  ? 6.62594  5.43647  6.15016  -0.47930 0.15310  -0.61044 104 DC A C6    
82  P P     . DA A 5  ? 7.01562  5.69648  6.28417  -0.66941 0.51293  -0.62213 105 DA A P     
83  O OP1   . DA A 5  ? 7.59246  6.20856  6.82237  -0.70627 0.55720  -0.64697 105 DA A OP1   
84  O OP2   . DA A 5  ? 6.64003  5.37890  5.92888  -0.68228 0.57155  -0.61499 105 DA A OP2   
85  O "O5'" . DA A 5  ? 7.08015  5.63976  6.22008  -0.65555 0.44817  -0.60041 105 DA A "O5'" 
86  C "C5'" . DA A 5  ? 7.46103  5.88502  6.44389  -0.68825 0.47871  -0.59243 105 DA A "C5'" 
87  C "C4'" . DA A 5  ? 7.21631  5.59006  6.11824  -0.66699 0.43236  -0.56249 105 DA A "C4'" 
88  O "O4'" . DA A 5  ? 7.06187  5.44254  5.98867  -0.62591 0.34935  -0.55474 105 DA A "O4'" 
89  C "C3'" . DA A 5  ? 6.68128  5.14393  5.63485  -0.65520 0.44671  -0.54452 105 DA A "C3'" 
90  O "O3'" . DA A 5  ? 6.77118  5.13549  5.58931  -0.67334 0.46570  -0.52446 105 DA A "O3'" 
91  C "C2'" . DA A 5  ? 6.20373  4.74860  5.24560  -0.60395 0.36992  -0.53120 105 DA A "C2'" 
92  C "C1'" . DA A 5  ? 6.49728  4.94962  5.47171  -0.59062 0.31050  -0.53175 105 DA A "C1'" 
93  N N9    . DA A 5  ? 6.23273  4.77824  5.32902  -0.54806 0.24958  -0.53578 105 DA A N9    
94  C C8    . DA A 5  ? 6.10074  4.74792  5.32636  -0.54167 0.25930  -0.55524 105 DA A C8    
95  N N7    . DA A 5  ? 5.86488  4.58294  5.18351  -0.49910 0.19690  -0.55366 105 DA A N7    
96  C C5    . DA A 5  ? 5.84302  4.50874  5.09685  -0.47536 0.14323  -0.53367 105 DA A C5    
97  C C6    . DA A 5  ? 5.64330  4.34887  4.94987  -0.42895 0.07110  -0.52464 105 DA A C6    
98  N N6    . DA A 5  ? 5.40418  4.20779  4.84249  -0.39594 0.03448  -0.53530 105 DA A N6    
99  N N1    . DA A 5  ? 5.69598  4.33481  4.90836  -0.41779 0.04091  -0.50156 105 DA A N1    
100 C C2    . DA A 5  ? 5.93111  4.46432  4.99962  -0.44934 0.07596  -0.48591 105 DA A C2    
101 N N3    . DA A 5  ? 6.12956  4.61062  5.13612  -0.49402 0.14228  -0.49506 105 DA A N3    
102 C C4    . DA A 5  ? 6.07112  4.62963  5.18352  -0.50515 0.17509  -0.52037 105 DA A C4    
103 P P     . DG A 6  ? 10.24770 8.67619  9.08874  -0.66264 0.47487  -0.50237 106 DG A P     
104 O OP1   . DG A 6  ? 10.51145 8.83556  9.21714  -0.69813 0.52553  -0.49282 106 DG A OP1   
105 O OP2   . DG A 6  ? 9.83299  8.41926  8.83531  -0.65202 0.49933  -0.51358 106 DG A OP2   
106 O "O5'" . DG A 6  ? 9.96610  8.38380  8.78861  -0.61929 0.38983  -0.47695 106 DG A "O5'" 
107 C "C5'" . DG A 6  ? 10.28209 8.57033  8.97723  -0.61583 0.34840  -0.46639 106 DG A "C5'" 
108 C "C4'" . DG A 6  ? 9.98370  8.29042  8.68741  -0.57079 0.27199  -0.44208 106 DG A "C4'" 
109 O "O4'" . DG A 6  ? 9.81347  8.22118  8.65546  -0.53617 0.22421  -0.45569 106 DG A "O4'" 
110 C "C3'" . DG A 6  ? 9.47087  7.84125  8.20360  -0.55532 0.26947  -0.41958 106 DG A "C3'" 
111 O "O3'" . DG A 6  ? 9.45248  7.74872  8.08412  -0.53417 0.22001  -0.38842 106 DG A "O3'" 
112 C "C2'" . DG A 6  ? 9.02255  7.55372  7.94040  -0.52163 0.24404  -0.43070 106 DG A "C2'" 
113 C "C1'" . DG A 6  ? 9.24502  7.76443  8.18846  -0.49926 0.19069  -0.44148 106 DG A "C1'" 
114 N N9    . DG A 6  ? 9.02196  7.67355  8.13405  -0.47697 0.17822  -0.46216 106 DG A N9    
115 C C8    . DG A 6  ? 9.07145  7.78793  8.26188  -0.49883 0.23257  -0.48437 106 DG A C8    
116 N N7    . DG A 6  ? 8.85728  7.68445  8.18487  -0.47115 0.20958  -0.49496 106 DG A N7    
117 C C5    . DG A 6  ? 8.64629  7.48535  7.99661  -0.42664 0.13215  -0.48188 106 DG A C5    
118 C C6    . DG A 6  ? 8.36549  7.30302  7.84324  -0.38160 0.07776  -0.48479 106 DG A C6    
119 O O6    . DG A 6  ? 8.24394  7.27245  7.82789  -0.37346 0.08831  -0.49506 106 DG A O6    
120 N N1    . DG A 6  ? 8.22745  7.15243  7.69567  -0.34543 0.01326  -0.47113 106 DG A N1    
121 C C2    . DG A 6  ? 8.35455  7.17858  7.68871  -0.35392 0.00544  -0.45005 106 DG A C2    
122 N N2    . DG A 6  ? 8.20119  7.03199  7.53451  -0.31859 -0.04865 -0.43193 106 DG A N2    
123 N N3    . DG A 6  ? 8.62719  7.34567  7.82461  -0.39522 0.05150  -0.44218 106 DG A N3    
124 C C4    . DG A 6  ? 8.74819  7.48392  7.96924  -0.42984 0.11377  -0.46165 106 DG A C4    
125 P P     . DC A 7  ? 9.84004  8.17140  8.46671  -0.51808 0.21044  -0.35910 107 DC A P     
126 O OP1   . DC A 7  ? 10.01519 8.22851  8.49392  -0.50441 0.16670  -0.32538 107 DC A OP1   
127 O OP2   . DC A 7  ? 9.73587  8.07982  8.35771  -0.55472 0.28419  -0.36671 107 DC A OP2   
128 O "O5'" . DC A 7  ? 9.33323  7.82604  8.14249  -0.47390 0.16706  -0.36351 107 DC A "O5'" 
129 C "C5'" . DC A 7  ? 9.35884  7.87568  8.21495  -0.43411 0.09848  -0.36073 107 DC A "C5'" 
130 C "C4'" . DC A 7  ? 8.83428  7.51513  7.88650  -0.39943 0.07536  -0.37661 107 DC A "C4'" 
131 O "O4'" . DC A 7  ? 8.86054  7.60429  8.00661  -0.41873 0.11836  -0.40889 107 DC A "O4'" 
132 C "C3'" . DC A 7  ? 8.29699  7.07774  7.43010  -0.37679 0.06999  -0.36186 107 DC A "C3'" 
133 O "O3'" . DC A 7  ? 7.96078  6.80483  7.16549  -0.32716 0.00415  -0.34835 107 DC A "O3'" 
134 C "C2'" . DC A 7  ? 8.06797  6.96111  7.33235  -0.38779 0.11697  -0.38746 107 DC A "C2'" 
135 C "C1'" . DC A 7  ? 8.33438  7.22113  7.63235  -0.39263 0.11382  -0.41292 107 DC A "C1'" 
136 N N1    . DC A 7  ? 8.36898  7.32572  7.74994  -0.41770 0.17552  -0.43773 107 DC A N1    
137 C C2    . DC A 7  ? 8.13465  7.21282  7.66096  -0.38998 0.16099  -0.44790 107 DC A C2    
138 O O2    . DC A 7  ? 7.87286  7.00163  7.46312  -0.34529 0.09812  -0.43777 107 DC A O2    
139 N N3    . DC A 7  ? 8.17451  7.31953  7.76812  -0.41315 0.22468  -0.46582 107 DC A N3    
140 C C4    . DC A 7  ? 8.45075  7.54492  7.97993  -0.46041 0.29559  -0.47766 107 DC A C4    
141 N N4    . DC A 7  ? 8.49244  7.66360  8.10096  -0.48036 0.36059  -0.49772 107 DC A N4    
142 C C5    . DC A 7  ? 8.70415  7.66776  8.08373  -0.48861 0.30698  -0.46862 107 DC A C5    
143 C C6    . DC A 7  ? 8.65019  7.54843  7.95730  -0.46640 0.24690  -0.44758 107 DC A C6    
144 P P     . DC A 8  ? 8.75133  7.51132  7.83190  -0.30558 -0.04525 -0.30501 108 DC A P     
145 O OP1   . DC A 8  ? 9.31085  7.91506  8.22048  -0.32832 -0.04674 -0.29423 108 DC A OP1   
146 O OP2   . DC A 8  ? 8.39456  7.18492  7.47302  -0.29955 -0.03864 -0.28276 108 DC A OP2   
147 O "O5'" . DC A 8  ? 8.56699  7.40421  7.74383  -0.25778 -0.10454 -0.29937 108 DC A "O5'" 
148 C "C5'" . DC A 8  ? 8.08247  7.01649  7.34486  -0.22069 -0.13176 -0.28008 108 DC A "C5'" 
149 C "C4'" . DC A 8  ? 7.89905  6.93841  7.29559  -0.18664 -0.16000 -0.29029 108 DC A "C4'" 
150 O "O4'" . DC A 8  ? 8.18707  7.23036  7.63179  -0.20667 -0.13842 -0.33187 108 DC A "O4'" 
151 C "C3'" . DC A 8  ? 7.33988  6.53765  6.90976  -0.16705 -0.14346 -0.30490 108 DC A "C3'" 
152 O "O3'" . DC A 8  ? 7.05414  6.26877  6.60106  -0.12888 -0.18626 -0.25532 108 DC A "O3'" 
153 C "C2'" . DC A 8  ? 7.34542  6.61796  7.02389  -0.15838 -0.14094 -0.33044 108 DC A "C2'" 
154 C "C1'" . DC A 8  ? 7.84862  7.04005  7.48066  -0.19107 -0.12425 -0.36383 108 DC A "C1'" 
155 N N1    . DC A 8  ? 7.81634  7.03927  7.51375  -0.20913 -0.09154 -0.39538 108 DC A N1    
156 C C2    . DC A 8  ? 7.57623  6.89755  7.40736  -0.18310 -0.10687 -0.40754 108 DC A C2    
157 O O2    . DC A 8  ? 7.34508  6.78331  7.29076  -0.14381 -0.12375 -0.39625 108 DC A O2    
158 N N3    . DC A 8  ? 7.62397  6.92714  7.41332  -0.21587 -0.06031 -0.40160 108 DC A N3    
159 C C4    . DC A 8  ? 7.83199  7.07096  7.53183  -0.26087 -0.00371 -0.40544 108 DC A C4    
160 N N4    . DC A 8  ? 7.85047  7.12143  7.56099  -0.29720 0.07091  -0.41293 108 DC A N4    
161 C C5    . DC A 8  ? 8.06789  7.20306  7.64647  -0.27586 -0.00872 -0.39670 108 DC A C5    
162 C C6    . DC A 8  ? 8.06189  7.18364  7.62895  -0.24830 -0.05690 -0.38601 108 DC A C6    
163 P P     . DT A 9  ? 5.74785  5.06830  5.39112  -0.12006 -0.16231 -0.25462 109 DT A P     
164 O OP1   . DT A 9  ? 5.59418  4.87588  5.15836  -0.08122 -0.22089 -0.19555 109 DT A OP1   
165 O OP2   . DT A 9  ? 5.74495  5.08096  5.42788  -0.15691 -0.10650 -0.29686 109 DT A OP2   
166 O "O5'" . DT A 9  ? 5.47598  4.92392  5.25547  -0.09297 -0.16192 -0.25563 109 DT A "O5'" 
167 C "C5'" . DT A 9  ? 5.48884  4.93762  5.27262  -0.04859 -0.22530 -0.22679 109 DT A "C5'" 
168 C "C4'" . DT A 9  ? 5.37353  4.91876  5.27349  -0.04586 -0.20050 -0.24729 109 DT A "C4'" 
169 O "O4'" . DT A 9  ? 5.65783  5.15864  5.52520  -0.12087 -0.11463 -0.30013 109 DT A "O4'" 
170 C "C3'" . DT A 9  ? 4.88241  4.56424  4.91427  -0.00818 -0.19945 -0.23298 109 DT A "C3'" 
171 O "O3'" . DT A 9  ? 4.59390  4.37553  4.73947  0.07594  -0.27503 -0.19706 109 DT A "O3'" 
172 C "C2'" . DT A 9  ? 4.90460  4.63748  4.99913  -0.03882 -0.14014 -0.26518 109 DT A "C2'" 
173 C "C1'" . DT A 9  ? 5.46575  5.03210  5.39208  -0.11568 -0.09857 -0.29348 109 DT A "C1'" 
174 N N1    . DT A 9  ? 5.64087  5.12024  5.47935  -0.14795 -0.08537 -0.29696 109 DT A N1    
175 C C2    . DT A 9  ? 5.47344  5.09580  5.47741  -0.14067 -0.04115 -0.32381 109 DT A C2    
176 O O2    . DT A 9  ? 5.18740  4.97516  5.36246  -0.10599 -0.02377 -0.32792 109 DT A O2    
177 N N3    . DT A 9  ? 5.62595  5.23017  5.61843  -0.17436 0.00448  -0.34632 109 DT A N3    
178 C C4    . DT A 9  ? 5.88221  5.37050  5.76895  -0.19875 -0.00337 -0.35469 109 DT A C4    
179 O O4    . DT A 9  ? 5.99671  5.48937  5.87320  -0.23928 0.06791  -0.37045 109 DT A O4    
180 C C5    . DT A 9  ? 5.96509  5.37364  5.80313  -0.17203 -0.07919 -0.35380 109 DT A C5    
181 C C7    . DT A 9  ? 6.19684  5.52102  5.93369  -0.20953 -0.04405 -0.36059 109 DT A C7    
182 C C6    . DT A 9  ? 5.80882  5.26917  5.69587  -0.12034 -0.13765 -0.32642 109 DT A C6    
183 P P     . DG A 10 ? 4.53616  4.32335  4.66506  0.12430  -0.32883 -0.14872 110 DG A P     
184 O OP1   . DG A 10 ? 4.22715  4.08469  4.38068  0.11364  -0.23214 -0.12164 110 DG A OP1   
185 O OP2   . DG A 10 ? 4.89971  4.53659  4.86789  0.12049  -0.37882 -0.12636 110 DG A OP2   
186 O "O5'" . DG A 10 ? 4.31966  4.12502  4.45324  0.09304  -0.27829 -0.16393 110 DG A "O5'" 
187 C "C5'" . DG A 10 ? 3.86170  3.79729  4.09078  0.10077  -0.22657 -0.14915 110 DG A "C5'" 
188 C "C4'" . DG A 10 ? 3.73019  3.75091  4.04535  0.08544  -0.17110 -0.17093 110 DG A "C4'" 
189 O "O4'" . DG A 10 ? 4.04622  4.01739  4.36606  0.05343  -0.16276 -0.22688 110 DG A "O4'" 
190 C "C3'" . DG A 10 ? 3.46580  3.51477  3.75802  0.03769  -0.11881 -0.16801 110 DG A "C3'" 
191 O "O3'" . DG A 10 ? 3.36761  3.43196  3.68110  0.03128  -0.10494 -0.17697 110 DG A "O3'" 
192 C "C2'" . DG A 10 ? 3.56254  3.66806  3.98407  0.04890  -0.09006 -0.22672 110 DG A "C2'" 
193 C "C1'" . DG A 10 ? 3.91420  3.95286  4.29805  0.02611  -0.09505 -0.25274 110 DG A "C1'" 
194 N N9    . DG A 10 ? 4.32366  4.20262  4.53309  -0.04947 -0.05652 -0.27020 110 DG A N9    
195 C C8    . DG A 10 ? 4.69119  4.37227  4.68473  -0.09449 -0.07248 -0.26153 110 DG A C8    
196 N N7    . DG A 10 ? 5.00690  4.58359  4.91040  -0.12928 -0.06590 -0.27794 110 DG A N7    
197 C C5    . DG A 10 ? 4.84017  4.57553  4.90803  -0.13054 0.00161  -0.30298 110 DG A C5    
198 C C6    . DG A 10 ? 5.02316  4.77522  5.10973  -0.16969 0.07030  -0.33117 110 DG A C6    
199 O O6    . DG A 10 ? 5.35747  5.00842  5.34450  -0.20735 0.08806  -0.34219 110 DG A O6    
200 N N1    . DG A 10 ? 4.75715  4.68311  5.01593  -0.15929 0.13222  -0.34863 110 DG A N1    
201 C C2    . DG A 10 ? 4.34624  4.42646  4.76573  -0.10736 0.12203  -0.34315 110 DG A C2    
202 N N2    . DG A 10 ? 4.19944  4.38144  4.70791  -0.09542 0.15800  -0.34074 110 DG A N2    
203 N N3    . DG A 10 ? 4.15483  4.24079  4.58418  -0.06309 0.05605  -0.31776 110 DG A N3    
204 C C4    . DG A 10 ? 4.42493  4.33129  4.66580  -0.08303 0.00431  -0.29807 110 DG A C4    
205 P P     . DT A 11 ? 2.99301  3.05215  3.30307  0.06158  -0.07986 -0.16545 111 DT A P     
206 O OP1   . DT A 11 ? 3.03071  3.09105  3.34961  0.06314  -0.08208 -0.16964 111 DT A OP1   
207 O OP2   . DT A 11 ? 2.95218  2.98871  3.22669  0.06685  -0.09555 -0.14864 111 DT A OP2   
208 O "O5'" . DT A 11 ? 2.82417  2.91234  3.14901  0.01288  -0.06453 -0.18163 111 DT A "O5'" 
209 C "C5'" . DT A 11 ? 2.89426  3.00100  3.25736  0.03523  -0.02131 -0.19861 111 DT A "C5'" 
210 C "C4'" . DT A 11 ? 2.85387  2.97438  3.22754  0.02041  0.00742  -0.21101 111 DT A "C4'" 
211 O "O4'" . DT A 11 ? 3.05652  3.18615  3.44535  -0.03672 0.01758  -0.22771 111 DT A "O4'" 
212 C "C3'" . DT A 11 ? 2.69929  2.81402  3.05128  0.01983  0.00604  -0.19980 111 DT A "C3'" 
213 O "O3'" . DT A 11 ? 2.65921  2.78289  3.02349  0.00966  0.02564  -0.21204 111 DT A "O3'" 
214 C "C2'" . DT A 11 ? 2.80871  2.92646  3.15407  0.01196  0.01942  -0.20095 111 DT A "C2'" 
215 C "C1'" . DT A 11 ? 3.03856  3.16568  3.41031  -0.04404 0.03037  -0.22303 111 DT A "C1'" 
216 N N1    . DT A 11 ? 3.22310  3.38845  3.61435  -0.03297 0.07369  -0.22588 111 DT A N1    
217 C C2    . DT A 11 ? 3.42736  3.59480  3.83667  -0.07035 0.12733  -0.26385 111 DT A C2    
218 O O2    . DT A 11 ? 3.43791  3.57334  3.80973  -0.05676 0.13796  -0.26850 111 DT A O2    
219 N N3    . DT A 11 ? 3.67480  3.82267  4.10290  -0.12326 0.18691  -0.32872 111 DT A N3    
220 C C4    . DT A 11 ? 3.85566  3.85025  4.13152  -0.12555 0.11743  -0.30631 111 DT A C4    
221 O O4    . DT A 11 ? 4.20685  4.05345  4.33547  -0.16279 0.10890  -0.30858 111 DT A O4    
222 C C5    . DT A 11 ? 3.59633  3.62570  3.90916  -0.07460 0.05558  -0.27959 111 DT A C5    
223 C C7    . DT A 11 ? 3.77001  3.63791  3.91513  -0.07498 -0.01472 -0.25163 111 DT A C7    
224 C C6    . DT A 11 ? 3.25017  3.41079  3.68125  -0.02896 0.05338  -0.25836 111 DT A C6    
225 P P     . DA A 12 ? 3.92280  4.03892  4.27900  -0.01989 -0.00671 -0.20453 112 DA A P     
226 O OP1   . DA A 12 ? 3.85618  3.97136  4.22052  0.02330  0.00099  -0.20385 112 DA A OP1   
227 O OP2   . DA A 12 ? 3.80550  3.91231  4.13417  0.02105  0.00120  -0.18640 112 DA A OP2   
228 O "O5'" . DA A 12 ? 4.04486  4.17090  4.42284  -0.03503 0.01599  -0.22122 112 DA A "O5'" 
229 C "C5'" . DA A 12 ? 4.16540  4.30066  4.57305  -0.04736 0.03282  -0.24084 112 DA A "C5'" 
230 C "C4'" . DA A 12 ? 4.21885  4.36471  4.63231  -0.02164 0.08581  -0.26001 112 DA A "C4'" 
231 O "O4'" . DA A 12 ? 4.35094  4.49011  4.76809  -0.07897 0.07864  -0.26222 112 DA A "O4'" 
232 C "C3'" . DA A 12 ? 4.08626  4.22305  4.49242  -0.06336 0.05680  -0.24865 112 DA A "C3'" 
233 O "O3'" . DA A 12 ? 4.06965  4.21736  4.48639  -0.02782 0.09666  -0.26684 112 DA A "O3'" 
234 C "C2'" . DA A 12 ? 4.17430  4.31390  4.55666  -0.02966 0.09492  -0.25078 112 DA A "C2'" 
235 C "C1'" . DA A 12 ? 4.39257  4.57284  4.90762  -0.08289 0.13299  -0.34113 112 DA A "C1'" 
236 N N9    . DA A 12 ? 4.41063  4.53994  4.78930  -0.08396 0.08701  -0.24793 112 DA A N9    
237 C C8    . DA A 12 ? 4.24536  4.37113  4.60543  -0.06294 0.05878  -0.22739 112 DA A C8    
238 N N7    . DA A 12 ? 4.33099  4.45792  4.66608  -0.02849 0.08647  -0.22479 112 DA A N7    
239 C C5    . DA A 12 ? 4.57463  4.69936  4.90378  -0.05440 0.12731  -0.24445 112 DA A C5    
240 C C6    . DA A 12 ? 4.80687  4.94565  5.20464  -0.12714 0.18896  -0.31839 112 DA A C6    
241 N N6    . DA A 12 ? 4.74153  4.87357  5.06687  -0.10183 0.16108  -0.25138 112 DA A N6    
242 N N1    . DA A 12 ? 5.00693  5.09381  5.31234  -0.15043 0.17215  -0.25756 112 DA A N1    
243 C C2    . DA A 12 ? 5.05445  5.15023  5.39101  -0.15469 0.17816  -0.27421 112 DA A C2    
244 N N3    . DA A 12 ? 4.88336  5.00625  5.22956  -0.08673 0.18170  -0.28448 112 DA A N3    
245 C C4    . DA A 12 ? 4.67872  4.84274  5.14577  -0.10939 0.16895  -0.33781 112 DA A C4    
246 P P     . DC A 13 ? 3.96992  4.11679  4.42425  -0.09410 0.09838  -0.28746 113 DC A P     
247 O OP1   . DC A 13 ? 4.05964  4.21831  4.52116  -0.04100 0.12536  -0.30025 113 DC A OP1   
248 O OP2   . DC A 13 ? 3.94856  4.09698  4.41211  -0.10120 0.10789  -0.29581 113 DC A OP2   
249 O "O5'" . DC A 13 ? 4.11667  4.25865  4.56024  -0.10956 0.11995  -0.29211 113 DC A "O5'" 
250 C "C5'" . DC A 13 ? 4.33374  4.48312  4.77002  -0.07580 0.17935  -0.31928 113 DC A "C5'" 
251 C "C4'" . DC A 13 ? 4.54248  4.68593  4.97471  -0.09574 0.21143  -0.33664 113 DC A "C4'" 
252 O "O4'" . DC A 13 ? 4.73460  4.89833  5.27490  -0.17939 0.27496  -0.42772 113 DC A "O4'" 
253 C "C3'" . DC A 13 ? 4.46293  4.60976  4.90016  -0.09060 0.20363  -0.33437 113 DC A "C3'" 
254 O "O3'" . DC A 13 ? 4.68037  4.82563  5.13075  -0.10599 0.23137  -0.35594 113 DC A "O3'" 
255 C "C2'" . DC A 13 ? 4.41208  4.55200  4.82007  -0.09133 0.19943  -0.32090 113 DC A "C2'" 
256 C "C1'" . DC A 13 ? 4.62419  4.75197  5.00962  -0.10892 0.22403  -0.32715 113 DC A "C1'" 
257 N N1    . DC A 13 ? 4.51332  4.62727  4.89940  -0.15294 0.17628  -0.29536 113 DC A N1    
258 C C2    . DC A 13 ? 4.68974  4.78560  5.04438  -0.17187 0.19926  -0.29452 113 DC A C2    
259 O O2    . DC A 13 ? 4.95252  5.04136  5.25995  -0.14474 0.26657  -0.32652 113 DC A O2    
260 N N3    . DC A 13 ? 4.57857  4.67117  4.90729  -0.16009 0.18381  -0.27526 113 DC A N3    
261 C C4    . DC A 13 ? 4.32330  4.43832  4.63687  -0.08615 0.17451  -0.26777 113 DC A C4    
262 N N4    . DC A 13 ? 4.23015  4.34090  4.52223  -0.07768 0.15750  -0.24804 113 DC A N4    
263 C C5    . DC A 13 ? 4.15027  4.27801  4.49372  -0.06931 0.15297  -0.26666 113 DC A C5    
264 C C6    . DC A 13 ? 4.24349  4.36674  4.62873  -0.12565 0.14143  -0.27724 113 DC A C6    
265 P P     . DG A 14 ? 4.44740  4.60041  4.92102  -0.10031 0.22607  -0.36174 114 DG A P     
266 O OP1   . DG A 14 ? 4.35019  4.55299  5.01511  -0.15826 0.25505  -0.46632 114 DG A OP1   
267 O OP2   . DG A 14 ? 4.37835  4.53197  4.83771  -0.08955 0.20539  -0.34477 114 DG A OP2   
268 O "O5'" . DG A 14 ? 4.79685  4.97930  5.44104  -0.20375 0.32011  -0.49406 114 DG A "O5'" 
269 C "C5'" . DG A 14 ? 4.83421  4.95832  5.32426  -0.20118 0.24060  -0.37130 114 DG A "C5'" 
270 C "C4'" . DG A 14 ? 5.16141  5.27942  5.59572  -0.15976 0.31714  -0.40407 114 DG A "C4'" 
271 O "O4'" . DG A 14 ? 5.23622  5.36952  5.78907  -0.25481 0.38401  -0.49738 114 DG A "O4'" 
272 C "C3'" . DG A 14 ? 5.49917  5.62847  6.07750  -0.27742 0.41933  -0.52829 114 DG A "C3'" 
273 O "O3'" . DG A 14 ? 5.70270  5.78855  6.11021  -0.20096 0.38074  -0.43626 114 DG A "O3'" 
274 C "C2'" . DG A 14 ? 5.35656  5.44325  5.78932  -0.24285 0.29097  -0.37700 114 DG A "C2'" 
275 C "C1'" . DG A 14 ? 5.24778  5.34284  5.61803  -0.17144 0.32248  -0.38659 114 DG A "C1'" 
276 N N9    . DG A 14 ? 5.01371  5.11654  5.37355  -0.15324 0.29005  -0.36199 114 DG A N9    
277 C C8    . DG A 14 ? 4.77329  4.88305  5.18885  -0.18897 0.22166  -0.33310 114 DG A C8    
278 N N7    . DG A 14 ? 4.62396  4.74588  4.98921  -0.11708 0.23227  -0.32658 114 DG A N7    
279 C C5    . DG A 14 ? 4.73648  4.84261  5.06923  -0.13161 0.24927  -0.32568 114 DG A C5    
280 C C6    . DG A 14 ? 4.63709  4.73761  4.94269  -0.12591 0.23472  -0.30609 114 DG A C6    
281 O O6    . DG A 14 ? 4.49260  4.63045  4.91368  -0.16807 0.24530  -0.36573 114 DG A O6    
282 N N1    . DG A 14 ? 4.78101  4.84869  5.08725  -0.20004 0.23043  -0.29440 114 DG A N1    
283 C C2    . DG A 14 ? 5.01724  5.06484  5.31601  -0.22979 0.26651  -0.31238 114 DG A C2    
284 N N2    . DG A 14 ? 5.24590  5.27122  5.53843  -0.29162 0.39957  -0.41728 114 DG A N2    
285 N N3    . DG A 14 ? 5.13058  5.18482  5.46123  -0.23794 0.27885  -0.33143 114 DG A N3    
286 C C4    . DG A 14 ? 4.96823  5.04878  5.33388  -0.21423 0.25130  -0.32940 114 DG A C4    
287 P P     . DG A 15 ? 6.51835  6.57547  6.88166  -0.22519 0.41154  -0.44320 115 DG A P     
288 O OP1   . DG A 15 ? 6.84986  6.89024  7.36361  -0.37584 0.55667  -0.58737 115 DG A OP1   
289 O OP2   . DG A 15 ? 6.53673  6.59678  6.89620  -0.22300 0.40566  -0.43941 115 DG A OP2   
290 O "O5'" . DG A 15 ? 6.44244  6.47322  6.82750  -0.30182 0.36425  -0.39870 115 DG A "O5'" 
291 C "C5'" . DG A 15 ? 6.65730  6.66489  6.92961  -0.25191 0.43596  -0.43245 115 DG A "C5'" 
292 C "C4'" . DG A 15 ? 6.57923  6.56249  6.88149  -0.32709 0.38861  -0.38472 115 DG A "C4'" 
293 O "O4'" . DG A 15 ? 6.28788  6.31223  6.54312  -0.22605 0.38648  -0.39465 115 DG A "O4'" 
294 C "C3'" . DG A 15 ? 6.77991  6.75620  7.07844  -0.33740 0.40027  -0.39134 115 DG A "C3'" 
295 O "O3'" . DG A 15 ? 7.05439  6.98734  7.30802  -0.36965 0.43728  -0.39773 115 DG A "O3'" 
296 C "C2'" . DG A 15 ? 6.70232  6.70043  7.03974  -0.36446 0.50678  -0.50546 115 DG A "C2'" 
297 C "C1'" . DG A 15 ? 6.26384  6.27273  6.55882  -0.29173 0.34153  -0.35660 115 DG A "C1'" 
298 N N9    . DG A 15 ? 6.10873  6.16923  6.49347  -0.29822 0.41989  -0.46465 115 DG A N9    
299 C C8    . DG A 15 ? 5.93030  5.99429  6.29133  -0.24646 0.28947  -0.35135 115 DG A C8    
300 N N7    . DG A 15 ? 5.68348  5.77648  6.00845  -0.16036 0.29232  -0.35397 115 DG A N7    
301 C C5    . DG A 15 ? 5.57575  5.64927  5.91063  -0.21540 0.24899  -0.31878 115 DG A C5    
302 C C6    . DG A 15 ? 5.32388  5.40739  5.64919  -0.19072 0.21815  -0.29752 115 DG A C6    
303 O O6    . DG A 15 ? 5.19688  5.33265  5.62061  -0.18719 0.26987  -0.38493 115 DG A O6    
304 N N1    . DG A 15 ? 5.32077  5.39784  5.57126  -0.14519 0.25220  -0.30056 115 DG A N1    
305 C C2    . DG A 15 ? 5.52326  5.57294  5.73574  -0.17012 0.28343  -0.30998 115 DG A C2    
306 N N2    . DG A 15 ? 5.46636  5.48718  5.68188  -0.22596 0.25356  -0.27554 115 DG A N2    
307 N N3    . DG A 15 ? 5.74742  5.77490  6.01055  -0.24657 0.28236  -0.31077 115 DG A N3    
308 C C4    . DG A 15 ? 5.76871  5.81631  6.07391  -0.24057 0.27818  -0.32405 115 DG A C4    
309 P P     . DA A 16 ? 9.00655  8.89802  9.19503  -0.38529 0.45081  -0.38428 116 DA A P     
310 O OP1   . DA A 16 ? 9.01606  8.90929  9.11620  -0.31306 0.49800  -0.43016 116 DA A OP1   
311 O OP2   . DA A 16 ? 9.35249  9.21318  9.40336  -0.33188 0.51525  -0.43238 116 DA A OP2   
312 O "O5'" . DA A 16 ? 8.74981  8.66928  8.84778  -0.28709 0.44947  -0.39705 116 DA A "O5'" 
313 C "C5'" . DA A 16 ? 8.63830  8.53640  8.78593  -0.35395 0.40580  -0.34451 116 DA A "C5'" 
314 C "C4'" . DA A 16 ? 8.63507  8.50637  8.63516  -0.29378 0.43516  -0.36280 116 DA A "C4'" 
315 O "O4'" . DA A 16 ? 8.32236  8.21753  8.42212  -0.33186 0.37067  -0.30902 116 DA A "O4'" 
316 C "C3'" . DA A 16 ? 8.95417  8.74973  8.90188  -0.32289 0.44351  -0.38409 116 DA A "C3'" 
317 O "O3'" . DA A 16 ? 8.97743  8.78277  8.94323  -0.39471 0.45712  -0.29976 116 DA A "O3'" 
318 C "C2'" . DA A 16 ? 8.81752  8.67763  8.89725  -0.36859 0.41272  -0.33022 116 DA A "C2'" 
319 C "C1'" . DA A 16 ? 8.47066  8.36976  8.48697  -0.27397 0.40304  -0.34470 116 DA A "C1'" 
320 N N9    . DA A 16 ? 8.30259  8.25181  8.38542  -0.24827 0.37687  -0.34247 116 DA A N9    
321 C C8    . DA A 16 ? 8.44641  8.41025  8.66928  -0.35538 0.47239  -0.44897 116 DA A C8    
322 N N7    . DA A 16 ? 8.16034  8.17130  8.34004  -0.21805 0.35087  -0.35078 116 DA A N7    
323 C C5    . DA A 16 ? 8.01321  8.02217  8.16931  -0.20875 0.32964  -0.32865 116 DA A C5    
324 C C6    . DA A 16 ? 7.89659  7.93326  8.15982  -0.27671 0.36775  -0.39293 116 DA A C6    
325 N N6    . DA A 16 ? 7.70826  7.76807  7.92970  -0.16862 0.28020  -0.31359 116 DA A N6    
326 N N1    . DA A 16 ? 7.70078  7.71439  7.89372  -0.23172 0.25543  -0.27159 116 DA A N1    
327 C C2    . DA A 16 ? 7.82332  7.80921  7.91103  -0.20167 0.30117  -0.28783 116 DA A C2    
328 N N3    . DA A 16 ? 8.00038  7.94750  8.11846  -0.27928 0.30522  -0.27619 116 DA A N3    
329 C C4    . DA A 16 ? 8.10120  8.07280  8.19805  -0.22717 0.34513  -0.32309 116 DA A C4    
330 P P     . DC A 17 ? 9.10141  8.85949  9.01119  -0.41803 0.47850  -0.29875 117 DC A P     
331 O OP1   . DC A 17 ? 9.20972  8.91934  8.97999  -0.41403 0.52315  -0.30053 117 DC A OP1   
332 O OP2   . DC A 17 ? 9.16641  8.93541  9.11340  -0.43246 0.50384  -0.32292 117 DC A OP2   
333 O "O5'" . DC A 17 ? 9.02285  8.80945  8.94756  -0.39550 0.44841  -0.28609 117 DC A "O5'" 
334 C "C5'" . DC A 17 ? 8.98486  8.72340  8.80392  -0.32329 0.40590  -0.32802 117 DC A "C5'" 
335 C "C4'" . DC A 17 ? 8.92275  8.68971  8.76404  -0.30699 0.38296  -0.31579 117 DC A "C4'" 
336 O "O4'" . DC A 17 ? 8.69392  8.57875  8.70598  -0.33015 0.37406  -0.26598 117 DC A "O4'" 
337 C "C3'" . DC A 17 ? 8.97565  8.76489  8.87145  -0.37562 0.41348  -0.26014 117 DC A "C3'" 
338 O "O3'" . DC A 17 ? 8.95460  8.73893  8.82571  -0.36325 0.39167  -0.24155 117 DC A "O3'" 
339 C "C2'" . DC A 17 ? 9.00008  8.78382  8.88157  -0.31717 0.40687  -0.34594 117 DC A "C2'" 
340 C "C1'" . DC A 17 ? 8.85493  8.69418  8.79672  -0.28471 0.37119  -0.33128 117 DC A "C1'" 
341 N N1    . DC A 17 ? 8.92941  8.81957  9.00679  -0.38236 0.47833  -0.41454 117 DC A N1    
342 C C2    . DC A 17 ? 8.60904  8.55942  8.74049  -0.29438 0.32099  -0.29441 117 DC A C2    
343 O O2    . DC A 17 ? 8.64352  8.58073  8.74318  -0.33362 0.41333  -0.37626 117 DC A O2    
344 N N3    . DC A 17 ? 8.65560  8.64124  8.85740  -0.32891 0.42526  -0.41608 117 DC A N3    
345 C C4    . DC A 17 ? 8.65485  8.63813  8.86202  -0.29520 0.33066  -0.32616 117 DC A C4    
346 N N4    . DC A 17 ? 8.58039  8.59236  8.83471  -0.28229 0.31946  -0.33610 117 DC A N4    
347 C C5    . DC A 17 ? 8.79489  8.74328  8.97232  -0.32387 0.36352  -0.33541 117 DC A C5    
348 C C6    . DC A 17 ? 8.82577  8.73782  8.94623  -0.33719 0.37352  -0.32270 117 DC A C6    
349 P P     . DA A 18 ? 5.15725  4.89007  4.89469  -0.35550 0.40916  -0.23132 118 DA A P     
350 O OP1   . DA A 18 ? 4.89922  4.61457  4.62218  -0.35706 0.40317  -0.23231 118 DA A OP1   
351 O OP2   . DA A 18 ? 5.61223  5.26927  5.26464  -0.39143 0.44262  -0.23643 118 DA A OP2   
352 O "O5'" . DA A 18 ? 5.11252  4.86768  4.86348  -0.33436 0.37848  -0.21494 118 DA A "O5'" 
353 C "C5'" . DA A 18 ? 4.73571  4.53739  4.53765  -0.30336 0.34353  -0.20506 118 DA A "C5'" 
354 C "C4'" . DA A 18 ? 4.57363  4.41360  4.45984  -0.29115 0.29985  -0.18898 118 DA A "C4'" 
355 O "O4'" . DA A 18 ? 4.48573  4.37881  4.44870  -0.28468 0.30391  -0.21207 118 DA A "O4'" 
356 C "C3'" . DA A 18 ? 4.94773  4.71600  4.71997  -0.26873 0.29419  -0.23434 118 DA A "C3'" 
357 O "O3'" . DA A 18 ? 4.69699  4.54534  4.52992  -0.26119 0.28916  -0.17255 118 DA A "O3'" 
358 C "C2'" . DA A 18 ? 5.29563  5.03996  5.08898  -0.39224 0.42467  -0.30825 118 DA A "C2'" 
359 C "C1'" . DA A 18 ? 4.75327  4.59952  4.64415  -0.25651 0.30645  -0.27032 118 DA A "C1'" 
360 N N9    . DA A 18 ? 4.84041  4.74894  4.84465  -0.30818 0.33696  -0.24630 118 DA A N9    
361 C C8    . DA A 18 ? 5.07249  4.95215  5.05712  -0.33504 0.36849  -0.26004 118 DA A C8    
362 N N7    . DA A 18 ? 5.15574  5.06189  5.19027  -0.33803 0.37973  -0.28106 118 DA A N7    
363 C C5    . DA A 18 ? 4.99547  4.92336  5.00353  -0.25900 0.36327  -0.32121 118 DA A C5    
364 C C6    . DA A 18 ? 4.95659  4.91105  5.09174  -0.30647 0.33018  -0.30679 118 DA A C6    
365 N N6    . DA A 18 ? 5.14159  5.09394  5.29753  -0.32272 0.35260  -0.32780 118 DA A N6    
366 N N1    . DA A 18 ? 4.74677  4.73405  4.91145  -0.27929 0.30056  -0.29859 118 DA A N1    
367 C C2    . DA A 18 ? 4.56775  4.55660  4.71285  -0.26265 0.27880  -0.27754 118 DA A C2    
368 N N3    . DA A 18 ? 4.55856  4.51994  4.65641  -0.26892 0.28110  -0.26203 118 DA A N3    
369 C C4    . DA A 18 ? 4.79246  4.72540  4.78928  -0.24391 0.33571  -0.29723 118 DA A C4    
370 P P     . DT A 19 ? 4.59641  4.38748  4.37765  -0.24700 0.26007  -0.20901 119 DT A P     
371 O OP1   . DT A 19 ? 4.34668  4.19829  4.17190  -0.23950 0.25243  -0.14978 119 DT A OP1   
372 O OP2   . DT A 19 ? 5.12854  4.89267  4.85445  -0.29830 0.31138  -0.16745 119 DT A OP2   
373 O "O5'" . DT A 19 ? 4.43021  4.26419  4.27545  -0.24575 0.27361  -0.23461 119 DT A "O5'" 
374 C "C5'" . DT A 19 ? 4.21747  4.14080  4.18576  -0.25304 0.26039  -0.18891 119 DT A "C5'" 
375 C "C4'" . DT A 19 ? 4.64366  4.53512  4.59426  -0.32310 0.35634  -0.30148 119 DT A "C4'" 
376 O "O4'" . DT A 19 ? 4.59134  4.53381  4.60922  -0.28116 0.29989  -0.23068 119 DT A "O4'" 
377 C "C3'" . DT A 19 ? 5.03432  4.88955  4.90941  -0.25510 0.28886  -0.25884 119 DT A "C3'" 
378 O "O3'" . DT A 19 ? 5.01126  4.91877  4.95578  -0.27675 0.27888  -0.19845 119 DT A "O3'" 
379 C "C2'" . DT A 19 ? 5.31067  5.21752  5.28331  -0.31244 0.32659  -0.23786 119 DT A "C2'" 
380 C "C1'" . DT A 19 ? 5.03031  4.92402  4.98101  -0.25573 0.31066  -0.29618 119 DT A "C1'" 
381 N N1    . DT A 19 ? 5.27696  5.15856  5.23157  -0.27434 0.34029  -0.32197 119 DT A N1    
382 C C2    . DT A 19 ? 5.24860  5.19632  5.26580  -0.25899 0.35689  -0.32465 119 DT A C2    
383 O O2    . DT A 19 ? 5.05583  5.03744  5.11505  -0.23738 0.33365  -0.31795 119 DT A O2    
384 N N3    . DT A 19 ? 5.45671  5.38416  5.55210  -0.33720 0.35488  -0.31577 119 DT A N3    
385 C C4    . DT A 19 ? 5.71510  5.61022  5.68705  -0.30053 0.41316  -0.35598 119 DT A C4    
386 O O4    . DT A 19 ? 5.89064  5.76914  5.95721  -0.38174 0.40691  -0.33862 119 DT A O4    
387 C C5    . DT A 19 ? 5.68939  5.57116  5.68708  -0.36740 0.40332  -0.29071 119 DT A C5    
388 C C7    . DT A 19 ? 5.95792  5.78470  5.89766  -0.39755 0.43392  -0.29301 119 DT A C7    
389 C C6    . DT A 19 ? 5.65651  5.47779  5.58524  -0.42220 0.48397  -0.39225 119 DT A C6    
390 P P     . DC A 20 ? 4.75709  4.67903  4.72574  -0.30553 0.33101  -0.29141 120 DC A P     
391 O OP1   . DC A 20 ? 4.32794  4.30335  4.38765  -0.23544 0.23084  -0.22075 120 DC A OP1   
392 O OP2   . DC A 20 ? 4.53741  4.46239  4.47463  -0.20082 0.22451  -0.21876 120 DC A OP2   
393 O "O5'" . DC A 20 ? 5.17127  5.12634  5.17975  -0.27561 0.28382  -0.22301 120 DC A "O5'" 
394 C "C5'" . DC A 20 ? 5.44354  5.39833  5.46429  -0.31962 0.35324  -0.32915 120 DC A "C5'" 
395 C "C4'" . DC A 20 ? 5.15774  5.15384  5.19294  -0.21452 0.28542  -0.27808 120 DC A "C4'" 
396 O "O4'" . DC A 20 ? 5.13085  5.09741  5.21048  -0.28344 0.28309  -0.26833 120 DC A "O4'" 
397 C "C3'" . DC A 20 ? 5.53617  5.54621  5.59699  -0.22054 0.29879  -0.29817 120 DC A "C3'" 
398 O "O3'" . DC A 20 ? 5.23517  5.27912  5.34615  -0.19564 0.27527  -0.29384 120 DC A "O3'" 
399 C "C2'" . DC A 20 ? 5.85232  5.83645  5.97124  -0.29935 0.30238  -0.29898 120 DC A "C2'" 
400 C "C1'" . DC A 20 ? 5.43121  5.40911  5.54317  -0.29380 0.29836  -0.29078 120 DC A "C1'" 
401 N N1    . DC A 20 ? 5.65593  5.61305  5.67675  -0.26634 0.36264  -0.33494 120 DC A N1    
402 C C2    . DC A 20 ? 5.82318  5.78025  5.94629  -0.38981 0.46941  -0.44426 120 DC A C2    
403 O O2    . DC A 20 ? 5.53383  5.52844  5.70579  -0.30942 0.32478  -0.32863 120 DC A O2    
404 N N3    . DC A 20 ? 5.87139  5.80880  5.99046  -0.35566 0.37398  -0.34135 120 DC A N3    
405 C C4    . DC A 20 ? 6.05068  5.95661  6.03280  -0.31056 0.42479  -0.37225 120 DC A C4    
406 N N4    . DC A 20 ? 6.22521  6.09573  6.28124  -0.40202 0.42333  -0.35140 120 DC A N4    
407 C C5    . DC A 20 ? 5.97151  5.88409  6.00023  -0.36796 0.40136  -0.30341 120 DC A C5    
408 C C6    . DC A 20 ? 5.77192  5.71135  5.81771  -0.34194 0.37057  -0.28984 120 DC A C6    
409 P P     . DA A 21 ? 9.71558  9.77680  9.84780  -0.18826 0.26757  -0.29655 121 DA A P     
410 O OP1   . DA A 21 ? 9.60679  9.69117  9.77258  -0.15877 0.23433  -0.28011 121 DA A OP1   
411 O OP2   . DA A 21 ? 9.77121  9.81709  9.86954  -0.19926 0.27303  -0.29204 121 DA A OP2   
412 O "O5'" . DA A 21 ? 9.79873  9.85264  10.00342 -0.25829 0.26260  -0.30769 121 DA A "O5'" 
413 C "C5'" . DA A 21 ? 9.78316  9.84565  10.01480 -0.25668 0.26529  -0.31794 121 DA A "C5'" 
414 C "C4'" . DA A 21 ? 9.83813  9.91389  10.10256 -0.26171 0.27301  -0.33711 121 DA A "C4'" 
415 O "O4'" . DA A 21 ? 9.87834  9.95167  10.16030 -0.27341 0.28950  -0.35263 121 DA A "O4'" 
416 C "C3'" . DA A 21 ? 9.96698  10.04630 10.16727 -0.22397 0.33397  -0.37408 121 DA A "C3'" 
417 O "O3'" . DA A 21 ? 9.97445  10.07300 10.20627 -0.21431 0.32610  -0.37967 121 DA A "O3'" 
418 C "C2'" . DA A 21 ? 10.05836 10.10778 10.31559 -0.31527 0.33061  -0.37457 121 DA A "C2'" 
419 C "C1'" . DA A 21 ? 10.13264 10.21281 10.44964 -0.35552 0.44904  -0.50252 121 DA A "C1'" 
420 N N9    . DA A 21 ? 10.04923 10.09205 10.22807 -0.25566 0.38207  -0.39919 121 DA A N9    
421 C C8    . DA A 21 ? 10.01008 10.02502 10.22051 -0.32241 0.33870  -0.35720 121 DA A C8    
422 N N7    . DA A 21 ? 10.05164 10.04053 10.23712 -0.34192 0.35996  -0.36067 121 DA A N7    
423 C C5    . DA A 21 ? 10.12174 10.12234 10.25402 -0.28521 0.41899  -0.41141 121 DA A C5    
424 C C6    . DA A 21 ? 10.18871 10.16513 10.30416 -0.30542 0.44883  -0.42777 121 DA A C6    
425 N N6    . DA A 21 ? 10.37455 10.29530 10.52221 -0.46467 0.57510  -0.52814 121 DA A N6    
426 N N1    . DA A 21 ? 10.23080 10.21458 10.37701 -0.31051 0.46614  -0.44845 121 DA A N1    
427 C C2    . DA A 21 ? 10.21178 10.22317 10.39959 -0.29765 0.45497  -0.45285 121 DA A C2    
428 N N3    . DA A 21 ? 10.13355 10.15415 10.41272 -0.35395 0.38540  -0.40960 121 DA A N3    
429 C C4    . DA A 21 ? 10.08972 10.10444 10.33821 -0.34501 0.37078  -0.39011 121 DA A C4    
430 P P     . DC B 1  ? 5.41109  2.22615  3.05927  1.05042  0.62927  0.08537  119 DC B P     
431 O OP1   . DC B 1  ? 5.33632  2.18795  3.08871  1.05966  0.52988  0.09891  119 DC B OP1   
432 O OP2   . DC B 1  ? 5.44655  2.22907  3.02266  1.02562  0.69149  0.06017  119 DC B OP2   
433 O "O5'" . DC B 1  ? 5.65782  2.32960  3.12614  1.06956  0.63384  0.09295  119 DC B "O5'" 
434 C "C5'" . DC B 1  ? 5.83840  2.38341  3.18701  1.08442  0.56863  0.09204  119 DC B "C5'" 
435 C "C4'" . DC B 1  ? 6.09630  2.48760  3.22863  1.08925  0.61111  0.08494  119 DC B "C4'" 
436 O "O4'" . DC B 1  ? 6.16061  2.52576  3.24830  1.10593  0.62776  0.09905  119 DC B "O4'" 
437 C "C3'" . DC B 1  ? 6.15313  2.51297  3.20231  1.06525  0.69992  0.07192  119 DC B "C3'" 
438 O "O3'" . DC B 1  ? 6.38800  2.59933  3.25650  1.06916  0.69253  0.06522  119 DC B "O3'" 
439 C "C2'" . DC B 1  ? 6.14793  2.52520  3.17855  1.06305  0.77492  0.08245  119 DC B "C2'" 
440 C "C1'" . DC B 1  ? 6.19110  2.54296  3.21149  1.09264  0.72318  0.09780  119 DC B "C1'" 
441 N N1    . DC B 1  ? 6.01675  2.48332  3.16184  1.09427  0.75008  0.11088  119 DC B N1    
442 C C2    . DC B 1  ? 6.03685  2.49866  3.13041  1.08586  0.83460  0.11618  119 DC B C2    
443 O O2    . DC B 1  ? 6.20439  2.56103  3.14805  1.07627  0.88409  0.11283  119 DC B O2    
444 N N3    . DC B 1  ? 5.87170  2.44608  3.08494  1.08772  0.85922  0.12811  119 DC B N3    
445 C C4    . DC B 1  ? 5.69316  2.38064  3.07123  1.09838  0.80258  0.13700  119 DC B C4    
446 N N4    . DC B 1  ? 5.53565  2.33417  3.02637  1.10146  0.83010  0.15099  119 DC B N4    
447 C C5    . DC B 1  ? 5.66905  2.36285  3.10738  1.10518  0.71440  0.13593  119 DC B C5    
448 C C6    . DC B 1  ? 5.83339  2.41519  3.15098  1.10243  0.69185  0.12130  119 DC B C6    
449 P P     . DC B 2  ? 7.03628  3.20590  3.83272  1.04277  0.74797  0.05220  120 DC B P     
450 O OP1   . DC B 2  ? 7.23729  3.25355  3.85404  1.05478  0.71984  0.04981  120 DC B OP1   
451 O OP2   . DC B 2  ? 6.76872  3.05864  3.72413  1.02471  0.73554  0.04041  120 DC B OP2   
452 O "O5'" . DC B 2  ? 7.24562  3.41874  4.00328  1.02417  0.85194  0.05989  120 DC B "O5'" 
453 C "C5'" . DC B 2  ? 7.55848  3.60897  4.15033  1.03438  0.88289  0.07222  120 DC B "C5'" 
454 C "C4'" . DC B 2  ? 7.72021  3.78844  4.30272  1.00891  0.98265  0.08153  120 DC B "C4'" 
455 O "O4'" . DC B 2  ? 7.64755  3.80359  4.32357  1.01569  0.99898  0.09171  120 DC B "O4'" 
456 C "C3'" . DC B 2  ? 7.65426  3.80420  4.33061  0.97137  1.03629  0.07061  120 DC B "C3'" 
457 O "O3'" . DC B 2  ? 7.96635  4.04256  4.54416  0.94642  1.11570  0.07929  120 DC B "O3'" 
458 C "C2'" . DC B 2  ? 7.44132  3.75180  4.29994  0.96455  1.05260  0.06934  120 DC B "C2'" 
459 C "C1'" . DC B 2  ? 7.60410  3.87995  4.40896  0.98533  1.06196  0.08852  120 DC B "C1'" 
460 N N1    . DC B 2  ? 7.38715  3.79830  4.35015  0.99638  1.04273  0.09097  120 DC B N1    
461 C C2    . DC B 2  ? 7.45011  3.88486  4.42152  1.00295  1.07891  0.10717  120 DC B C2    
462 O O2    . DC B 2  ? 7.68606  4.02477  4.53077  0.99908  1.12688  0.12005  120 DC B O2    
463 N N3    . DC B 2  ? 7.24512  3.80927  4.36769  1.01389  1.05877  0.11019  120 DC B N3    
464 C C4    . DC B 2  ? 6.99542  3.66052  4.25697  1.01740  1.00620  0.09953  120 DC B C4    
465 N N4    . DC B 2  ? 6.80207  3.59324  4.21250  1.02902  0.98691  0.10674  120 DC B N4    
466 C C5    . DC B 2  ? 6.93096  3.57184  4.18693  1.00971  0.96907  0.08352  120 DC B C5    
467 C C6    . DC B 2  ? 7.12671  3.64229  4.23246  0.99935  0.98994  0.07893  120 DC B C6    
468 P P     . DG B 3  ? 6.97279  3.04381  3.55366  0.91014  1.15827  0.06759  121 DG B P     
469 O OP1   . DG B 3  ? 7.15600  3.09521  3.58891  0.92518  1.11740  0.06681  121 DG B OP1   
470 O OP2   . DG B 3  ? 6.68960  2.91559  3.45674  0.89118  1.15398  0.04738  121 DG B OP2   
471 O "O5'" . DG B 3  ? 7.15597  3.19184  3.69393  0.87995  1.25385  0.08193  121 DG B "O5'" 
472 C "C5'" . DG B 3  ? 7.45542  3.34018  3.81357  0.88927  1.27872  0.10347  121 DG B "C5'" 
473 C "C4'" . DG B 3  ? 7.52199  3.41672  3.88784  0.88365  1.33295  0.12168  121 DG B "C4'" 
474 O "O4'" . DG B 3  ? 7.36185  3.37796  3.85658  0.89912  1.30603  0.11853  121 DG B "O4'" 
475 C "C3'" . DG B 3  ? 7.61719  3.54699  4.04721  0.83877  1.41782  0.12222  121 DG B "C3'" 
476 O "O3'" . DG B 3  ? 7.88307  3.75498  4.24914  0.83944  1.46163  0.14464  121 DG B "O3'" 
477 C "C2'" . DG B 3  ? 7.35936  3.47013  3.99619  0.82519  1.41457  0.10179  121 DG B "C2'" 
478 C "C1'" . DG B 3  ? 7.31134  3.45548  3.96272  0.86591  1.35941  0.11044  121 DG B "C1'" 
479 N N9    . DG B 3  ? 7.02975  3.31879  3.83990  0.87391  1.31399  0.09237  121 DG B N9    
480 C C8    . DG B 3  ? 6.81464  3.14194  3.67405  0.87546  1.26661  0.07326  121 DG B C8    
481 N N7    . DG B 3  ? 6.59271  3.05334  3.60009  0.88512  1.22948  0.06193  121 DG B N7    
482 C C5    . DG B 3  ? 6.66731  3.18154  3.72262  0.89211  1.25313  0.07461  121 DG B C5    
483 C C6    . DG B 3  ? 6.51575  3.17033  3.71985  0.90465  1.23275  0.07206  121 DG B C6    
484 O O6    . DG B 3  ? 6.28178  3.04171  3.60874  0.91216  1.18771  0.05841  121 DG B O6    
485 N N1    . DG B 3  ? 6.65545  3.32247  3.86008  0.90844  1.27030  0.08884  121 DG B N1    
486 C C2    . DG B 3  ? 6.91941  3.47272  3.99702  0.90038  1.31994  0.10611  121 DG B C2    
487 N N2    . DG B 3  ? 7.00680  3.59157  4.10961  0.90530  1.34947  0.12092  121 DG B N2    
488 N N3    . DG B 3  ? 7.07450  3.49337  4.01250  0.88828  1.33946  0.10946  121 DG B N3    
489 C C4    . DG B 3  ? 6.93343  3.34237  3.86830  0.88521  1.30440  0.09305  121 DG B C4    
490 P P     . DT B 4  ? 7.03228  2.90205  3.43342  0.79521  1.54814  0.14722  122 DT B P     
491 O OP1   . DT B 4  ? 7.30666  3.06437  3.58079  0.80698  1.57466  0.17475  122 DT B OP1   
492 O OP2   . DT B 4  ? 7.03722  2.88065  3.43176  0.76466  1.57013  0.13247  122 DT B OP2   
493 O "O5'" . DT B 4  ? 6.90027  2.95078  3.51084  0.77782  1.56500  0.12926  122 DT B "O5'" 
494 C "C5'" . DT B 4  ? 6.86225  2.96630  3.51300  0.80371  1.54803  0.14135  122 DT B "C5'" 
495 C "C4'" . DT B 4  ? 6.75360  3.03819  3.60831  0.78379  1.56914  0.12015  122 DT B "C4'" 
496 O "O4'" . DT B 4  ? 6.51506  2.92866  3.48936  0.79736  1.51761  0.10257  122 DT B "O4'" 
497 C "C3'" . DT B 4  ? 6.73721  3.09163  3.69559  0.73372  1.62908  0.09165  122 DT B "C3'" 
498 O "O3'" . DT B 4  ? 6.68301  3.16836  3.77724  0.72329  1.65455  0.07846  122 DT B "O3'" 
499 C "C2'" . DT B 4  ? 6.52692  2.98044  3.58204  0.72304  1.60074  0.06323  122 DT B "C2'" 
500 C "C1'" . DT B 4  ? 6.37992  2.92700  3.50576  0.75935  1.54505  0.06812  122 DT B "C1'" 
501 N N1    . DT B 4  ? 6.16324  2.77208  3.34316  0.76944  1.49285  0.05299  122 DT B N1    
502 C C2    . DT B 4  ? 6.02169  2.73804  3.29629  0.79685  1.44511  0.05184  122 DT B C2    
503 O O2    . DT B 4  ? 6.06878  2.83866  3.38856  0.81205  1.44717  0.06265  122 DT B O2    
504 N N3    . DT B 4  ? 5.80640  2.56882  3.12742  0.80594  1.39406  0.03752  122 DT B N3    
505 C C4    . DT B 4  ? 5.77587  2.48718  3.05427  0.79104  1.38595  0.02453  122 DT B C4    
506 O O4    . DT B 4  ? 5.68937  2.44820  3.01885  0.80119  1.33567  0.01152  122 DT B O4    
507 C C5    . DT B 4  ? 5.94914  2.54743  3.12300  0.76295  1.43970  0.02785  122 DT B C5    
508 C C7    . DT B 4  ? 6.03067  2.56683  3.15066  0.74533  1.43784  0.01605  122 DT B C7    
509 C C6    . DT B 4  ? 6.10333  2.65464  3.23358  0.75364  1.48973  0.04204  122 DT B C6    
510 P P     . DA B 5  ? 7.77102  4.18807  4.80804  0.72490  1.69456  0.09910  123 DA B P     
511 O OP1   . DA B 5  ? 7.76211  4.16161  4.75609  0.76978  1.65432  0.12902  123 DA B OP1   
512 O OP2   . DA B 5  ? 8.01316  4.27269  4.91608  0.70514  1.73622  0.11009  123 DA B OP2   
513 O "O5'" . DA B 5  ? 7.65556  4.25578  4.87814  0.69426  1.73045  0.06206  123 DA B "O5'" 
514 C "C5'" . DA B 5  ? 7.59115  4.29890  4.89922  0.71536  1.71518  0.06579  123 DA B "C5'" 
515 C "C4'" . DA B 5  ? 7.38183  4.28688  4.85361  0.71446  1.68478  0.03751  123 DA B "C4'" 
516 O "O4'" . DA B 5  ? 7.31047  4.18825  4.75844  0.71450  1.65354  0.03176  123 DA B "O4'" 
517 C "C3'" . DA B 5  ? 7.27367  4.36946  4.90697  0.67158  1.72261  -0.00961 123 DA B "C3'" 
518 O "O3'" . DA B 5  ? 7.09368  4.37918  4.86565  0.68295  1.69964  -0.02011 123 DA B "O3'" 
519 C "C2'" . DA B 5  ? 7.20338  4.31301  4.85465  0.64245  1.72450  -0.03635 123 DA B "C2'" 
520 C "C1'" . DA B 5  ? 7.13545  4.19373  4.73956  0.68054  1.66535  -0.01253 123 DA B "C1'" 
521 N N9    . DA B 5  ? 7.07728  4.08991  4.64916  0.66747  1.65290  -0.02353 123 DA B N9    
522 C C8    . DA B 5  ? 7.16730  4.07513  4.66256  0.63843  1.68601  -0.03047 123 DA B C8    
523 N N7    . DA B 5  ? 7.06008  3.95717  4.54772  0.63313  1.66352  -0.04009 123 DA B N7    
524 C C5    . DA B 5  ? 6.88809  3.89051  4.45529  0.66011  1.61171  -0.04093 123 DA B C5    
525 C C6    . DA B 5  ? 6.70291  3.74852  4.30571  0.66979  1.56558  -0.05025 123 DA B C6    
526 N N6    . DA B 5  ? 6.65496  3.64237  4.21476  0.65203  1.56538  -0.06098 123 DA B N6    
527 N N1    . DA B 5  ? 6.55057  3.70377  4.23854  0.69862  1.51909  -0.04832 123 DA B N1    
528 C C2    . DA B 5  ? 6.59353  3.80650  4.32449  0.71667  1.52025  -0.03611 123 DA B C2    
529 N N3    . DA B 5  ? 6.75930  3.94305  4.46279  0.71003  1.56127  -0.02661 123 DA B N3    
530 C C4    . DA B 5  ? 6.90037  3.97583  4.52107  0.68130  1.60532  -0.03031 123 DA B C4    
531 P P     . DC B 6  ? 5.18525  2.68014  3.10551  0.64850  1.73772  -0.05605 124 DC B P     
532 O OP1   . DC B 6  ? 4.96667  2.67571  3.02881  0.66161  1.71083  -0.06035 124 DC B OP1   
533 O OP2   . DC B 6  ? 5.34207  2.70041  3.16515  0.64662  1.77580  -0.04087 124 DC B OP2   
534 O "O5'" . DC B 6  ? 5.15047  2.71290  3.12306  0.59971  1.76267  -0.09822 124 DC B "O5'" 
535 C "C5'" . DC B 6  ? 4.93541  2.72832  3.06157  0.57625  1.75261  -0.13190 124 DC B "C5'" 
536 C "C4'" . DC B 6  ? 4.86934  2.66386  3.00320  0.59763  1.70445  -0.12455 124 DC B "C4'" 
537 O "O4'" . DC B 6  ? 5.03789  2.63864  3.04832  0.59617  1.70375  -0.11763 124 DC B "O4'" 
538 C "C3'" . DC B 6  ? 4.64685  2.68890  2.94152  0.56812  1.69545  -0.16009 124 DC B "C3'" 
539 O "O3'" . DC B 6  ? 4.46759  2.66696  2.85989  0.59049  1.66183  -0.14929 124 DC B "O3'" 
540 C "C2'" . DC B 6  ? 4.69178  2.64681  2.94103  0.56523  1.67633  -0.16663 124 DC B "C2'" 
541 C "C1'" . DC B 6  ? 4.92948  2.60418  2.99577  0.59869  1.66742  -0.12880 124 DC B "C1'" 
542 N N1    . DC B 6  ? 5.05796  2.59971  3.03896  0.58232  1.67433  -0.13439 124 DC B N1    
543 C C2    . DC B 6  ? 4.99740  2.56414  3.00153  0.58872  1.63629  -0.14085 124 DC B C2    
544 O O2    . DC B 6  ? 4.83901  2.53436  2.93367  0.60851  1.59818  -0.14146 124 DC B O2    
545 N N3    . DC B 6  ? 5.11059  2.56385  3.03960  0.57299  1.64188  -0.14581 124 DC B N3    
546 C C4    . DC B 6  ? 5.27778  2.59945  3.11306  0.55107  1.68469  -0.14336 124 DC B C4    
547 N N4    . DC B 6  ? 5.38415  2.60249  3.14831  0.53590  1.68913  -0.14648 124 DC B N4    
548 C C5    . DC B 6  ? 5.34284  2.63543  3.15451  0.54348  1.72504  -0.13747 124 DC B C5    
549 C C6    . DC B 6  ? 5.22895  2.63405  3.11549  0.55985  1.71759  -0.13387 124 DC B C6    
550 P P     . DA B 7  ? 4.29496  2.74565  2.82818  0.56694  1.67989  -0.16212 125 DA B P     
551 O OP1   . DA B 7  ? 4.23483  2.70396  2.77890  0.60745  1.65483  -0.12855 125 DA B OP1   
552 O OP2   . DA B 7  ? 4.40535  2.81347  2.90418  0.53425  1.72993  -0.18101 125 DA B OP2   
553 O "O5'" . DA B 7  ? 4.08846  2.79207  2.77114  0.52833  1.67022  -0.19315 125 DA B "O5'" 
554 C "C5'" . DA B 7  ? 4.08112  2.74454  2.75245  0.52840  1.64712  -0.20243 125 DA B "C5'" 
555 C "C4'" . DA B 7  ? 4.04733  2.80891  2.77242  0.47666  1.67261  -0.24094 125 DA B "C4'" 
556 O "O4'" . DA B 7  ? 4.21600  2.76315  2.82551  0.47803  1.67857  -0.24595 125 DA B "O4'" 
557 C "C3'" . DA B 7  ? 4.06851  2.90202  2.82052  0.43881  1.71836  -0.26133 125 DA B "C3'" 
558 O "O3'" . DA B 7  ? 3.86247  2.98501  2.76732  0.40648  1.71395  -0.27682 125 DA B "O3'" 
559 C "C2'" . DA B 7  ? 4.22728  2.91508  2.90051  0.41173  1.74976  -0.28472 125 DA B "C2'" 
560 C "C1'" . DA B 7  ? 4.25496  2.82900  2.87661  0.43159  1.71800  -0.27752 125 DA B "C1'" 
561 N N9    . DA B 7  ? 4.47952  2.79028  2.95234  0.43569  1.73552  -0.27189 125 DA B N9    
562 C C8    . DA B 7  ? 4.67707  2.79242  3.02859  0.44363  1.76489  -0.25564 125 DA B C8    
563 N N7    . DA B 7  ? 4.85485  2.76284  3.08414  0.44381  1.77335  -0.24764 125 DA B N7    
564 C C5    . DA B 7  ? 4.76758  2.73472  3.04154  0.43691  1.74721  -0.26168 125 DA B C5    
565 C C6    . DA B 7  ? 4.86885  2.70171  3.06573  0.43316  1.74027  -0.26109 125 DA B C6    
566 N N6    . DA B 7  ? 5.09101  2.69799  3.14153  0.43511  1.76033  -0.24230 125 DA B N6    
567 N N1    . DA B 7  ? 4.73178  2.67894  3.00781  0.42673  1.71143  -0.27842 125 DA B N1    
568 C C2    . DA B 7  ? 4.50957  2.69262  2.93074  0.42318  1.69176  -0.29315 125 DA B C2    
569 N N3    . DA B 7  ? 4.39614  2.73044  2.90016  0.42495  1.69542  -0.29206 125 DA B N3    
570 C C4    . DA B 7  ? 4.53591  2.74865  2.95978  0.43236  1.72374  -0.27713 125 DA B C4    
571 P P     . DG C 1  ? 2.71304  8.03137  6.24479  -0.00338 0.60162  0.38410  209 DG C P     
572 O OP1   . DG C 1  ? 2.65687  8.03024  6.17501  0.02611  0.59690  0.39506  209 DG C OP1   
573 O OP2   . DG C 1  ? 2.72432  8.07873  6.25204  0.02649  0.61357  0.39693  209 DG C OP2   
574 O "O5'" . DG C 1  ? 2.74961  8.00301  6.30686  -0.03016 0.57954  0.34662  209 DG C "O5'" 
575 C "C5'" . DG C 1  ? 2.77254  8.02176  6.34242  -0.01869 0.57479  0.33410  209 DG C "C5'" 
576 C "C4'" . DG C 1  ? 2.74907  8.06018  6.31845  0.03106  0.56023  0.32903  209 DG C "C4'" 
577 O "O4'" . DG C 1  ? 2.71698  8.04294  6.28159  0.03613  0.54897  0.32642  209 DG C "O4'" 
578 C "C3'" . DG C 1  ? 2.71227  8.10979  6.26237  0.08620  0.57247  0.35494  209 DG C "C3'" 
579 O "O3'" . DG C 1  ? 2.74247  8.14310  6.29664  0.09708  0.58016  0.35646  209 DG C "O3'" 
580 C "C2'" . DG C 1  ? 2.68686  8.13072  6.23536  0.12505  0.55384  0.34567  209 DG C "C2'" 
581 C "C1'" . DG C 1  ? 2.68230  8.08846  6.23477  0.09194  0.54422  0.33570  209 DG C "C1'" 
582 N N9    . DG C 1  ? 2.62973  8.08377  6.16169  0.11013  0.55214  0.35825  209 DG C N9    
583 C C8    . DG C 1  ? 2.61525  8.04270  6.14175  0.07793  0.55856  0.36605  209 DG C C8    
584 N N7    . DG C 1  ? 2.56651  8.05271  6.07360  0.10833  0.56423  0.38721  209 DG C N7    
585 C C5    . DG C 1  ? 2.54668  8.09934  6.04608  0.16435  0.56018  0.39188  209 DG C C5    
586 C C6    . DG C 1  ? 2.49770  8.12850  5.97616  0.21896  0.56268  0.41122  209 DG C C6    
587 O O6    . DG C 1  ? 2.46057  8.12131  5.92295  0.22972  0.56968  0.42988  209 DG C O6    
588 N N1    . DG C 1  ? 2.49648  8.17174  5.97225  0.26631  0.55666  0.40812  209 DG C N1    
589 C C2    . DG C 1  ? 2.53723  8.18621  6.02945  0.26019  0.54881  0.38883  209 DG C C2    
590 N N2    . DG C 1  ? 2.53197  8.22982  6.01803  0.31011  0.54354  0.38836  209 DG C N2    
591 N N3    . DG C 1  ? 2.58264  8.16114  6.09485  0.21011  0.54691  0.37179  209 DG C N3    
592 C C4    . DG C 1  ? 2.58505  8.11831  6.09947  0.16508  0.55268  0.37407  209 DG C C4    
593 P P     . DG C 2  ? 2.73029  8.18015  6.26443  0.12554  0.60612  0.39025  210 DG C P     
594 O OP1   . DG C 2  ? 2.77893  8.20049  6.32336  0.11421  0.61283  0.38507  210 DG C OP1   
595 O OP2   . DG C 2  ? 2.70775  8.15282  6.22764  0.10584  0.62246  0.41258  210 DG C OP2   
596 O "O5'" . DG C 2  ? 2.68596  8.22624  6.20249  0.19603  0.60379  0.40438  210 DG C "O5'" 
597 C "C5'" . DG C 2  ? 2.69553  8.25884  6.21953  0.22823  0.58656  0.38640  210 DG C "C5'" 
598 C "C4'" . DG C 2  ? 2.64571  8.28751  6.14972  0.28972  0.58294  0.39932  210 DG C "C4'" 
599 O "O4'" . DG C 2  ? 2.61439  8.25380  6.11800  0.27921  0.57031  0.39210  210 DG C "O4'" 
600 C "C3'" . DG C 2  ? 2.61445  8.31249  6.09182  0.32996  0.60662  0.43591  210 DG C "C3'" 
601 O "O3'" . DG C 2  ? 2.62465  8.36160  6.09372  0.37628  0.61269  0.44388  210 DG C "O3'" 
602 C "C2'" . DG C 2  ? 2.56004  8.30529  6.02122  0.36166  0.60037  0.44433  210 DG C "C2'" 
603 C "C1'" . DG C 2  ? 2.56424  8.25712  6.04368  0.31117  0.58305  0.42004  210 DG C "C1'" 
604 N N9    . DG C 2  ? 2.55543  8.21023  6.03476  0.26557  0.59335  0.42906  210 DG C N9    
605 C C8    . DG C 2  ? 2.58995  8.17167  6.08553  0.20561  0.59637  0.41823  210 DG C C8    
606 N N7    . DG C 2  ? 2.57207  8.13019  6.06280  0.17394  0.60406  0.42787  210 DG C N7    
607 C C5    . DG C 2  ? 2.52169  8.14280  5.99266  0.21531  0.60622  0.44660  210 DG C C5    
608 C C6    . DG C 2  ? 2.48380  8.11356  5.94151  0.20710  0.61393  0.46393  210 DG C C6    
609 O O6    . DG C 2  ? 2.48775  8.06912  5.94843  0.15950  0.62031  0.46584  210 DG C O6    
610 N N1    . DG C 2  ? 2.43882  8.14013  5.87740  0.26209  0.61331  0.47955  210 DG C N1    
611 C C2    . DG C 2  ? 2.43294  8.18811  5.86486  0.31803  0.60603  0.47798  210 DG C C2    
612 N N2    . DG C 2  ? 2.38872  8.20571  5.79997  0.36736  0.60678  0.49416  210 DG C N2    
613 N N3    . DG C 2  ? 2.46822  8.21521  5.91208  0.32544  0.59843  0.46147  210 DG C N3    
614 C C4    . DG C 2  ? 2.51130  8.19155  5.97468  0.27251  0.59958  0.44726  210 DG C C4    
615 P P     . DC C 3  ? 2.75503  8.47713  6.22217  0.36860  0.63621  0.46120  211 DC C P     
616 O OP1   . DC C 3  ? 2.80426  8.46526  6.29765  0.32369  0.62651  0.43428  211 DC C OP1   
617 O OP2   . DC C 3  ? 2.74374  8.46410  6.19648  0.35462  0.65853  0.48989  211 DC C OP2   
618 O "O5'" . DC C 3  ? 2.74995  8.53734  6.19721  0.44088  0.64386  0.47760  211 DC C "O5'" 
619 C "C5'" . DC C 3  ? 2.73951  8.57676  6.15828  0.48693  0.66450  0.51214  211 DC C "C5'" 
620 C "C4'" . DC C 3  ? 2.65912  8.53961  6.06330  0.52062  0.65363  0.51469  211 DC C "C4'" 
621 O "O4'" . DC C 3  ? 2.63739  8.48398  6.05302  0.47099  0.64517  0.50483  211 DC C "O4'" 
622 C "C3'" . DC C 3  ? 2.92658  8.86080  6.29822  0.57676  0.67461  0.55104  211 DC C "C3'" 
623 O "O3'" . DC C 3  ? 2.86031  8.83977  6.21729  0.64057  0.67085  0.55193  211 DC C "O3'" 
624 C "C2'" . DC C 3  ? 3.04646  8.99400  6.41178  0.57236  0.66619  0.55250  211 DC C "C2'" 
625 C "C1'" . DC C 3  ? 2.81350  8.70375  6.20935  0.50395  0.64520  0.51950  211 DC C "C1'" 
626 N N1    . DC C 3  ? 2.90086  8.75336  6.30266  0.45085  0.65016  0.52361  211 DC C N1    
627 C C2    . DC C 3  ? 3.08283  8.95388  6.47610  0.45493  0.64329  0.52681  211 DC C C2    
628 O O2    . DC C 3  ? 3.20563  9.12928  6.58327  0.50701  0.63562  0.53021  211 DC C O2    
629 N N3    . DC C 3  ? 3.09713  8.92723  6.49740  0.40235  0.64674  0.52796  211 DC C N3    
630 C C4    . DC C 3  ? 2.95920  8.72973  6.37415  0.34723  0.65519  0.52424  211 DC C C4    
631 N N4    . DC C 3  ? 2.96156  8.68968  6.38143  0.29681  0.65780  0.52462  211 DC C N4    
632 C C5    . DC C 3  ? 2.79587  8.54544  6.22040  0.34113  0.66099  0.51930  211 DC C C5    
633 C C6    . DC C 3  ? 2.76413  8.55669  6.18204  0.39332  0.65855  0.51963  211 DC C C6    
634 P P     . DT C 4  ? 2.49335  8.53485  5.81221  0.72004  0.68717  0.58412  212 DT C P     
635 O OP1   . DT C 4  ? 2.49214  8.56700  5.80350  0.74758  0.66597  0.57209  212 DT C OP1   
636 O OP2   . DT C 4  ? 2.53221  8.58688  5.84099  0.76070  0.69843  0.59232  212 DT C OP2   
637 O "O5'" . DT C 4  ? 2.68875  8.72284  5.99406  0.70627  0.71485  0.61790  212 DT C "O5'" 
638 C "C5'" . DT C 4  ? 3.10703  9.18417  6.37697  0.76922  0.73630  0.65288  212 DT C "C5'" 
639 C "C4'" . DT C 4  ? 3.28578  9.40287  6.54016  0.80399  0.72236  0.65186  212 DT C "C4'" 
640 O "O4'" . DT C 4  ? 3.08329  9.17510  6.36256  0.74608  0.70020  0.62626  212 DT C "O4'" 
641 C "C3'" . DT C 4  ? 3.55875  9.70396  6.78041  0.84475  0.74659  0.68992  212 DT C "C3'" 
642 O "O3'" . DT C 4  ? 3.69925  9.89502  6.89043  0.92426  0.74374  0.69805  212 DT C "O3'" 
643 C "C2'" . DT C 4  ? 3.47150  9.60256  6.70431  0.79660  0.73878  0.68576  212 DT C "C2'" 
644 C "C1'" . DT C 4  ? 3.21988  9.31362  6.48951  0.73325  0.71052  0.64530  212 DT C "C1'" 
645 N N1    . DT C 4  ? 3.02611  9.06281  6.31928  0.65600  0.71598  0.64091  212 DT C N1    
646 C C2    . DT C 4  ? 2.94790  8.96804  6.24629  0.61681  0.71255  0.64079  212 DT C C2    
647 O O2    . DT C 4  ? 3.00426  9.05684  6.28890  0.64268  0.70662  0.64607  212 DT C O2    
648 N N3    . DT C 4  ? 2.76488  8.72693  6.08397  0.54631  0.71662  0.63442  212 DT C N3    
649 C C4    . DT C 4  ? 2.64531  8.56505  5.98040  0.51147  0.72324  0.62781  212 DT C C4    
650 O O4    . DT C 4  ? 2.50000  8.36509  5.85140  0.44860  0.72612  0.62165  212 DT C O4    
651 C C5    . DT C 4  ? 2.70476  8.64723  6.03466  0.55509  0.72645  0.62842  212 DT C C5    
652 C C7    . DT C 4  ? 2.57546  8.47656  5.92149  0.52311  0.73373  0.62172  212 DT C C7    
653 C C6    . DT C 4  ? 2.89033  8.88910  6.19965  0.62433  0.72278  0.63493  212 DT C C6    
654 P P     . DG C 5  ? 2.83325  8.96259  5.93437  0.98581  0.76325  0.72681  213 DG C P     
655 O OP1   . DG C 5  ? 2.88706  9.03409  5.94529  1.03972  0.75569  0.73416  213 DG C OP1   
656 O OP2   . DG C 5  ? 2.84982  8.98301  5.95343  1.01203  0.76383  0.71957  213 DG C OP2   
657 O "O5'" . DG C 5  ? 2.89336  8.88703  5.93736  0.93611  0.78208  0.74569  213 DG C "O5'" 
658 C "C5'" . DG C 5  ? 3.00213  8.90082  5.95544  0.95379  0.79026  0.76766  213 DG C "C5'" 
659 C "C4'" . DG C 5  ? 2.94872  8.89668  5.93381  0.92941  0.78322  0.76683  213 DG C "C4'" 
660 O "O4'" . DG C 5  ? 2.81287  8.84363  5.90070  0.86770  0.77751  0.74919  213 DG C "O4'" 
661 C "C3'" . DG C 5  ? 3.03094  8.86609  5.94437  0.90741  0.79619  0.78823  213 DG C "C3'" 
662 O "O3'" . DG C 5  ? 3.01583  8.89712  5.93474  0.91643  0.78752  0.78990  213 DG C "O3'" 
663 C "C2'" . DG C 5  ? 2.96597  8.77926  5.92759  0.82928  0.80439  0.78414  213 DG C "C2'" 
664 C "C1'" . DG C 5  ? 2.81541  8.77378  5.89545  0.80601  0.78927  0.75839  213 DG C "C1'" 
665 N N9    . DG C 5  ? 2.74435  8.70786  5.88266  0.75194  0.79423  0.74759  213 DG C N9    
666 C C8    . DG C 5  ? 2.74469  8.70301  5.89000  0.76302  0.79683  0.74099  213 DG C C8    
667 N N7    . DG C 5  ? 2.67284  8.63724  5.87495  0.70457  0.80125  0.73213  213 DG C N7    
668 C C5    . DG C 5  ? 2.62093  8.59774  5.85755  0.65115  0.80126  0.73255  213 DG C C5    
669 C C6    . DG C 5  ? 2.55844  8.50718  5.83855  0.57296  0.80016  0.72052  213 DG C C6    
670 O O6    . DG C 5  ? 2.53194  8.44042  5.83135  0.53372  0.79923  0.70674  213 DG C O6    
671 N N1    . DG C 5  ? 2.54557  8.48070  5.82861  0.53639  0.79543  0.72073  213 DG C N1    
672 C C2    . DG C 5  ? 2.57281  8.54947  5.83551  0.57478  0.79621  0.73563  213 DG C C2    
673 N N2    . DG C 5  ? 2.55855  8.51487  5.82662  0.53195  0.79229  0.73475  213 DG C N2    
674 N N3    . DG C 5  ? 2.63716  8.62494  5.85155  0.64568  0.79538  0.74505  213 DG C N3    
675 C C4    . DG C 5  ? 2.66445  8.64048  5.86236  0.67954  0.79702  0.74195  213 DG C C4    
692 P P     . DT D 2  ? 11.87162 8.42437  9.16926  0.63183  -1.28461 -1.39413 201 DT D P     
693 O OP1   . DT D 2  ? 11.88556 8.44683  9.16459  0.61459  -1.24863 -1.42363 201 DT D OP1   
694 O OP2   . DT D 2  ? 11.79659 8.40171  9.12503  0.67178  -1.35050 -1.37430 201 DT D OP2   
695 O "O5'" . DT D 2  ? 11.72099 8.36323  9.09842  0.64266  -1.24826 -1.40935 201 DT D "O5'" 
696 C "C5'" . DT D 2  ? 11.76170 8.36964  9.12982  0.61025  -1.18265 -1.42772 201 DT D "C5'" 
697 C "C4'" . DT D 2  ? 11.67168 8.32870  9.10100  0.62158  -1.16489 -1.42630 201 DT D "C4'" 
698 O "O4'" . DT D 2  ? 11.68863 8.34192  9.13015  0.64549  -1.22138 -1.39394 201 DT D "O4'" 
699 C "C3'" . DT D 2  ? 11.44364 8.26385  8.97026  0.65117  -1.13850 -1.45772 201 DT D "C3'" 
700 O "O3'" . DT D 2  ? 11.42771 8.23805  8.97397  0.63283  -1.08114 -1.46899 201 DT D "O3'" 
701 C "C2'" . DT D 2  ? 11.33053 8.24830  8.92077  0.69996  -1.19736 -1.44105 201 DT D "C2'" 
702 C "C1'" . DT D 2  ? 11.49541 8.28654  9.03265  0.68414  -1.22643 -1.40294 201 DT D "C1'" 
703 N N1    . DT D 2  ? 6.60492  3.41767  4.16222  0.71922  -1.29990 -1.37143 201 DT D N1    
704 C C2    . DT D 2  ? 6.69354  3.47652  4.26327  0.72161  -1.31237 -1.34807 201 DT D C2    
705 O O2    . DT D 2  ? 6.76833  3.52301  4.34367  0.70195  -1.26811 -1.35266 201 DT D O2    
706 N N3    . DT D 2  ? 6.68933  3.48477  4.27236  0.75035  -1.37770 -1.32004 201 DT D N3    
707 C C4    . DT D 2  ? 6.61331  3.44011  4.19635  0.77636  -1.43048 -1.31190 201 DT D C4    
708 O O4    . DT D 2  ? 6.62518  3.45846  4.22233  0.80157  -1.48669 -1.28565 201 DT D O4    
709 C C5    . DT D 2  ? 6.52658  3.37665  4.09356  0.77190  -1.41412 -1.33634 201 DT D C5    
710 C C7    . DT D 2  ? 6.47520  3.35770  4.04314  0.79926  -1.46556 -1.33028 201 DT D C7    
711 C C6    . DT D 2  ? 6.53863  3.37898  4.09155  0.74274  -1.35094 -1.36439 201 DT D C6    
712 P P     . DC D 3  ? 12.81076 9.64565  10.36633 0.60968  -1.00849 -1.50631 202 DC D P     
713 O OP1   . DC D 3  ? 12.94717 9.64281  10.41580 0.56414  -0.98257 -1.50553 202 DC D OP1   
714 O OP2   . DC D 3  ? 12.70761 9.69322  10.32592 0.63996  -1.00773 -1.53414 202 DC D OP2   
715 O "O5'" . DC D 3  ? 12.76438 9.61908  10.36798 0.60949  -0.96730 -1.50889 202 DC D "O5'" 
716 C "C5'" . DC D 3  ? 12.76511 9.57451  10.37144 0.61664  -0.99516 -1.47803 202 DC D "C5'" 
717 C "C4'" . DC D 3  ? 12.63026 9.57207  10.32973 0.65587  -0.99569 -1.48322 202 DC D "C4'" 
718 O "O4'" . DC D 3  ? 12.59868 9.54524  10.31136 0.68223  -1.05791 -1.45221 202 DC D "O4'" 
719 C "C3'" . DC D 3  ? 12.51382 9.62198  10.28186 0.69112  -0.99314 -1.51173 202 DC D "C3'" 
720 O "O3'" . DC D 3  ? 12.44458 9.63011  10.27092 0.69668  -0.93626 -1.53424 202 DC D "O3'" 
721 C "C2'" . DC D 3  ? 12.42695 9.62513  10.23921 0.73886  -1.06402 -1.49388 202 DC D "C2'" 
722 C "C1'" . DC D 3  ? 12.46240 9.57096  10.25667 0.73288  -1.08781 -1.46060 202 DC D "C1'" 
723 N N1    . DC D 3  ? 5.85424  2.95933  3.64292  0.75810  -1.16468 -1.43107 202 DC D N1    
724 C C2    . DC D 3  ? 5.91779  2.99658  3.72084  0.76828  -1.19285 -1.40359 202 DC D C2    
725 O O2    . DC D 3  ? 5.93991  3.00305  3.76290  0.75813  -1.15427 -1.40450 202 DC D O2    
726 N N3    . DC D 3  ? 5.95449  3.02526  3.75130  0.78939  -1.26088 -1.37647 202 DC D N3    
727 C C4    . DC D 3  ? 5.93165  3.01854  3.70962  0.80102  -1.29794 -1.37670 202 DC D C4    
728 N N4    . DC D 3  ? 5.97459  3.04990  3.74751  0.82216  -1.36297 -1.34941 202 DC D N4    
729 C C5    . DC D 3  ? 5.86653  2.98038  3.63098  0.79133  -1.26892 -1.40482 202 DC D C5    
730 C C6    . DC D 3  ? 5.83196  2.95213  3.60031  0.76889  -1.20359 -1.43092 202 DC D C6    
731 P P     . DT D 4  ? 8.39258  5.68662  6.30176  0.73817  -0.94507 -1.52759 203 DT D P     
732 O OP1   . DT D 4  ? 7.83798  5.28584  5.80531  0.78834  -0.99199 -1.53279 203 DT D OP1   
733 O OP2   . DT D 4  ? 8.69770  5.88347  6.58330  0.72498  -0.95906 -1.49702 203 DT D OP2   
734 O "O5'" . DT D 4  ? 8.38323  5.74137  6.33788  0.73559  -0.87148 -1.55557 203 DT D "O5'" 
735 C "C5'" . DT D 4  ? 7.93318  5.46896  5.97604  0.78465  -0.86993 -1.56925 203 DT D "C5'" 
736 C "C4'" . DT D 4  ? 7.84719  5.42436  5.94081  0.81791  -0.89704 -1.54744 203 DT D "C4'" 
737 O "O4'" . DT D 4  ? 8.02931  5.53437  6.08926  0.81828  -0.96139 -1.51793 203 DT D "O4'" 
738 C "C3'" . DT D 4  ? 7.35727  5.13468  5.54395  0.88001  -0.91757 -1.55567 203 DT D "C3'" 
739 O "O3'" . DT D 4  ? 7.37645  5.18912  5.61429  0.89744  -0.88766 -1.55083 203 DT D "O3'" 
740 C "C2'" . DT D 4  ? 7.18792  5.00290  5.38461  0.91142  -0.99917 -1.53544 203 DT D "C2'" 
741 C "C1'" . DT D 4  ? 7.67647  5.30876  5.80182  0.87171  -1.01509 -1.50775 203 DT D "C1'" 
742 N N1    . DT D 4  ? 7.67492  5.27159  5.76867  0.87934  -1.08852 -1.48594 203 DT D N1    
743 C C2    . DT D 4  ? 7.86430  5.41858  5.95953  0.88965  -1.13398 -1.45551 203 DT D C2    
744 O O2    . DT D 4  ? 8.04315  5.58826  6.16505  0.89331  -1.12020 -1.44518 203 DT D O2    
745 N N3    . DT D 4  ? 7.83559  5.36138  5.90336  0.89754  -1.19653 -1.43690 203 DT D N3    
746 C C4    . DT D 4  ? 7.62521  5.15388  5.66324  0.89550  -1.21585 -1.44530 203 DT D C4    
747 O O4    . DT D 4  ? 7.62996  5.12732  5.64485  0.90403  -1.27066 -1.42632 203 DT D O4    
748 C C5    . DT D 4  ? 7.43126  5.00445  5.47008  0.88418  -1.16693 -1.47753 203 DT D C5    
749 C C7    . DT D 4  ? 7.18674  4.76723  5.19757  0.88176  -1.18299 -1.48881 203 DT D C7    
750 C C6    . DT D 4  ? 7.47231  5.07826  5.53820  0.87640  -1.10685 -1.49620 203 DT D C6    
751 P P     . DG D 5  ? 7.82814  5.85005  6.16680  0.96283  -0.89442 -1.55887 204 DG D P     
752 O OP1   . DG D 5  ? 7.95593  5.95834  6.32258  0.96254  -0.84257 -1.55518 204 DG D OP1   
753 O OP2   . DG D 5  ? 7.45503  5.60817  5.82139  0.98275  -0.88671 -1.58451 204 DG D OP2   
754 O "O5'" . DG D 5  ? 7.65055  5.73653  6.02414  1.00568  -0.97692 -1.53540 204 DG D "O5'" 
755 C "C5'" . DG D 5  ? 7.97990  5.96042  6.33621  0.99525  -0.99936 -1.50693 204 DG D "C5'" 
756 C "C4'" . DG D 5  ? 7.71367  5.79378  6.12160  1.04599  -1.07457 -1.48843 204 DG D "C4'" 
757 O "O4'" . DG D 5  ? 7.76182  5.77334  6.12154  1.03392  -1.13167 -1.47456 204 DG D "O4'" 
758 C "C3'" . DG D 5  ? 7.09617  5.40345  5.59633  1.11185  -1.09532 -1.50278 204 DG D "C3'" 
759 O "O3'" . DG D 5  ? 6.94856  5.33440  5.50843  1.15585  -1.13529 -1.48467 204 DG D "O3'" 
760 C "C2'" . DG D 5  ? 6.82641  5.16715  5.31311  1.11917  -1.14070 -1.50806 204 DG D "C2'" 
761 C "C1'" . DG D 5  ? 7.22716  5.39872  5.64371  1.08506  -1.17952 -1.48165 204 DG D "C1'" 
762 N N9    . DG D 5  ? 7.23736  5.34042  5.59613  1.06138  -1.20013 -1.48382 204 DG D N9    
763 C C8    . DG D 5  ? 7.33182  5.34865  5.62827  1.01638  -1.15753 -1.50024 204 DG D C8    
764 N N7    . DG D 5  ? 7.34992  5.31501  5.60182  1.00425  -1.18845 -1.49709 204 DG D N7    
765 C C5    . DG D 5  ? 7.29305  5.30819  5.57931  1.04306  -1.25515 -1.47676 204 DG D C5    
766 C C6    . DG D 5  ? 7.31664  5.30731  5.58137  1.05177  -1.30998 -1.46421 204 DG D C6    
767 O O6    . DG D 5  ? 7.38451  5.30295  5.59206  1.02620  -1.31138 -1.46847 204 DG D O6    
768 N N1    . DG D 5  ? 7.26282  5.32382  5.58193  1.09688  -1.36662 -1.44485 204 DG D N1    
769 C C2    . DG D 5  ? 7.19932  5.34470  5.58399  1.12900  -1.37132 -1.43827 204 DG D C2    
770 N N2    . DG D 5  ? 7.16777  5.37232  5.59953  1.17113  -1.42963 -1.41942 204 DG D N2    
771 N N3    . DG D 5  ? 7.17600  5.34791  5.58069  1.12213  -1.32109 -1.44968 204 DG D N3    
772 C C4    . DG D 5  ? 7.22427  5.32638  5.57749  1.07858  -1.26403 -1.46859 204 DG D C4    
773 P P     . DA D 6  ? 7.34863  5.98548  6.01905  1.23255  -1.15453 -1.49431 205 DA D P     
774 O OP1   . DA D 6  ? 7.42349  6.09107  6.13455  1.24864  -1.11676 -1.48967 205 DA D OP1   
775 O OP2   . DA D 6  ? 6.96453  5.72059  5.65849  1.24796  -1.14124 -1.51968 205 DA D OP2   
776 O "O5'" . DA D 6  ? 7.21243  5.90263  5.91456  1.27053  -1.23795 -1.47416 205 DA D "O5'" 
777 C "C5'" . DA D 6  ? 7.43172  5.98573  6.06794  1.23872  -1.27837 -1.45994 205 DA D "C5'" 
778 C "C4'" . DA D 6  ? 7.01824  5.70104  5.70791  1.28931  -1.34010 -1.45858 205 DA D "C4'" 
779 O "O4'" . DA D 6  ? 7.12202  5.70341  5.74643  1.25657  -1.35284 -1.46049 205 DA D "O4'" 
780 C "C3'" . DA D 6  ? 6.50615  5.42269  5.29186  1.34926  -1.33349 -1.48121 205 DA D "C3'" 
781 O "O3'" . DA D 6  ? 6.23232  5.27177  5.08670  1.40618  -1.39147 -1.47380 205 DA D "O3'" 
782 C "C2'" . DA D 6  ? 6.44341  5.31711  5.18256  1.31638  -1.30504 -1.50174 205 DA D "C2'" 
783 C "C1'" . DA D 6  ? 6.69735  5.42747  5.37262  1.29004  -1.34939 -1.48402 205 DA D "C1'" 
784 N N9    . DA D 6  ? 6.80569  5.42580  5.40571  1.24385  -1.33101 -1.49482 205 DA D N9    
785 C C8    . DA D 6  ? 6.89802  5.47725  5.45845  1.20597  -1.27290 -1.51576 205 DA D C8    
786 N N7    . DA D 6  ? 7.01232  5.49282  5.50679  1.17005  -1.27074 -1.52117 205 DA D N7    
787 C C5    . DA D 6  ? 6.97935  5.43553  5.47015  1.18673  -1.33151 -1.50193 205 DA D C5    
788 C C6    . DA D 6  ? 7.08045  5.44573  5.51546  1.16788  -1.35985 -1.49592 205 DA D C6    
789 N N6    . DA D 6  ? 7.20815  5.48662  5.57646  1.12501  -1.32974 -1.50956 205 DA D N6    
790 N N1    . DA D 6  ? 7.07622  5.43765  5.52470  1.19435  -1.41931 -1.47429 205 DA D N1    
791 C C2    . DA D 6  ? 6.96822  5.41690  5.48498  1.23760  -1.44854 -1.46110 205 DA D C2    
792 N N3    . DA D 6  ? 6.86324  5.40508  5.43699  1.25931  -1.42786 -1.46519 205 DA D N3    
793 C C4    . DA D 6  ? 6.87369  5.41575  5.43076  1.23243  -1.36874 -1.48598 205 DA D C4    
794 P P     . DT D 7  ? 7.84761  7.07258  6.80930  1.47796  -1.41711 -1.46565 206 DT D P     
795 O OP1   . DT D 7  ? 8.11625  7.28306  7.06162  1.46093  -1.39595 -1.45371 206 DT D OP1   
796 O OP2   . DT D 7  ? 7.40373  6.85829  6.46130  1.53657  -1.40493 -1.48734 206 DT D OP2   
797 O "O5'" . DT D 7  ? 7.94506  7.13684  6.91615  1.49955  -1.48177 -1.44574 206 DT D "O5'" 
798 C "C5'" . DT D 7  ? 8.24815  7.23198  7.12156  1.44442  -1.50273 -1.43111 206 DT D "C5'" 
799 C "C4'" . DT D 7  ? 8.06305  7.07960  6.95635  1.47137  -1.54084 -1.43318 206 DT D "C4'" 
800 O "O4'" . DT D 7  ? 8.05014  6.99014  6.87917  1.43033  -1.51873 -1.44804 206 DT D "O4'" 
801 C "C3'" . DT D 7  ? 7.66221  6.91400  6.67903  1.55209  -1.54802 -1.45013 206 DT D "C3'" 
802 O "O3'" . DT D 7  ? 7.68885  6.94147  6.73172  1.58403  -1.59227 -1.44160 206 DT D "O3'" 
803 C "C2'" . DT D 7  ? 7.41543  6.72963  6.43316  1.54514  -1.51327 -1.47730 206 DT D "C2'" 
804 C "C1'" . DT D 7  ? 7.69560  6.79832  6.59885  1.47954  -1.52156 -1.46914 206 DT D "C1'" 
805 N N1    . DT D 7  ? 7.60376  6.67563  6.46072  1.44269  -1.48310 -1.49058 206 DT D N1    
806 C C2    . DT D 7  ? 7.70477  6.67151  6.50038  1.41455  -1.49714 -1.49074 206 DT D C2    
807 O O2    . DT D 7  ? 7.86509  6.76633  6.64357  1.41967  -1.53973 -1.47373 206 DT D O2    
808 N N3    . DT D 7  ? 7.63938  6.57927  6.39360  1.38054  -1.45880 -1.51118 206 DT D N3    
809 C C4    . DT D 7  ? 7.51285  6.51657  6.28091  1.37154  -1.40819 -1.53120 206 DT D C4    
810 O O4    . DT D 7  ? 7.49925  6.46709  6.22632  1.33937  -1.37565 -1.54899 206 DT D O4    
811 C C5    . DT D 7  ? 7.41864  6.53245  6.25162  1.40278  -1.39548 -1.52916 206 DT D C5    
812 C C7    . DT D 7  ? 7.30274  6.49375  6.15594  1.39774  -1.34042 -1.54848 206 DT D C7    
813 C C6    . DT D 7  ? 7.45866  6.60223  6.33230  1.43672  -1.43353 -1.50910 206 DT D C6    
814 P P     . DG D 8  ? 6.85879  6.33561  6.03458  1.67338  -1.59517 -1.45894 207 DG D P     
815 O OP1   . DG D 8  ? 6.98400  6.54696  6.21597  1.70495  -1.58454 -1.45324 207 DG D OP1   
816 O OP2   . DG D 8  ? 6.54077  6.14104  5.75621  1.69292  -1.56831 -1.48698 207 DG D OP2   
817 O "O5'" . DG D 8  ? 6.85374  6.26673  6.02910  1.69099  -1.63853 -1.44905 207 DG D "O5'" 
818 C "C5'" . DG D 8  ? 7.13537  6.38220  6.22102  1.64368  -1.66475 -1.43710 207 DG D "C5'" 
819 C "C4'" . DG D 8  ? 6.95036  6.24996  6.03938  1.64598  -1.64910 -1.46116 207 DG D "C4'" 
820 O "O4'" . DG D 8  ? 6.84530  6.14452  5.89902  1.60847  -1.61036 -1.47316 207 DG D "O4'" 
821 C "C3'" . DG D 8  ? 6.59307  6.10378  5.79951  1.72153  -1.63594 -1.49022 207 DG D "C3'" 
822 O "O3'" . DG D 8  ? 6.64860  6.12822  5.86320  1.74437  -1.66724 -1.48924 207 DG D "O3'" 
823 C "C2'" . DG D 8  ? 6.32633  5.89287  5.52651  1.70583  -1.60518 -1.51200 207 DG D "C2'" 
824 C "C1'" . DG D 8  ? 6.56620  5.93884  5.64176  1.62185  -1.59861 -1.49624 207 DG D "C1'" 
825 N N9    . DG D 8  ? 6.38633  5.80376  5.45240  1.59865  -1.55453 -1.51434 207 DG D N9    
826 C C8    . DG D 8  ? 6.20980  5.75001  5.32963  1.61758  -1.52227 -1.52306 207 DG D C8    
827 N N7    . DG D 8  ? 6.08920  5.63905  5.18448  1.58870  -1.48468 -1.53974 207 DG D N7    
828 C C5    . DG D 8  ? 6.18485  5.61071  5.20577  1.54835  -1.49121 -1.54323 207 DG D C5    
829 C C6    . DG D 8  ? 6.13764  5.51181  5.10313  1.50516  -1.45912 -1.56035 207 DG D C6    
830 O O6    . DG D 8  ? 6.03904  5.46503  5.01016  1.49265  -1.41721 -1.57650 207 DG D O6    
831 N N1    . DG D 8  ? 6.29532  5.54346  5.19271  1.47541  -1.47852 -1.55731 207 DG D N1    
832 C C2    . DG D 8  ? 6.48259  5.66292  5.36637  1.48586  -1.52396 -1.53916 207 DG D C2    
833 N N2    . DG D 8  ? 6.63887  5.70206  5.45264  1.45413  -1.53637 -1.53786 207 DG D N2    
834 N N3    . DG D 8  ? 6.53024  5.75384  5.46523  1.52526  -1.55408 -1.52327 207 DG D N3    
835 C C4    . DG D 8  ? 6.37047  5.71667  5.37257  1.55461  -1.53487 -1.52689 207 DG D C4    
836 P P     . DT D 9  ? 5.33487  5.00411  4.66785  1.82655  -1.65334 -1.51945 208 DT D P     
837 O OP1   . DT D 9  ? 5.60584  5.25208  4.95376  1.83803  -1.66274 -1.50947 208 DT D OP1   
838 O OP2   . DT D 9  ? 5.00372  4.86741  4.41477  1.85646  -1.60301 -1.54464 208 DT D OP2   
839 O "O5'" . DT D 9  ? 5.25878  4.90063  4.57189  1.82323  -1.66819 -1.52929 208 DT D "O5'" 
840 C "C5'" . DT D 9  ? 4.95687  4.66725  4.27676  1.81649  -1.64511 -1.54761 208 DT D "C5'" 
841 C "C4'" . DT D 9  ? 5.10760  4.63417  4.31029  1.74629  -1.66416 -1.53220 208 DT D "C4'" 
842 O "O4'" . DT D 9  ? 5.09970  4.54244  4.23236  1.68881  -1.64588 -1.52201 208 DT D "O4'" 
843 C "C3'" . DT D 9  ? 4.91021  4.49082  4.12182  1.75000  -1.65267 -1.55461 208 DT D "C3'" 
844 O "O3'" . DT D 9  ? 5.03984  4.63619  4.28005  1.78471  -1.67532 -1.56090 208 DT D "O3'" 
845 C "C2'" . DT D 9  ? 4.98257  4.37367  4.06602  1.66942  -1.65451 -1.54025 208 DT D "C2'" 
846 C "C1'" . DT D 9  ? 5.08096  4.44785  4.14314  1.64196  -1.63394 -1.53006 208 DT D "C1'" 
847 N N1    . DT D 9  ? 4.80112  4.29512  3.90530  1.64738  -1.59101 -1.55288 208 DT D N1    
848 C C2    . DT D 9  ? 4.73115  4.19091  3.78751  1.61046  -1.56916 -1.56774 208 DT D C2    
849 O O2    . DT D 9  ? 4.88896  4.21797  3.86725  1.57252  -1.58128 -1.56383 208 DT D O2    
850 N N3    . DT D 9  ? 4.48507  4.07536  3.59123  1.62166  -1.53098 -1.58766 208 DT D N3    
851 C C4    . DT D 9  ? 4.32022  4.06765  3.51382  1.66405  -1.51284 -1.59278 208 DT D C4    
852 O O4    . DT D 9  ? 4.12742  3.98514  3.35927  1.67056  -1.47913 -1.60940 208 DT D O4    
853 C C5    . DT D 9  ? 4.40909  4.18634  3.64794  1.70194  -1.53488 -1.57740 208 DT D C5    
854 C C7    . DT D 9  ? 4.26828  4.21776  3.60329  1.75249  -1.51401 -1.58198 208 DT D C7    
855 C C6    . DT D 9  ? 4.63747  4.28660  3.83026  1.69147  -1.57220 -1.55922 208 DT D C6    
# 
loop_
_pdbx_poly_seq_scheme.asym_id 
_pdbx_poly_seq_scheme.entity_id 
_pdbx_poly_seq_scheme.seq_id 
_pdbx_poly_seq_scheme.mon_id 
_pdbx_poly_seq_scheme.ndb_seq_num 
_pdbx_poly_seq_scheme.pdb_seq_num 
_pdbx_poly_seq_scheme.auth_seq_num 
_pdbx_poly_seq_scheme.pdb_mon_id 
_pdbx_poly_seq_scheme.auth_mon_id 
_pdbx_poly_seq_scheme.pdb_strand_id 
_pdbx_poly_seq_scheme.pdb_ins_code 
_pdbx_poly_seq_scheme.hetero 
A 1 1  DA 1  101 101 DA DA A . n 
A 1 2  DG 2  102 102 DG DG A . n 
A 1 3  DG 3  103 103 DG DG A . n 
A 1 4  DC 4  104 104 DC DC A . n 
A 1 5  DA 5  105 105 DA DA A . n 
A 1 6  DG 6  106 106 DG DG A . n 
A 1 7  DC 7  107 107 DC DC A . n 
A 1 8  DC 8  108 108 DC DC A . n 
A 1 9  DT 9  109 109 DT DT A . n 
A 1 10 DG 10 110 110 DG DG A . n 
A 1 11 DT 11 111 111 DT DT A . n 
A 1 12 DA 12 112 112 DA DA A . n 
A 1 13 DC 13 113 113 DC DC A . n 
A 1 14 DG 14 114 114 DG DG A . n 
A 1 15 DG 15 115 115 DG DG A . n 
A 1 16 DA 16 116 116 DA DA A . n 
A 1 17 DC 17 117 117 DC DC A . n 
A 1 18 DA 18 118 118 DA DA A . n 
A 1 19 DT 19 119 119 DT DT A . n 
A 1 20 DC 20 120 120 DC DC A . n 
A 1 21 DA 21 121 121 DA DA A . n 
B 2 1  DC 1  119 119 DC DC B . n 
B 2 2  DC 2  120 120 DC DC B . n 
B 2 3  DG 3  121 121 DG DG B . n 
B 2 4  DT 4  122 122 DT DT B . n 
B 2 5  DA 5  123 123 DA DA B . n 
B 2 6  DC 6  124 124 DC DC B . n 
B 2 7  DA 7  125 125 DA DA B . n 
C 3 1  DG 1  209 209 DG DG C . n 
C 3 2  DG 2  210 210 DG DG C . n 
C 3 3  DC 3  211 211 DC DC C . n 
C 3 4  DT 4  212 212 DT DT C . n 
C 3 5  DG 5  213 213 DG DG C . n 
D 4 1  DC 1  200 200 DC DC D . n 
D 4 2  DT 2  201 201 DT DT D . n 
D 4 3  DC 3  202 202 DC DC D . n 
D 4 4  DT 4  203 203 DT DT D . n 
D 4 5  DG 5  204 204 DG DG D . n 
D 4 6  DA 6  205 205 DA DA D . n 
D 4 7  DT 7  206 206 DT DT D . n 
D 4 8  DG 8  207 207 DG DG D . n 
D 4 9  DT 9  208 208 DT DT D . n 
# 
_pdbx_contact_author.id                 2 
_pdbx_contact_author.email              ruojie.sha@nyu.edu 
_pdbx_contact_author.name_first         Ruojie 
_pdbx_contact_author.name_last          Sha 
_pdbx_contact_author.name_mi            ? 
_pdbx_contact_author.role               'principal investigator/group leader' 
_pdbx_contact_author.identifier_ORCID   0000-0002-0807-734X 
# 
_pdbx_struct_assembly.id                   1 
_pdbx_struct_assembly.details              author_defined_assembly 
_pdbx_struct_assembly.method_details       ? 
_pdbx_struct_assembly.oligomeric_details   dodecameric 
_pdbx_struct_assembly.oligomeric_count     12 
# 
_pdbx_struct_assembly_gen.assembly_id       1 
_pdbx_struct_assembly_gen.oper_expression   1,2,3 
_pdbx_struct_assembly_gen.asym_id_list      A,B,C,D 
# 
loop_
_pdbx_struct_oper_list.id 
_pdbx_struct_oper_list.type 
_pdbx_struct_oper_list.name 
_pdbx_struct_oper_list.symmetry_operation 
_pdbx_struct_oper_list.matrix[1][1] 
_pdbx_struct_oper_list.matrix[1][2] 
_pdbx_struct_oper_list.matrix[1][3] 
_pdbx_struct_oper_list.vector[1] 
_pdbx_struct_oper_list.matrix[2][1] 
_pdbx_struct_oper_list.matrix[2][2] 
_pdbx_struct_oper_list.matrix[2][3] 
_pdbx_struct_oper_list.vector[2] 
_pdbx_struct_oper_list.matrix[3][1] 
_pdbx_struct_oper_list.matrix[3][2] 
_pdbx_struct_oper_list.matrix[3][3] 
_pdbx_struct_oper_list.vector[3] 
1 'identity operation'         1_555 x,y,z       1.0000000000 0.0000000000  0.0000000000  0.0000000000  0.0000000000  1.0000000000 0.0000000000  0.0000000000  0.0000000000  0.0000000000  1.0000000000  0.0000000000   
2 'crystal symmetry operation' 2_545 -y,x-y-1,z  0.2584263850 -0.4892640007 -0.8329685115 -6.1693824577 -0.9156892806 0.1506543553 -0.3725807385 2.9939707050  0.3077806768  0.8590250304  -0.4090807403 -25.8277761575 
3 'crystal symmetry operation' 3_655 -x+y+1,-x,z 0.2584263850 -0.9156892806 0.3077806768  12.2851685120 -0.4892640007 0.1506543553 0.8590250304  18.7171947299 -0.8329685115 -0.3725807385 -0.4090807403 -14.5890512993 
# 
loop_
_pdbx_audit_revision_history.ordinal 
_pdbx_audit_revision_history.data_content_type 
_pdbx_audit_revision_history.major_revision 
_pdbx_audit_revision_history.minor_revision 
_pdbx_audit_revision_history.revision_date 
1 'Structure model' 1 0 2023-01-11 
2 'Structure model' 1 1 2023-01-18 
3 'Structure model' 1 2 2023-02-08 
4 'Structure model' 1 3 2023-10-25 
# 
_pdbx_audit_revision_details.ordinal             1 
_pdbx_audit_revision_details.revision_ordinal    1 
_pdbx_audit_revision_details.data_content_type   'Structure model' 
_pdbx_audit_revision_details.provider            repository 
_pdbx_audit_revision_details.type                'Initial release' 
_pdbx_audit_revision_details.description         ? 
_pdbx_audit_revision_details.details             ? 
# 
loop_
_pdbx_audit_revision_group.ordinal 
_pdbx_audit_revision_group.revision_ordinal 
_pdbx_audit_revision_group.data_content_type 
_pdbx_audit_revision_group.group 
1 2 'Structure model' 'Database references'    
2 3 'Structure model' 'Database references'    
3 4 'Structure model' 'Data collection'        
4 4 'Structure model' 'Refinement description' 
# 
loop_
_pdbx_audit_revision_category.ordinal 
_pdbx_audit_revision_category.revision_ordinal 
_pdbx_audit_revision_category.data_content_type 
_pdbx_audit_revision_category.category 
1 2 'Structure model' citation                      
2 2 'Structure model' citation_author               
3 3 'Structure model' citation                      
4 4 'Structure model' chem_comp_atom                
5 4 'Structure model' chem_comp_bond                
6 4 'Structure model' pdbx_initial_refinement_model 
# 
loop_
_pdbx_audit_revision_item.ordinal 
_pdbx_audit_revision_item.revision_ordinal 
_pdbx_audit_revision_item.data_content_type 
_pdbx_audit_revision_item.item 
1 2 'Structure model' '_citation.page_first'              
2 2 'Structure model' '_citation.page_last'               
3 2 'Structure model' '_citation_author.identifier_ORCID' 
4 3 'Structure model' '_citation.journal_volume'          
5 3 'Structure model' '_citation.year'                    
# 
loop_
_space_group_symop.id 
_space_group_symop.operation_xyz 
1 x,y,z        
2 x-y,x,z+1/2  
3 y,-x+y,z+1/2 
4 -y,x-y,z     
5 -x+y,-x,z    
6 -x,-y,z+1/2  
# 
loop_
_pdbx_refine_tls.pdbx_refine_id 
_pdbx_refine_tls.id 
_pdbx_refine_tls.details 
_pdbx_refine_tls.method 
_pdbx_refine_tls.origin_x 
_pdbx_refine_tls.origin_y 
_pdbx_refine_tls.origin_z 
_pdbx_refine_tls.T[1][1] 
_pdbx_refine_tls.T[2][2] 
_pdbx_refine_tls.T[3][3] 
_pdbx_refine_tls.T[1][2] 
_pdbx_refine_tls.T[1][3] 
_pdbx_refine_tls.T[2][3] 
_pdbx_refine_tls.L[1][1] 
_pdbx_refine_tls.L[2][2] 
_pdbx_refine_tls.L[3][3] 
_pdbx_refine_tls.L[1][2] 
_pdbx_refine_tls.L[1][3] 
_pdbx_refine_tls.L[2][3] 
_pdbx_refine_tls.S[1][1] 
_pdbx_refine_tls.S[2][2] 
_pdbx_refine_tls.S[3][3] 
_pdbx_refine_tls.S[1][2] 
_pdbx_refine_tls.S[1][3] 
_pdbx_refine_tls.S[2][3] 
_pdbx_refine_tls.S[2][1] 
_pdbx_refine_tls.S[3][1] 
_pdbx_refine_tls.S[3][2] 
'X-RAY DIFFRACTION' 1 ? refined -1.0488 -3.5452  -2.1781  -0.6364768126 -20.7989154641 -5.1844256914 -6.1794725583  -2.63198433982 -12.0417713121 2.05268268528   -1.281552977265 2.789886469545  -0.461806348    -1.08133367743  -1.554684815236 0.09568803872  1.67207163463 -0.02009383698 -0.17831560252 -0.080704975789 4.41634194027   3.07692001310 4.37332641736  3.82604912539  
'X-RAY DIFFRACTION' 2 ? refined -0.3425 0.2962   -1.5597  5.96756386073 0.93076088338  2.08091788476 1.54473410903  2.27882023054  -0.55107335955 -0.011629183582 -0.456059796404 0.019954318925  0.28316945436   -0.212388534787 0.115169602626  0.53582386577  2.70927047628 1.96251380719  0.822481721053 -0.034749270275 0.099154205219  2.49818830336 -0.32473258442 -0.54861040325 
'X-RAY DIFFRACTION' 3 ? refined -2.2995 -17.7540 -11.9722 1.80397689993 8.41152731714  5.59682212667 0.490102809423 0.73908683343  0.62049726851  0.094910341764  -0.038938736315 -0.058882981107 -0.002110335755 -0.017124995339 -0.019617233624 -0.43490848630 0.47279129255 0.02941498823  -0.84835888117 -0.283448601045 -0.233944008015 0.4663702711  2.46657270613  1.568063535417 
'X-RAY DIFFRACTION' 4 ? refined 3.9564  18.8384  11.9483  5.6356205897  1.713211514051 1.90596765199 1.550799553291 -2.0737571146  -3.51656516827 -0.229873509851 -0.012588144826 0.152412593714  -0.104399477020 0.078996526123  -0.110018699653 3.8760683759   0.31006502168 0.18861451258  2.61819206708  1.95052201716   0.610606196003  1.88151981215 -0.96056443600 0.4678169421    
# 
loop_
_pdbx_refine_tls_group.pdbx_refine_id 
_pdbx_refine_tls_group.id 
_pdbx_refine_tls_group.refine_tls_id 
_pdbx_refine_tls_group.beg_auth_asym_id 
_pdbx_refine_tls_group.beg_auth_seq_id 
_pdbx_refine_tls_group.end_auth_asym_id 
_pdbx_refine_tls_group.end_auth_seq_id 
_pdbx_refine_tls_group.selection_details 
_pdbx_refine_tls_group.beg_label_asym_id 
_pdbx_refine_tls_group.beg_label_seq_id 
_pdbx_refine_tls_group.end_label_asym_id 
_pdbx_refine_tls_group.end_label_seq_id 
_pdbx_refine_tls_group.selection 
'X-RAY DIFFRACTION' 1 1 A 101 A 121 '( CHAIN A AND RESID 101:121 )' ? ? ? ? ? 
'X-RAY DIFFRACTION' 2 2 B 119 B 125 '( CHAIN B AND RESID 119:125 )' ? ? ? ? ? 
'X-RAY DIFFRACTION' 3 3 C 209 C 213 '( CHAIN C AND RESID 209:213 )' ? ? ? ? ? 
'X-RAY DIFFRACTION' 4 4 D 201 D 208 '( CHAIN D AND RESID 201:208 )' ? ? ? ? ? 
# 
loop_
_software.citation_id 
_software.classification 
_software.compiler_name 
_software.compiler_version 
_software.contact_author 
_software.contact_author_email 
_software.date 
_software.description 
_software.dependencies 
_software.hardware 
_software.language 
_software.location 
_software.mods 
_software.name 
_software.os 
_software.os_version 
_software.type 
_software.version 
_software.pdbx_ordinal 
? refinement       ? ? ? ? ? ? ? ? ? ? ? PHENIX    ? ? ? 1.19.2_4158 1 
? 'data reduction' ? ? ? ? ? ? ? ? ? ? ? autoPROC  ? ? ? .           2 
? 'data scaling'   ? ? ? ? ? ? ? ? ? ? ? STARANISO ? ? ? .           3 
? phasing          ? ? ? ? ? ? ? ? ? ? ? PHASER    ? ? ? .           4 
# 
_pdbx_validate_symm_contact.id                1 
_pdbx_validate_symm_contact.PDB_model_num     1 
_pdbx_validate_symm_contact.auth_atom_id_1    N2 
_pdbx_validate_symm_contact.auth_asym_id_1    A 
_pdbx_validate_symm_contact.auth_comp_id_1    DG 
_pdbx_validate_symm_contact.auth_seq_id_1     102 
_pdbx_validate_symm_contact.PDB_ins_code_1    ? 
_pdbx_validate_symm_contact.label_alt_id_1    ? 
_pdbx_validate_symm_contact.site_symmetry_1   1_555 
_pdbx_validate_symm_contact.auth_atom_id_2    O2 
_pdbx_validate_symm_contact.auth_asym_id_2    D 
_pdbx_validate_symm_contact.auth_comp_id_2    DC 
_pdbx_validate_symm_contact.auth_seq_id_2     202 
_pdbx_validate_symm_contact.PDB_ins_code_2    ? 
_pdbx_validate_symm_contact.label_alt_id_2    ? 
_pdbx_validate_symm_contact.site_symmetry_2   5_555 
_pdbx_validate_symm_contact.dist              2.17 
# 
loop_
_pdbx_validate_rmsd_bond.id 
_pdbx_validate_rmsd_bond.PDB_model_num 
_pdbx_validate_rmsd_bond.auth_atom_id_1 
_pdbx_validate_rmsd_bond.auth_asym_id_1 
_pdbx_validate_rmsd_bond.auth_comp_id_1 
_pdbx_validate_rmsd_bond.auth_seq_id_1 
_pdbx_validate_rmsd_bond.PDB_ins_code_1 
_pdbx_validate_rmsd_bond.label_alt_id_1 
_pdbx_validate_rmsd_bond.auth_atom_id_2 
_pdbx_validate_rmsd_bond.auth_asym_id_2 
_pdbx_validate_rmsd_bond.auth_comp_id_2 
_pdbx_validate_rmsd_bond.auth_seq_id_2 
_pdbx_validate_rmsd_bond.PDB_ins_code_2 
_pdbx_validate_rmsd_bond.label_alt_id_2 
_pdbx_validate_rmsd_bond.bond_value 
_pdbx_validate_rmsd_bond.bond_target_value 
_pdbx_validate_rmsd_bond.bond_deviation 
_pdbx_validate_rmsd_bond.bond_standard_deviation 
_pdbx_validate_rmsd_bond.linker_flag 
1  1 N1    A DA 101 ? ? C2    A DA 101 ? ? 1.451 1.339 0.112  0.009 N 
2  1 C2    A DA 101 ? ? N3    A DA 101 ? ? 1.393 1.331 0.062  0.009 N 
3  1 N3    A DA 101 ? ? C4    A DA 101 ? ? 1.395 1.344 0.051  0.006 N 
4  1 C4    A DA 101 ? ? C5    A DA 101 ? ? 1.528 1.383 0.145  0.007 N 
5  1 C5    A DA 101 ? ? C6    A DA 101 ? ? 1.558 1.406 0.152  0.009 N 
6  1 C6    A DA 101 ? ? N1    A DA 101 ? ? 1.428 1.351 0.077  0.007 N 
7  1 C5    A DA 101 ? ? N7    A DA 101 ? ? 1.446 1.388 0.058  0.006 N 
8  1 N7    A DA 101 ? ? C8    A DA 101 ? ? 1.403 1.311 0.092  0.007 N 
9  1 N9    A DA 101 ? ? C4    A DA 101 ? ? 1.462 1.374 0.088  0.006 N 
10 1 C6    A DA 101 ? ? N6    A DA 101 ? ? 1.449 1.335 0.114  0.008 N 
11 1 "C5'" A DG 102 ? ? "C4'" A DG 102 ? ? 1.560 1.512 0.048  0.007 N 
12 1 N1    A DG 102 ? ? C2    A DG 102 ? ? 1.460 1.373 0.087  0.008 N 
13 1 N3    A DG 102 ? ? C4    A DG 102 ? ? 1.413 1.350 0.063  0.007 N 
14 1 C4    A DG 102 ? ? C5    A DG 102 ? ? 1.456 1.379 0.077  0.007 N 
15 1 C5    A DG 102 ? ? C6    A DG 102 ? ? 1.560 1.419 0.141  0.010 N 
16 1 C6    A DG 102 ? ? N1    A DG 102 ? ? 1.472 1.391 0.081  0.007 N 
17 1 C5    A DG 102 ? ? N7    A DG 102 ? ? 1.451 1.388 0.063  0.006 N 
18 1 C6    A DG 102 ? ? O6    A DG 102 ? ? 1.359 1.237 0.122  0.009 N 
19 1 C2    A DG 103 ? ? N3    A DG 103 ? ? 1.377 1.323 0.054  0.008 N 
20 1 N3    A DG 103 ? ? C4    A DG 103 ? ? 1.441 1.350 0.091  0.007 N 
21 1 C4    A DG 103 ? ? C5    A DG 103 ? ? 1.427 1.379 0.048  0.007 N 
22 1 C6    A DG 103 ? ? N1    A DG 103 ? ? 1.460 1.391 0.069  0.007 N 
23 1 N9    A DG 103 ? ? C4    A DG 103 ? ? 1.442 1.375 0.067  0.008 N 
24 1 C6    A DG 103 ? ? O6    A DG 103 ? ? 1.298 1.237 0.061  0.009 N 
25 1 "C1'" A DC 104 ? ? N1    A DC 104 ? ? 1.568 1.488 0.080  0.013 N 
26 1 "C1'" A DC 107 ? ? N1    A DC 107 ? ? 1.586 1.488 0.098  0.013 N 
27 1 "O3'" A DC 113 ? ? "C3'" A DC 113 ? ? 1.358 1.419 -0.061 0.006 N 
28 1 "C1'" A DC 120 ? ? N1    A DC 120 ? ? 1.575 1.488 0.087  0.013 N 
29 1 "O3'" B DA 123 ? ? "C3'" B DA 123 ? ? 1.357 1.419 -0.062 0.006 N 
30 1 "O3'" B DC 124 ? ? "C3'" B DC 124 ? ? 1.381 1.419 -0.038 0.006 N 
31 1 C2    D DC 200 ? ? N3    D DC 200 ? ? 1.409 1.353 0.056  0.008 N 
32 1 N3    D DC 200 ? ? C4    D DC 200 ? ? 1.381 1.335 0.046  0.007 N 
33 1 "C1'" D DT 201 ? ? N1    D DT 201 ? ? 1.600 1.488 0.112  0.013 N 
# 
loop_
_pdbx_validate_rmsd_angle.id 
_pdbx_validate_rmsd_angle.PDB_model_num 
_pdbx_validate_rmsd_angle.auth_atom_id_1 
_pdbx_validate_rmsd_angle.auth_asym_id_1 
_pdbx_validate_rmsd_angle.auth_comp_id_1 
_pdbx_validate_rmsd_angle.auth_seq_id_1 
_pdbx_validate_rmsd_angle.PDB_ins_code_1 
_pdbx_validate_rmsd_angle.label_alt_id_1 
_pdbx_validate_rmsd_angle.auth_atom_id_2 
_pdbx_validate_rmsd_angle.auth_asym_id_2 
_pdbx_validate_rmsd_angle.auth_comp_id_2 
_pdbx_validate_rmsd_angle.auth_seq_id_2 
_pdbx_validate_rmsd_angle.PDB_ins_code_2 
_pdbx_validate_rmsd_angle.label_alt_id_2 
_pdbx_validate_rmsd_angle.auth_atom_id_3 
_pdbx_validate_rmsd_angle.auth_asym_id_3 
_pdbx_validate_rmsd_angle.auth_comp_id_3 
_pdbx_validate_rmsd_angle.auth_seq_id_3 
_pdbx_validate_rmsd_angle.PDB_ins_code_3 
_pdbx_validate_rmsd_angle.label_alt_id_3 
_pdbx_validate_rmsd_angle.angle_value 
_pdbx_validate_rmsd_angle.angle_target_value 
_pdbx_validate_rmsd_angle.angle_deviation 
_pdbx_validate_rmsd_angle.angle_standard_deviation 
_pdbx_validate_rmsd_angle.linker_flag 
1  1 "O4'" A DA 101 ? ? "C1'" A DA 101 ? ? N9    A DA 101 ? ? 110.29 108.30 1.99  0.30 N 
2  1 C5    A DA 101 ? ? C6    A DA 101 ? ? N1    A DA 101 ? ? 113.71 117.70 -3.99 0.50 N 
3  1 C4    A DA 101 ? ? C5    A DA 101 ? ? N7    A DA 101 ? ? 107.50 110.70 -3.20 0.50 N 
4  1 "O4'" A DG 102 ? ? "C1'" A DG 102 ? ? N9    A DG 102 ? ? 103.17 108.00 -4.83 0.70 N 
5  1 C4    A DG 102 ? ? C5    A DG 102 ? ? N7    A DG 102 ? ? 108.35 110.80 -2.45 0.40 N 
6  1 C6    A DG 102 ? ? C5    A DG 102 ? ? N7    A DG 102 ? ? 134.10 130.40 3.70  0.60 N 
7  1 "O4'" A DC 107 ? ? "C1'" A DC 107 ? ? N1    A DC 107 ? ? 111.34 108.30 3.04  0.30 N 
8  1 "O4'" A DC 120 ? ? "C1'" A DC 120 ? ? N1    A DC 120 ? ? 113.84 108.30 5.54  0.30 N 
9  1 "O4'" B DA 123 ? ? "C1'" B DA 123 ? ? N9    B DA 123 ? ? 110.73 108.30 2.43  0.30 N 
10 1 "O4'" B DC 124 ? ? "C1'" B DC 124 ? ? N1    B DC 124 ? ? 110.24 108.30 1.94  0.30 N 
11 1 "O4'" C DG 209 ? ? "C1'" C DG 209 ? ? N9    C DG 209 ? ? 110.74 108.30 2.44  0.30 N 
12 1 "O4'" D DT 203 ? ? "C1'" D DT 203 ? ? N1    D DT 203 ? ? 110.63 108.30 2.33  0.30 N 
13 1 "C3'" D DA 205 ? ? "C2'" D DA 205 ? ? "C1'" D DA 205 ? ? 96.92  102.40 -5.48 0.80 N 
14 1 "O4'" D DG 207 ? ? "C1'" D DG 207 ? ? N9    D DG 207 ? ? 110.29 108.30 1.99  0.30 N 
# 
loop_
_chem_comp_atom.comp_id 
_chem_comp_atom.atom_id 
_chem_comp_atom.type_symbol 
_chem_comp_atom.pdbx_aromatic_flag 
_chem_comp_atom.pdbx_stereo_config 
_chem_comp_atom.pdbx_ordinal 
DA OP3    O N N 1   
DA P      P N N 2   
DA OP1    O N N 3   
DA OP2    O N N 4   
DA "O5'"  O N N 5   
DA "C5'"  C N N 6   
DA "C4'"  C N R 7   
DA "O4'"  O N N 8   
DA "C3'"  C N S 9   
DA "O3'"  O N N 10  
DA "C2'"  C N N 11  
DA "C1'"  C N R 12  
DA N9     N Y N 13  
DA C8     C Y N 14  
DA N7     N Y N 15  
DA C5     C Y N 16  
DA C6     C Y N 17  
DA N6     N N N 18  
DA N1     N Y N 19  
DA C2     C Y N 20  
DA N3     N Y N 21  
DA C4     C Y N 22  
DA HOP3   H N N 23  
DA HOP2   H N N 24  
DA "H5'"  H N N 25  
DA "H5''" H N N 26  
DA "H4'"  H N N 27  
DA "H3'"  H N N 28  
DA "HO3'" H N N 29  
DA "H2'"  H N N 30  
DA "H2''" H N N 31  
DA "H1'"  H N N 32  
DA H8     H N N 33  
DA H61    H N N 34  
DA H62    H N N 35  
DA H2     H N N 36  
DC OP3    O N N 37  
DC P      P N N 38  
DC OP1    O N N 39  
DC OP2    O N N 40  
DC "O5'"  O N N 41  
DC "C5'"  C N N 42  
DC "C4'"  C N R 43  
DC "O4'"  O N N 44  
DC "C3'"  C N S 45  
DC "O3'"  O N N 46  
DC "C2'"  C N N 47  
DC "C1'"  C N R 48  
DC N1     N N N 49  
DC C2     C N N 50  
DC O2     O N N 51  
DC N3     N N N 52  
DC C4     C N N 53  
DC N4     N N N 54  
DC C5     C N N 55  
DC C6     C N N 56  
DC HOP3   H N N 57  
DC HOP2   H N N 58  
DC "H5'"  H N N 59  
DC "H5''" H N N 60  
DC "H4'"  H N N 61  
DC "H3'"  H N N 62  
DC "HO3'" H N N 63  
DC "H2'"  H N N 64  
DC "H2''" H N N 65  
DC "H1'"  H N N 66  
DC H41    H N N 67  
DC H42    H N N 68  
DC H5     H N N 69  
DC H6     H N N 70  
DG OP3    O N N 71  
DG P      P N N 72  
DG OP1    O N N 73  
DG OP2    O N N 74  
DG "O5'"  O N N 75  
DG "C5'"  C N N 76  
DG "C4'"  C N R 77  
DG "O4'"  O N N 78  
DG "C3'"  C N S 79  
DG "O3'"  O N N 80  
DG "C2'"  C N N 81  
DG "C1'"  C N R 82  
DG N9     N Y N 83  
DG C8     C Y N 84  
DG N7     N Y N 85  
DG C5     C Y N 86  
DG C6     C N N 87  
DG O6     O N N 88  
DG N1     N N N 89  
DG C2     C N N 90  
DG N2     N N N 91  
DG N3     N N N 92  
DG C4     C Y N 93  
DG HOP3   H N N 94  
DG HOP2   H N N 95  
DG "H5'"  H N N 96  
DG "H5''" H N N 97  
DG "H4'"  H N N 98  
DG "H3'"  H N N 99  
DG "HO3'" H N N 100 
DG "H2'"  H N N 101 
DG "H2''" H N N 102 
DG "H1'"  H N N 103 
DG H8     H N N 104 
DG H1     H N N 105 
DG H21    H N N 106 
DG H22    H N N 107 
DT OP3    O N N 108 
DT P      P N N 109 
DT OP1    O N N 110 
DT OP2    O N N 111 
DT "O5'"  O N N 112 
DT "C5'"  C N N 113 
DT "C4'"  C N R 114 
DT "O4'"  O N N 115 
DT "C3'"  C N S 116 
DT "O3'"  O N N 117 
DT "C2'"  C N N 118 
DT "C1'"  C N R 119 
DT N1     N N N 120 
DT C2     C N N 121 
DT O2     O N N 122 
DT N3     N N N 123 
DT C4     C N N 124 
DT O4     O N N 125 
DT C5     C N N 126 
DT C7     C N N 127 
DT C6     C N N 128 
DT HOP3   H N N 129 
DT HOP2   H N N 130 
DT "H5'"  H N N 131 
DT "H5''" H N N 132 
DT "H4'"  H N N 133 
DT "H3'"  H N N 134 
DT "HO3'" H N N 135 
DT "H2'"  H N N 136 
DT "H2''" H N N 137 
DT "H1'"  H N N 138 
DT H3     H N N 139 
DT H71    H N N 140 
DT H72    H N N 141 
DT H73    H N N 142 
DT H6     H N N 143 
# 
loop_
_chem_comp_bond.comp_id 
_chem_comp_bond.atom_id_1 
_chem_comp_bond.atom_id_2 
_chem_comp_bond.value_order 
_chem_comp_bond.pdbx_aromatic_flag 
_chem_comp_bond.pdbx_stereo_config 
_chem_comp_bond.pdbx_ordinal 
DA OP3   P      sing N N 1   
DA OP3   HOP3   sing N N 2   
DA P     OP1    doub N N 3   
DA P     OP2    sing N N 4   
DA P     "O5'"  sing N N 5   
DA OP2   HOP2   sing N N 6   
DA "O5'" "C5'"  sing N N 7   
DA "C5'" "C4'"  sing N N 8   
DA "C5'" "H5'"  sing N N 9   
DA "C5'" "H5''" sing N N 10  
DA "C4'" "O4'"  sing N N 11  
DA "C4'" "C3'"  sing N N 12  
DA "C4'" "H4'"  sing N N 13  
DA "O4'" "C1'"  sing N N 14  
DA "C3'" "O3'"  sing N N 15  
DA "C3'" "C2'"  sing N N 16  
DA "C3'" "H3'"  sing N N 17  
DA "O3'" "HO3'" sing N N 18  
DA "C2'" "C1'"  sing N N 19  
DA "C2'" "H2'"  sing N N 20  
DA "C2'" "H2''" sing N N 21  
DA "C1'" N9     sing N N 22  
DA "C1'" "H1'"  sing N N 23  
DA N9    C8     sing Y N 24  
DA N9    C4     sing Y N 25  
DA C8    N7     doub Y N 26  
DA C8    H8     sing N N 27  
DA N7    C5     sing Y N 28  
DA C5    C6     sing Y N 29  
DA C5    C4     doub Y N 30  
DA C6    N6     sing N N 31  
DA C6    N1     doub Y N 32  
DA N6    H61    sing N N 33  
DA N6    H62    sing N N 34  
DA N1    C2     sing Y N 35  
DA C2    N3     doub Y N 36  
DA C2    H2     sing N N 37  
DA N3    C4     sing Y N 38  
DC OP3   P      sing N N 39  
DC OP3   HOP3   sing N N 40  
DC P     OP1    doub N N 41  
DC P     OP2    sing N N 42  
DC P     "O5'"  sing N N 43  
DC OP2   HOP2   sing N N 44  
DC "O5'" "C5'"  sing N N 45  
DC "C5'" "C4'"  sing N N 46  
DC "C5'" "H5'"  sing N N 47  
DC "C5'" "H5''" sing N N 48  
DC "C4'" "O4'"  sing N N 49  
DC "C4'" "C3'"  sing N N 50  
DC "C4'" "H4'"  sing N N 51  
DC "O4'" "C1'"  sing N N 52  
DC "C3'" "O3'"  sing N N 53  
DC "C3'" "C2'"  sing N N 54  
DC "C3'" "H3'"  sing N N 55  
DC "O3'" "HO3'" sing N N 56  
DC "C2'" "C1'"  sing N N 57  
DC "C2'" "H2'"  sing N N 58  
DC "C2'" "H2''" sing N N 59  
DC "C1'" N1     sing N N 60  
DC "C1'" "H1'"  sing N N 61  
DC N1    C2     sing N N 62  
DC N1    C6     sing N N 63  
DC C2    O2     doub N N 64  
DC C2    N3     sing N N 65  
DC N3    C4     doub N N 66  
DC C4    N4     sing N N 67  
DC C4    C5     sing N N 68  
DC N4    H41    sing N N 69  
DC N4    H42    sing N N 70  
DC C5    C6     doub N N 71  
DC C5    H5     sing N N 72  
DC C6    H6     sing N N 73  
DG OP3   P      sing N N 74  
DG OP3   HOP3   sing N N 75  
DG P     OP1    doub N N 76  
DG P     OP2    sing N N 77  
DG P     "O5'"  sing N N 78  
DG OP2   HOP2   sing N N 79  
DG "O5'" "C5'"  sing N N 80  
DG "C5'" "C4'"  sing N N 81  
DG "C5'" "H5'"  sing N N 82  
DG "C5'" "H5''" sing N N 83  
DG "C4'" "O4'"  sing N N 84  
DG "C4'" "C3'"  sing N N 85  
DG "C4'" "H4'"  sing N N 86  
DG "O4'" "C1'"  sing N N 87  
DG "C3'" "O3'"  sing N N 88  
DG "C3'" "C2'"  sing N N 89  
DG "C3'" "H3'"  sing N N 90  
DG "O3'" "HO3'" sing N N 91  
DG "C2'" "C1'"  sing N N 92  
DG "C2'" "H2'"  sing N N 93  
DG "C2'" "H2''" sing N N 94  
DG "C1'" N9     sing N N 95  
DG "C1'" "H1'"  sing N N 96  
DG N9    C8     sing Y N 97  
DG N9    C4     sing Y N 98  
DG C8    N7     doub Y N 99  
DG C8    H8     sing N N 100 
DG N7    C5     sing Y N 101 
DG C5    C6     sing N N 102 
DG C5    C4     doub Y N 103 
DG C6    O6     doub N N 104 
DG C6    N1     sing N N 105 
DG N1    C2     sing N N 106 
DG N1    H1     sing N N 107 
DG C2    N2     sing N N 108 
DG C2    N3     doub N N 109 
DG N2    H21    sing N N 110 
DG N2    H22    sing N N 111 
DG N3    C4     sing N N 112 
DT OP3   P      sing N N 113 
DT OP3   HOP3   sing N N 114 
DT P     OP1    doub N N 115 
DT P     OP2    sing N N 116 
DT P     "O5'"  sing N N 117 
DT OP2   HOP2   sing N N 118 
DT "O5'" "C5'"  sing N N 119 
DT "C5'" "C4'"  sing N N 120 
DT "C5'" "H5'"  sing N N 121 
DT "C5'" "H5''" sing N N 122 
DT "C4'" "O4'"  sing N N 123 
DT "C4'" "C3'"  sing N N 124 
DT "C4'" "H4'"  sing N N 125 
DT "O4'" "C1'"  sing N N 126 
DT "C3'" "O3'"  sing N N 127 
DT "C3'" "C2'"  sing N N 128 
DT "C3'" "H3'"  sing N N 129 
DT "O3'" "HO3'" sing N N 130 
DT "C2'" "C1'"  sing N N 131 
DT "C2'" "H2'"  sing N N 132 
DT "C2'" "H2''" sing N N 133 
DT "C1'" N1     sing N N 134 
DT "C1'" "H1'"  sing N N 135 
DT N1    C2     sing N N 136 
DT N1    C6     sing N N 137 
DT C2    O2     doub N N 138 
DT C2    N3     sing N N 139 
DT N3    C4     sing N N 140 
DT N3    H3     sing N N 141 
DT C4    O4     doub N N 142 
DT C4    C5     sing N N 143 
DT C5    C7     sing N N 144 
DT C5    C6     doub N N 145 
DT C7    H71    sing N N 146 
DT C7    H72    sing N N 147 
DT C7    H73    sing N N 148 
DT C6    H6     sing N N 149 
# 
loop_
_ndb_struct_conf_na.entry_id 
_ndb_struct_conf_na.feature 
8CS6 'double helix'        
8CS6 'b-form double helix' 
# 
loop_
_ndb_struct_na_base_pair.model_number 
_ndb_struct_na_base_pair.i_label_asym_id 
_ndb_struct_na_base_pair.i_label_comp_id 
_ndb_struct_na_base_pair.i_label_seq_id 
_ndb_struct_na_base_pair.i_symmetry 
_ndb_struct_na_base_pair.j_label_asym_id 
_ndb_struct_na_base_pair.j_label_comp_id 
_ndb_struct_na_base_pair.j_label_seq_id 
_ndb_struct_na_base_pair.j_symmetry 
_ndb_struct_na_base_pair.shear 
_ndb_struct_na_base_pair.stretch 
_ndb_struct_na_base_pair.stagger 
_ndb_struct_na_base_pair.buckle 
_ndb_struct_na_base_pair.propeller 
_ndb_struct_na_base_pair.opening 
_ndb_struct_na_base_pair.pair_number 
_ndb_struct_na_base_pair.pair_name 
_ndb_struct_na_base_pair.i_auth_asym_id 
_ndb_struct_na_base_pair.i_auth_seq_id 
_ndb_struct_na_base_pair.i_PDB_ins_code 
_ndb_struct_na_base_pair.j_auth_asym_id 
_ndb_struct_na_base_pair.j_auth_seq_id 
_ndb_struct_na_base_pair.j_PDB_ins_code 
_ndb_struct_na_base_pair.hbond_type_28 
_ndb_struct_na_base_pair.hbond_type_12 
1 A DC 4  1_555 C DG 5 1_555 -0.020 -0.067 -0.873 -3.757  -5.445  0.977   1  A_DC104:DG213_C A 104 ? C 213 ? 19 1 
1 A DA 5  1_555 C DT 4 1_555 -0.111 -0.486 -0.684 -22.715 -12.820 -7.684  2  A_DA105:DT212_C A 105 ? C 212 ? 20 1 
1 A DG 6  1_555 C DC 3 1_555 -0.203 -0.187 -0.709 -27.213 -12.219 -5.354  3  A_DG106:DC211_C A 106 ? C 211 ? 19 1 
1 A DC 7  1_555 C DG 2 1_555 1.403  0.839  1.708  -10.040 -1.461  43.076  4  A_DC107:DG210_C A 107 ? C 210 ? ?  1 
1 A DC 8  1_555 C DG 1 1_555 -0.258 -0.498 0.876  -9.318  -11.979 -0.073  5  A_DC108:DG209_C A 108 ? C 209 ? 19 1 
1 A DT 9  1_555 B DA 7 1_555 -0.097 -0.479 1.027  -2.417  -1.037  8.984   6  A_DT109:DA125_B A 109 ? B 125 ? 20 1 
1 A DG 10 1_555 B DC 6 1_555 -0.296 -0.301 -0.517 -5.308  -15.370 6.948   7  A_DG110:DC124_B A 110 ? B 124 ? 19 1 
1 A DT 11 1_555 B DA 5 1_555 -0.029 -0.225 -0.959 -4.239  -11.822 9.967   8  A_DT111:DA123_B A 111 ? B 123 ? 20 1 
1 A DA 12 1_555 B DT 4 1_555 -0.126 -0.239 -0.427 -25.201 -3.100  4.825   9  A_DA112:DT122_B A 112 ? B 122 ? 20 1 
1 A DC 13 1_555 B DG 3 1_555 -0.041 -0.418 0.380  -8.313  -3.436  -6.147  10 A_DC113:DG121_B A 113 ? B 121 ? 19 1 
1 A DG 14 1_555 B DC 2 1_555 -0.271 -0.448 -0.494 -6.239  -10.096 -12.806 11 A_DG114:DC120_B A 114 ? B 120 ? 19 1 
1 A DG 15 1_555 B DC 1 1_555 0.091  -0.531 0.983  17.275  -9.267  -3.766  12 A_DG115:DC119_B A 115 ? B 119 ? 19 1 
1 A DA 16 1_555 D DT 9 1_555 0.700  -0.499 0.852  7.364   -22.101 -16.360 13 A_DA116:DT208_D A 116 ? D 208 ? 20 1 
1 A DC 17 1_555 D DG 8 1_555 0.281  -0.215 0.284  -2.475  -6.990  2.738   14 A_DC117:DG207_D A 117 ? D 207 ? 19 1 
1 A DA 18 1_555 D DT 7 1_555 0.077  -0.172 0.727  -7.590  -15.384 6.953   15 A_DA118:DT206_D A 118 ? D 206 ? 20 1 
1 A DT 19 1_555 D DA 6 1_555 -0.187 -0.231 0.748  -1.353  -1.257  3.116   16 A_DT119:DA205_D A 119 ? D 205 ? 20 1 
1 A DC 20 1_555 D DG 5 1_555 0.429  -0.156 0.772  11.648  -4.299  2.679   17 A_DC120:DG204_D A 120 ? D 204 ? 19 1 
1 A DA 21 1_555 D DT 4 1_555 0.136  -0.699 -2.000 -24.082 -7.802  -6.336  18 A_DA121:DT203_D A 121 ? D 203 ? 20 1 
# 
loop_
_ndb_struct_na_base_pair_step.model_number 
_ndb_struct_na_base_pair_step.i_label_asym_id_1 
_ndb_struct_na_base_pair_step.i_label_comp_id_1 
_ndb_struct_na_base_pair_step.i_label_seq_id_1 
_ndb_struct_na_base_pair_step.i_symmetry_1 
_ndb_struct_na_base_pair_step.j_label_asym_id_1 
_ndb_struct_na_base_pair_step.j_label_comp_id_1 
_ndb_struct_na_base_pair_step.j_label_seq_id_1 
_ndb_struct_na_base_pair_step.j_symmetry_1 
_ndb_struct_na_base_pair_step.i_label_asym_id_2 
_ndb_struct_na_base_pair_step.i_label_comp_id_2 
_ndb_struct_na_base_pair_step.i_label_seq_id_2 
_ndb_struct_na_base_pair_step.i_symmetry_2 
_ndb_struct_na_base_pair_step.j_label_asym_id_2 
_ndb_struct_na_base_pair_step.j_label_comp_id_2 
_ndb_struct_na_base_pair_step.j_label_seq_id_2 
_ndb_struct_na_base_pair_step.j_symmetry_2 
_ndb_struct_na_base_pair_step.shift 
_ndb_struct_na_base_pair_step.slide 
_ndb_struct_na_base_pair_step.rise 
_ndb_struct_na_base_pair_step.tilt 
_ndb_struct_na_base_pair_step.roll 
_ndb_struct_na_base_pair_step.twist 
_ndb_struct_na_base_pair_step.x_displacement 
_ndb_struct_na_base_pair_step.y_displacement 
_ndb_struct_na_base_pair_step.helical_rise 
_ndb_struct_na_base_pair_step.inclination 
_ndb_struct_na_base_pair_step.tip 
_ndb_struct_na_base_pair_step.helical_twist 
_ndb_struct_na_base_pair_step.step_number 
_ndb_struct_na_base_pair_step.step_name 
_ndb_struct_na_base_pair_step.i_auth_asym_id_1 
_ndb_struct_na_base_pair_step.i_auth_seq_id_1 
_ndb_struct_na_base_pair_step.i_PDB_ins_code_1 
_ndb_struct_na_base_pair_step.j_auth_asym_id_1 
_ndb_struct_na_base_pair_step.j_auth_seq_id_1 
_ndb_struct_na_base_pair_step.j_PDB_ins_code_1 
_ndb_struct_na_base_pair_step.i_auth_asym_id_2 
_ndb_struct_na_base_pair_step.i_auth_seq_id_2 
_ndb_struct_na_base_pair_step.i_PDB_ins_code_2 
_ndb_struct_na_base_pair_step.j_auth_asym_id_2 
_ndb_struct_na_base_pair_step.j_auth_seq_id_2 
_ndb_struct_na_base_pair_step.j_PDB_ins_code_2 
1 A DC 4  1_555 C DG 5 1_555 A DA 5  1_555 C DT 4 1_555 -1.783 0.830  3.555 -14.756 4.862   39.179 0.552  0.646  4.017 6.928   
21.028  42.034 1  AA_DC104DA105:DT212DG213_CC A 104 ? C 213 ? A 105 ? C 212 ? 
1 A DA 5  1_555 C DT 4 1_555 A DG 6  1_555 C DC 3 1_555 0.519  -0.096 3.517 -1.814  -0.368  38.570 -0.096 -1.025 3.491 -0.556  
2.745   38.612 2  AA_DA105DG106:DC211DT212_CC A 105 ? C 212 ? A 106 ? C 211 ? 
1 A DG 6  1_555 C DC 3 1_555 A DC 7  1_555 C DG 2 1_555 3.269  0.248  2.638 -16.850 1.603   27.440 0.295  -7.517 0.591 3.040   
31.957  32.155 3  AA_DG106DC107:DG210DC211_CC A 106 ? C 211 ? A 107 ? C 210 ? 
1 A DC 7  1_555 C DG 2 1_555 A DC 8  1_555 C DG 1 1_555 -3.250 -0.152 2.392 -5.876  -10.980 46.346 0.507  3.632  2.729 -13.663 
7.313   47.901 4  AA_DC107DC108:DG209DG210_CC A 107 ? C 210 ? A 108 ? C 209 ? 
1 A DC 8  1_555 C DG 1 1_555 A DT 9  1_555 B DA 7 1_555 -0.262 -1.726 3.196 -5.580  -2.240  22.934 -3.450 -1.234 3.316 -5.514  
13.732  23.699 5  AA_DC108DT109:DA125DG209_BC A 108 ? C 209 ? A 109 ? B 125 ? 
1 A DT 9  1_555 B DA 7 1_555 A DG 10 1_555 B DC 6 1_555 -0.022 0.306  3.352 6.730   22.408  28.250 -2.822 1.029  2.790 38.611  
-11.597 36.528 6  AA_DT109DG110:DC124DA125_BB A 109 ? B 125 ? A 110 ? B 124 ? 
1 A DG 10 1_555 B DC 6 1_555 A DT 11 1_555 B DA 5 1_555 -1.353 -0.814 3.034 3.870   9.254   27.920 -3.277 3.351  2.440 18.443  
-7.712  29.634 7  AA_DG110DT111:DA123DC124_BB A 110 ? B 124 ? A 111 ? B 123 ? 
1 A DT 11 1_555 B DA 5 1_555 A DA 12 1_555 B DT 4 1_555 -0.964 2.340  4.278 -8.844  -3.026  44.562 3.377  0.223  4.227 -3.940  
11.513  45.483 8  AA_DT111DA112:DT122DA123_BB A 111 ? B 123 ? A 112 ? B 122 ? 
1 A DA 12 1_555 B DT 4 1_555 A DC 13 1_555 B DG 3 1_555 -1.227 0.109  2.657 -10.996 -0.959  34.931 0.289  0.638  2.896 -1.550  
17.777  36.581 9  AA_DA112DC113:DG121DT122_BB A 112 ? B 122 ? A 113 ? B 121 ? 
1 A DC 13 1_555 B DG 3 1_555 A DG 14 1_555 B DC 2 1_555 -0.162 2.247  3.246 3.440   -3.263  36.553 3.979  0.705  3.014 -5.175  
-5.457  36.849 10 AA_DC113DG114:DC120DG121_BB A 113 ? B 121 ? A 114 ? B 120 ? 
1 A DG 14 1_555 B DC 2 1_555 A DG 15 1_555 B DC 1 1_555 1.139  -0.307 2.333 -12.450 -7.191  36.597 0.117  -2.692 1.887 -10.947 
18.953  39.230 11 AA_DG114DG115:DC119DC120_BB A 114 ? B 120 ? A 115 ? B 119 ? 
1 A DG 15 1_555 B DC 1 1_555 A DA 16 1_555 D DT 9 1_555 -2.445 -1.328 3.120 -12.458 0.778   32.397 -2.359 2.022  3.749 1.334   
21.364  34.659 12 AA_DG115DA116:DT208DC119_DB A 115 ? B 119 ? A 116 ? D 208 ? 
1 A DA 16 1_555 D DT 9 1_555 A DC 17 1_555 D DG 8 1_555 1.292  -1.089 3.266 4.553   -5.843  26.954 -0.773 -1.521 3.584 -12.245 
-9.541  27.935 13 AA_DA116DC117:DG207DT208_DD A 116 ? D 208 ? A 117 ? D 207 ? 
1 A DC 17 1_555 D DG 8 1_555 A DA 18 1_555 D DT 7 1_555 -0.976 0.484  3.318 -3.522  -5.122  41.199 1.231  0.994  3.306 -7.230  
4.971   41.645 14 AA_DC117DA118:DT206DG207_DD A 117 ? D 207 ? A 118 ? D 206 ? 
1 A DA 18 1_555 D DT 7 1_555 A DT 19 1_555 D DA 6 1_555 0.489  -0.584 3.625 4.262   -6.986  28.831 0.516  0.059  3.695 -13.685 
-8.350  29.946 15 AA_DA118DT119:DA205DT206_DD A 118 ? D 206 ? A 119 ? D 205 ? 
1 A DT 19 1_555 D DA 6 1_555 A DC 20 1_555 D DG 5 1_555 0.098  -0.631 2.634 -3.095  -2.909  27.857 -0.743 -0.791 2.659 -5.998  
6.382   28.172 16 AA_DT119DC120:DG204DA205_DD A 119 ? D 205 ? A 120 ? D 204 ? 
1 A DC 20 1_555 D DG 5 1_555 A DA 21 1_555 D DT 4 1_555 -1.726 -1.016 3.381 11.891  22.228  48.301 -2.383 2.574  2.292 25.270  
-13.518 54.132 17 AA_DC120DA121:DT203DG204_DD A 120 ? D 204 ? A 121 ? D 203 ? 
# 
loop_
_pdbx_audit_support.funding_organization 
_pdbx_audit_support.country 
_pdbx_audit_support.grant_number 
_pdbx_audit_support.ordinal 
'National Science Foundation (NSF, United States)' 'United States' CTS1120890    1 
'National Science Foundation (NSF, United States)' 'United States' CCF-1117210   2 
'National Science Foundation (NSF, United States)' 'United States' EFRI-1332411  3 
'National Science Foundation (NSF, United States)' 'United States' CHE-1708776   4 
'Office of Naval Research (ONR)'                   'United States' N000141110729 5 
'Office of Naval Research (ONR)'                   'United States' N000140911118 6 
'Department of Energy (DOE, United States)'        'United States' DESC0007991   7 
# 
_pdbx_initial_refinement_model.id               1 
_pdbx_initial_refinement_model.entity_id_list   ? 
_pdbx_initial_refinement_model.type             'experimental model' 
_pdbx_initial_refinement_model.source_name      PDB 
_pdbx_initial_refinement_model.accession_code   7R96 
_pdbx_initial_refinement_model.details          ? 
# 
_pdbx_struct_assembly_auth_evidence.id                     1 
_pdbx_struct_assembly_auth_evidence.assembly_id            1 
_pdbx_struct_assembly_auth_evidence.experimental_support   'native gel electrophoresis' 
_pdbx_struct_assembly_auth_evidence.details                ? 
# 
_space_group.name_H-M_alt     'P 63' 
_space_group.name_Hall        'P 6c' 
_space_group.IT_number        173 
_space_group.crystal_system   hexagonal 
_space_group.id               1 
# 
